data_9VOR
#
_entry.id   9VOR
#
_cell.length_a   1.00
_cell.length_b   1.00
_cell.length_c   1.00
_cell.angle_alpha   90.00
_cell.angle_beta   90.00
_cell.angle_gamma   90.00
#
_symmetry.space_group_name_H-M   'P 1'
#
loop_
_entity.id
_entity.type
_entity.pdbx_description
1 polymer 'Metabotropic glycine receptor'
2 polymer Nb20
3 non-polymer CHOLESTEROL
4 non-polymer 1,2-dioleoyl-sn-glycero-3-phosphoethanolamine
5 non-polymer 1-palmitoyl-2-oleoyl-sn-glycero-3-phosphoinositol
#
loop_
_entity_poly.entity_id
_entity_poly.type
_entity_poly.pdbx_seq_one_letter_code
_entity_poly.pdbx_strand_id
1 'polypeptide(L)'
;MGAMAYPLLLCLLLAQLGLGAVGASRDPQGRPDSPRERTPKGKPHAQQPGRASASDSSAPWSRSTDGTILAQKLAEEVPM
DVASYLYTGDSHQLKRANCSGRYELAGLPGKWPALASAHPSLHRALDTLTHATNFLNVMLQSNKSREQNLQDDLDWYQAL
VWSLLEGEPSISRAAITFSTDSLSAPAPQVFLQATREESRILLQDLSSSAPHLANATLETEWFHGLRRKWRPHLHRRGPN
QGPRGLGHSWRRKDGLGGDKSHFKWSPPYLECENGSYKPGWLVTLSSAIYGLQPNLVPEFRGVMKVDINLQKVDIDQCSS
DGWFSGTHKCHLNNSECMPIKGLGFVLGAYECICKAGFYHPGVLPVNNFRRRGPDQHISGSTKDVSEEAYVCLPCREGCP
FCADDSPCFVQEDKYLRLAIISFQALCMLLDFVSMLVVYHFRKAKSIRASGLILLETILFGSLLLYFPVVILYFEPSTFR
CILLRWARLLGFATVYGTVTLKLHRVLKVFLSRTAQRIPYMTGGRVMRMLAVILLVVFWFLIGWTSSVCQNLEKQISLIG
QGKTSDHLIFNMCLIDRWDYMTAVAEFLFLLWGVYLCYAVRTVPSAFHEPRYMAVAVHNELIISAIFHTIRFVLASRLQS
DWMLMLYFAHTHLTVTVTIGLLLIPKFSHSSNNPRDDIATEAYEDELDMGRSGSYLNSSINSAWSEHSLDPEDIRDELKK
LYAQLEIYKRKKMITNNPHLQKKRCSKKGLGRSIMRRITEIPETVSRQCSKEDKELEVLFQ
;
A,B
2 'polypeptide(L)'
;MGSSHHHHHHHHLEVLFQGPAEVQLQESGGGLVQAGGSLRLSCAASGSIGNIYIMGWYRQTPGPQRELVATIRTVRWTKY
EDYADSVKGRFTISDDDAKNTVYLQMNSLKPEDTAVYYCNYKDYNAPSDGYWGQGTQVTVSSEPKTPKPQ
;
C,E
#
# COMPACT_ATOMS: atom_id res chain seq x y z
N ASP A 66 -3.31 1.90 -31.05
CA ASP A 66 -4.22 2.05 -32.18
C ASP A 66 -5.66 1.69 -31.77
N GLY A 67 -5.80 1.12 -30.58
CA GLY A 67 -7.11 0.73 -30.11
C GLY A 67 -8.07 1.90 -29.98
N THR A 68 -7.55 3.07 -29.64
CA THR A 68 -8.42 4.22 -29.41
C THR A 68 -9.16 4.63 -30.67
N ILE A 69 -8.43 4.81 -31.78
CA ILE A 69 -9.03 5.33 -33.01
C ILE A 69 -10.01 4.35 -33.65
N LEU A 70 -10.01 3.10 -33.22
CA LEU A 70 -10.86 2.11 -33.86
C LEU A 70 -12.33 2.50 -33.74
N ALA A 71 -12.75 2.93 -32.55
CA ALA A 71 -14.14 3.33 -32.37
C ALA A 71 -14.49 4.49 -33.28
N GLN A 72 -13.62 5.50 -33.33
CA GLN A 72 -13.92 6.67 -34.15
C GLN A 72 -14.05 6.30 -35.61
N LYS A 73 -13.15 5.46 -36.12
CA LYS A 73 -13.26 5.09 -37.52
C LYS A 73 -14.40 4.11 -37.79
N LEU A 74 -14.82 3.37 -36.77
CA LEU A 74 -15.90 2.40 -36.92
C LEU A 74 -17.27 3.02 -36.69
N ALA A 75 -17.34 4.29 -36.30
CA ALA A 75 -18.64 4.92 -36.10
C ALA A 75 -19.33 5.19 -37.44
N GLU A 76 -18.54 5.35 -38.51
CA GLU A 76 -19.09 5.75 -39.80
C GLU A 76 -19.47 4.57 -40.69
N GLU A 77 -19.37 3.34 -40.19
CA GLU A 77 -19.99 2.19 -40.82
C GLU A 77 -21.31 1.80 -40.16
N VAL A 78 -21.75 2.55 -39.15
CA VAL A 78 -22.97 2.22 -38.41
C VAL A 78 -23.78 3.48 -38.17
N PRO A 79 -24.61 3.91 -39.13
CA PRO A 79 -25.37 5.14 -38.94
C PRO A 79 -26.35 5.05 -37.78
N MET A 80 -26.54 6.18 -37.11
CA MET A 80 -27.57 6.41 -36.11
C MET A 80 -27.23 5.68 -34.80
N ASP A 81 -26.17 4.87 -34.82
CA ASP A 81 -25.80 4.11 -33.63
C ASP A 81 -25.03 4.95 -32.62
N VAL A 82 -24.20 5.89 -33.09
CA VAL A 82 -23.42 6.70 -32.16
C VAL A 82 -24.35 7.37 -31.17
N ALA A 83 -25.44 7.95 -31.66
CA ALA A 83 -26.43 8.55 -30.80
C ALA A 83 -27.00 7.54 -29.80
N SER A 84 -27.09 6.27 -30.19
CA SER A 84 -27.60 5.28 -29.26
C SER A 84 -26.59 4.98 -28.14
N TYR A 85 -25.30 4.79 -28.46
CA TYR A 85 -24.36 4.57 -27.35
C TYR A 85 -24.32 5.78 -26.43
N LEU A 86 -24.09 6.96 -27.01
CA LEU A 86 -23.95 8.14 -26.18
C LEU A 86 -25.29 8.66 -25.66
N TYR A 87 -26.40 8.11 -26.19
CA TYR A 87 -27.75 8.40 -25.72
C TYR A 87 -28.58 7.14 -25.97
N THR A 88 -28.69 6.30 -24.95
CA THR A 88 -29.39 5.03 -25.09
C THR A 88 -30.87 5.19 -25.44
N GLY A 89 -31.51 6.25 -24.98
CA GLY A 89 -32.95 6.37 -25.10
C GLY A 89 -33.48 6.76 -26.46
N ASP A 90 -32.61 7.05 -27.43
CA ASP A 90 -33.06 7.52 -28.74
C ASP A 90 -33.99 6.54 -29.43
N SER A 91 -33.95 5.26 -29.06
CA SER A 91 -34.74 4.26 -29.75
C SER A 91 -36.21 4.65 -29.83
N HIS A 92 -36.69 5.39 -28.83
CA HIS A 92 -38.12 5.70 -28.80
C HIS A 92 -38.55 6.51 -30.02
N GLN A 93 -37.68 7.36 -30.54
CA GLN A 93 -38.02 8.20 -31.68
C GLN A 93 -37.60 7.61 -33.01
N LEU A 94 -37.08 6.38 -33.03
CA LEU A 94 -36.53 5.80 -34.24
C LEU A 94 -37.60 5.04 -35.01
N LYS A 95 -37.71 5.32 -36.30
CA LYS A 95 -38.58 4.58 -37.19
C LYS A 95 -37.89 4.27 -38.51
N ARG A 96 -36.57 4.19 -38.52
CA ARG A 96 -35.75 4.02 -39.72
C ARG A 96 -34.81 2.84 -39.50
N ALA A 97 -33.80 2.73 -40.37
CA ALA A 97 -32.77 1.72 -40.17
C ALA A 97 -33.35 0.31 -40.25
N ASN A 98 -33.72 -0.12 -41.45
CA ASN A 98 -34.39 -1.40 -41.66
C ASN A 98 -33.91 -2.45 -40.66
N CYS A 99 -32.60 -2.67 -40.60
CA CYS A 99 -32.01 -3.47 -39.54
C CYS A 99 -30.89 -2.69 -38.89
N SER A 100 -30.83 -2.74 -37.56
CA SER A 100 -29.85 -1.99 -36.80
C SER A 100 -28.49 -2.71 -36.87
N GLY A 101 -27.58 -2.30 -35.99
CA GLY A 101 -26.28 -2.94 -35.93
C GLY A 101 -26.40 -4.45 -35.75
N ARG A 102 -25.72 -5.19 -36.63
CA ARG A 102 -25.75 -6.65 -36.61
C ARG A 102 -24.47 -7.28 -36.10
N TYR A 103 -23.34 -6.57 -36.15
CA TYR A 103 -22.07 -7.13 -35.71
C TYR A 103 -21.12 -5.98 -35.47
N GLU A 104 -20.50 -5.96 -34.29
CA GLU A 104 -19.56 -4.93 -33.91
C GLU A 104 -18.22 -5.57 -33.58
N LEU A 105 -17.14 -4.90 -33.97
CA LEU A 105 -15.80 -5.46 -33.86
C LEU A 105 -15.30 -5.30 -32.42
N ALA A 106 -15.13 -6.44 -31.74
CA ALA A 106 -14.63 -6.46 -30.37
C ALA A 106 -13.33 -7.24 -30.23
N GLY A 107 -12.64 -7.51 -31.34
CA GLY A 107 -11.51 -8.41 -31.32
C GLY A 107 -10.21 -7.84 -30.80
N LEU A 108 -10.12 -6.52 -30.65
CA LEU A 108 -8.86 -5.92 -30.20
C LEU A 108 -8.34 -6.58 -28.92
N PRO A 109 -9.15 -6.76 -27.87
CA PRO A 109 -8.68 -7.54 -26.73
C PRO A 109 -8.75 -9.05 -26.96
N GLY A 110 -9.61 -9.51 -27.84
CA GLY A 110 -9.78 -10.93 -28.08
C GLY A 110 -11.16 -11.22 -28.61
N LYS A 111 -11.38 -12.51 -28.90
CA LYS A 111 -12.66 -12.92 -29.48
C LYS A 111 -13.81 -12.63 -28.53
N TRP A 112 -13.61 -12.86 -27.24
CA TRP A 112 -14.58 -12.49 -26.21
C TRP A 112 -13.86 -12.50 -24.86
N PRO A 113 -14.14 -11.54 -23.98
CA PRO A 113 -13.41 -11.51 -22.70
C PRO A 113 -13.75 -12.68 -21.81
N ALA A 114 -12.80 -13.59 -21.60
CA ALA A 114 -12.97 -14.60 -20.58
C ALA A 114 -12.80 -13.97 -19.21
N LEU A 115 -13.45 -14.58 -18.21
CA LEU A 115 -13.49 -14.02 -16.85
C LEU A 115 -13.67 -12.51 -16.88
N ALA A 116 -14.54 -12.04 -17.75
CA ALA A 116 -14.72 -10.61 -17.96
C ALA A 116 -15.15 -9.93 -16.66
N SER A 117 -15.28 -8.61 -16.74
CA SER A 117 -15.79 -7.83 -15.62
C SER A 117 -17.31 -7.72 -15.71
N ALA A 118 -17.94 -8.66 -16.40
CA ALA A 118 -19.39 -8.69 -16.55
C ALA A 118 -20.08 -9.20 -15.29
N HIS A 119 -19.41 -9.13 -14.14
CA HIS A 119 -19.97 -9.57 -12.88
C HIS A 119 -20.03 -11.10 -12.88
N PRO A 120 -20.07 -11.73 -11.71
CA PRO A 120 -20.29 -13.19 -11.70
C PRO A 120 -21.54 -13.60 -12.44
N SER A 121 -22.52 -12.70 -12.57
CA SER A 121 -23.76 -12.98 -13.27
C SER A 121 -23.54 -13.84 -14.52
N LEU A 122 -22.65 -13.41 -15.40
CA LEU A 122 -22.42 -14.15 -16.64
C LEU A 122 -21.80 -15.51 -16.38
N HIS A 123 -20.85 -15.57 -15.43
CA HIS A 123 -20.27 -16.85 -15.06
C HIS A 123 -21.35 -17.83 -14.63
N ARG A 124 -22.20 -17.40 -13.70
CA ARG A 124 -23.25 -18.27 -13.19
C ARG A 124 -24.27 -18.59 -14.27
N ALA A 125 -24.50 -17.68 -15.22
CA ALA A 125 -25.40 -17.98 -16.32
C ALA A 125 -24.84 -19.11 -17.18
N LEU A 126 -23.59 -18.99 -17.63
CA LEU A 126 -23.01 -20.07 -18.41
C LEU A 126 -22.92 -21.34 -17.58
N ASP A 127 -22.78 -21.22 -16.26
CA ASP A 127 -22.77 -22.42 -15.42
C ASP A 127 -24.13 -23.11 -15.42
N THR A 128 -25.22 -22.35 -15.30
CA THR A 128 -26.52 -22.96 -15.38
C THR A 128 -26.72 -23.61 -16.74
N LEU A 129 -26.23 -22.97 -17.80
CA LEU A 129 -26.34 -23.57 -19.12
C LEU A 129 -25.56 -24.87 -19.20
N THR A 130 -24.36 -24.91 -18.61
CA THR A 130 -23.58 -26.15 -18.62
C THR A 130 -24.30 -27.24 -17.85
N HIS A 131 -24.89 -26.91 -16.70
CA HIS A 131 -25.68 -27.92 -15.97
C HIS A 131 -26.82 -28.43 -16.83
N ALA A 132 -27.50 -27.53 -17.54
CA ALA A 132 -28.62 -27.95 -18.37
C ALA A 132 -28.17 -28.89 -19.48
N THR A 133 -27.12 -28.51 -20.21
CA THR A 133 -26.62 -29.35 -21.28
C THR A 133 -26.15 -30.69 -20.74
N ASN A 134 -25.57 -30.71 -19.54
CA ASN A 134 -25.24 -31.98 -18.92
C ASN A 134 -26.50 -32.81 -18.68
N PHE A 135 -27.59 -32.15 -18.26
CA PHE A 135 -28.85 -32.86 -18.14
C PHE A 135 -29.26 -33.47 -19.47
N LEU A 136 -29.36 -32.66 -20.53
CA LEU A 136 -29.70 -33.25 -21.82
C LEU A 136 -28.70 -34.29 -22.28
N ASN A 137 -27.49 -34.30 -21.73
CA ASN A 137 -26.53 -35.35 -22.06
C ASN A 137 -26.75 -36.58 -21.18
N VAL A 138 -27.97 -37.12 -21.20
CA VAL A 138 -28.27 -38.33 -20.45
C VAL A 138 -29.06 -39.30 -21.32
N MET A 139 -30.21 -38.87 -21.83
CA MET A 139 -31.11 -39.75 -22.55
C MET A 139 -30.69 -39.98 -24.00
N LEU A 140 -29.67 -39.26 -24.48
CA LEU A 140 -29.10 -39.59 -25.77
C LEU A 140 -28.65 -41.04 -25.81
N GLN A 141 -28.26 -41.58 -24.65
CA GLN A 141 -27.78 -42.94 -24.56
C GLN A 141 -28.60 -43.81 -23.62
N SER A 142 -29.62 -43.25 -22.97
CA SER A 142 -30.43 -44.04 -22.05
C SER A 142 -31.06 -45.22 -22.77
N ASN A 143 -31.05 -46.38 -22.12
CA ASN A 143 -31.61 -47.59 -22.71
C ASN A 143 -33.12 -47.44 -22.83
N LYS A 144 -33.65 -47.87 -23.97
CA LYS A 144 -35.08 -47.81 -24.26
C LYS A 144 -35.62 -46.38 -24.23
N SER A 145 -34.73 -45.38 -24.23
CA SER A 145 -35.14 -43.98 -24.13
C SER A 145 -35.31 -43.36 -25.51
N ARG A 146 -36.09 -44.02 -26.35
CA ARG A 146 -36.48 -43.49 -27.65
C ARG A 146 -37.91 -42.94 -27.63
N GLU A 147 -38.87 -43.76 -27.19
CA GLU A 147 -40.25 -43.34 -27.06
C GLU A 147 -40.76 -42.76 -28.38
N GLN A 148 -41.92 -42.11 -28.34
CA GLN A 148 -42.52 -41.52 -29.53
C GLN A 148 -43.05 -40.12 -29.22
N ASN A 149 -42.29 -39.34 -28.45
CA ASN A 149 -42.64 -37.96 -28.14
C ASN A 149 -44.01 -37.89 -27.46
N LEU A 150 -44.15 -38.67 -26.39
CA LEU A 150 -45.40 -38.70 -25.65
C LEU A 150 -45.65 -37.35 -24.99
N GLN A 151 -46.89 -37.16 -24.52
CA GLN A 151 -47.27 -35.89 -23.92
C GLN A 151 -46.46 -35.61 -22.66
N ASP A 152 -46.21 -36.65 -21.85
CA ASP A 152 -45.39 -36.47 -20.66
C ASP A 152 -43.99 -36.03 -21.03
N ASP A 153 -43.40 -36.64 -22.05
CA ASP A 153 -42.08 -36.23 -22.51
C ASP A 153 -42.11 -34.78 -22.99
N LEU A 154 -43.18 -34.39 -23.67
CA LEU A 154 -43.31 -33.00 -24.12
C LEU A 154 -43.36 -32.05 -22.94
N ASP A 155 -44.08 -32.42 -21.88
CA ASP A 155 -44.13 -31.58 -20.69
C ASP A 155 -42.74 -31.47 -20.06
N TRP A 156 -42.04 -32.59 -19.93
CA TRP A 156 -40.68 -32.53 -19.39
C TRP A 156 -39.81 -31.60 -20.24
N TYR A 157 -39.92 -31.72 -21.56
CA TYR A 157 -39.09 -30.90 -22.44
C TYR A 157 -39.42 -29.42 -22.30
N GLN A 158 -40.70 -29.06 -22.31
CA GLN A 158 -41.06 -27.67 -22.18
C GLN A 158 -40.71 -27.13 -20.80
N ALA A 159 -40.57 -28.00 -19.80
CA ALA A 159 -40.23 -27.51 -18.47
C ALA A 159 -38.72 -27.36 -18.28
N LEU A 160 -37.91 -28.21 -18.92
CA LEU A 160 -36.53 -28.35 -18.48
C LEU A 160 -35.73 -27.06 -18.70
N VAL A 161 -36.03 -26.30 -19.75
CA VAL A 161 -35.37 -25.01 -19.98
C VAL A 161 -36.15 -23.85 -19.41
N TRP A 162 -37.47 -23.94 -19.37
CA TRP A 162 -38.27 -22.88 -18.77
C TRP A 162 -37.86 -22.69 -17.31
N SER A 163 -37.50 -23.78 -16.63
CA SER A 163 -36.94 -23.65 -15.30
C SER A 163 -35.67 -22.81 -15.29
N LEU A 164 -34.84 -22.95 -16.32
CA LEU A 164 -33.59 -22.20 -16.39
C LEU A 164 -33.82 -20.70 -16.30
N LEU A 165 -35.00 -20.22 -16.70
CA LEU A 165 -35.24 -18.79 -16.72
C LEU A 165 -35.19 -18.21 -15.31
N GLU A 166 -35.96 -18.79 -14.38
CA GLU A 166 -36.09 -18.19 -13.06
C GLU A 166 -34.83 -18.36 -12.22
N GLY A 167 -33.87 -19.18 -12.65
CA GLY A 167 -32.65 -19.38 -11.89
C GLY A 167 -31.61 -18.31 -12.07
N GLU A 168 -31.89 -17.31 -12.88
CA GLU A 168 -30.97 -16.21 -13.15
C GLU A 168 -31.77 -14.96 -13.46
N PRO A 169 -31.58 -13.86 -12.73
CA PRO A 169 -32.37 -12.65 -13.03
C PRO A 169 -32.03 -11.99 -14.35
N SER A 170 -31.10 -12.56 -15.13
CA SER A 170 -30.58 -11.90 -16.32
C SER A 170 -30.56 -12.83 -17.52
N ILE A 171 -31.57 -13.65 -17.70
CA ILE A 171 -31.71 -14.48 -18.88
C ILE A 171 -33.01 -14.11 -19.57
N SER A 172 -32.91 -13.68 -20.81
CA SER A 172 -34.05 -13.36 -21.64
C SER A 172 -34.65 -14.65 -22.20
N ARG A 173 -35.49 -14.54 -23.22
CA ARG A 173 -36.09 -15.69 -23.87
C ARG A 173 -35.05 -16.79 -24.08
N ALA A 174 -35.49 -18.04 -23.93
CA ALA A 174 -34.69 -19.22 -24.22
C ALA A 174 -35.47 -20.15 -25.15
N ALA A 175 -34.84 -21.24 -25.56
CA ALA A 175 -35.48 -22.17 -26.48
C ALA A 175 -34.75 -23.50 -26.51
N ILE A 176 -35.40 -24.49 -27.11
CA ILE A 176 -34.81 -25.80 -27.36
C ILE A 176 -35.19 -26.23 -28.77
N THR A 177 -34.20 -26.67 -29.56
CA THR A 177 -34.46 -27.04 -30.95
C THR A 177 -35.07 -28.43 -31.03
N PHE A 178 -34.31 -29.45 -30.60
CA PHE A 178 -34.76 -30.84 -30.59
C PHE A 178 -35.41 -31.20 -31.93
N SER A 179 -34.58 -31.20 -32.96
CA SER A 179 -35.01 -31.62 -34.30
C SER A 179 -35.37 -33.10 -34.24
N THR A 180 -36.66 -33.39 -34.11
CA THR A 180 -37.14 -34.77 -33.99
C THR A 180 -36.41 -35.50 -32.88
N ALA A 187 -40.90 -32.42 -37.52
CA ALA A 187 -41.22 -32.19 -36.12
C ALA A 187 -40.14 -31.37 -35.43
N PRO A 188 -40.06 -30.08 -35.79
CA PRO A 188 -39.03 -29.23 -35.18
C PRO A 188 -39.19 -29.17 -33.67
N GLN A 189 -40.44 -28.98 -33.22
CA GLN A 189 -40.79 -29.04 -31.81
C GLN A 189 -40.14 -27.91 -30.99
N VAL A 190 -39.54 -26.93 -31.66
CA VAL A 190 -38.84 -25.86 -30.96
C VAL A 190 -39.82 -25.08 -30.11
N PHE A 191 -39.33 -24.55 -28.98
CA PHE A 191 -40.13 -23.73 -28.07
C PHE A 191 -39.40 -22.42 -27.79
N LEU A 192 -40.14 -21.33 -27.75
CA LEU A 192 -39.59 -20.02 -27.39
C LEU A 192 -40.44 -19.38 -26.31
N GLN A 193 -39.80 -18.58 -25.46
CA GLN A 193 -40.44 -18.00 -24.29
C GLN A 193 -40.45 -16.48 -24.39
N ALA A 194 -41.27 -15.87 -23.55
CA ALA A 194 -41.42 -14.42 -23.51
C ALA A 194 -40.41 -13.84 -22.52
N THR A 195 -40.59 -12.56 -22.17
CA THR A 195 -39.57 -11.81 -21.44
C THR A 195 -39.52 -12.28 -19.98
N ARG A 196 -38.69 -11.60 -19.19
CA ARG A 196 -38.51 -11.95 -17.79
C ARG A 196 -39.80 -11.85 -17.00
N GLU A 197 -39.98 -12.79 -16.09
CA GLU A 197 -40.99 -12.72 -15.04
C GLU A 197 -42.39 -12.94 -15.61
N GLU A 198 -42.50 -13.03 -16.94
CA GLU A 198 -43.75 -13.42 -17.59
C GLU A 198 -43.36 -14.12 -18.88
N SER A 199 -43.32 -15.45 -18.85
CA SER A 199 -42.87 -16.24 -19.99
C SER A 199 -43.86 -17.36 -20.25
N ARG A 200 -44.23 -17.51 -21.52
CA ARG A 200 -45.11 -18.57 -21.95
C ARG A 200 -44.52 -19.23 -23.18
N ILE A 201 -44.43 -20.57 -23.16
CA ILE A 201 -43.81 -21.30 -24.25
C ILE A 201 -44.65 -21.14 -25.51
N LEU A 202 -43.98 -21.22 -26.65
CA LEU A 202 -44.62 -21.20 -27.96
C LEU A 202 -43.92 -22.19 -28.87
N LEU A 203 -44.71 -23.00 -29.55
CA LEU A 203 -44.23 -24.03 -30.47
C LEU A 203 -44.55 -23.60 -31.90
N GLN A 204 -43.55 -23.69 -32.78
CA GLN A 204 -43.72 -23.35 -34.19
C GLN A 204 -43.19 -24.49 -35.05
N ASP A 205 -43.99 -24.89 -36.03
CA ASP A 205 -43.61 -25.96 -36.94
C ASP A 205 -42.56 -25.49 -37.92
N ASP A 259 -18.51 -31.73 -35.05
CA ASP A 259 -18.27 -30.46 -35.73
C ASP A 259 -17.75 -29.42 -34.75
N LYS A 260 -18.65 -28.70 -34.09
CA LYS A 260 -18.31 -27.68 -33.12
C LYS A 260 -19.00 -27.97 -31.80
N SER A 261 -18.31 -27.63 -30.71
CA SER A 261 -18.81 -27.91 -29.37
C SER A 261 -18.30 -26.83 -28.42
N HIS A 262 -18.33 -27.12 -27.12
CA HIS A 262 -17.76 -26.27 -26.07
C HIS A 262 -18.22 -24.82 -26.22
N PHE A 263 -19.53 -24.63 -26.06
CA PHE A 263 -20.14 -23.33 -25.78
C PHE A 263 -19.57 -22.20 -26.64
N LYS A 264 -19.77 -22.26 -27.95
CA LYS A 264 -19.35 -21.16 -28.81
C LYS A 264 -20.25 -19.95 -28.58
N TRP A 265 -19.64 -18.77 -28.52
CA TRP A 265 -20.34 -17.52 -28.27
C TRP A 265 -20.71 -16.86 -29.59
N SER A 266 -21.17 -15.62 -29.51
CA SER A 266 -21.59 -14.89 -30.69
C SER A 266 -21.56 -13.40 -30.42
N PRO A 267 -21.56 -12.58 -31.47
CA PRO A 267 -21.57 -11.12 -31.27
C PRO A 267 -22.90 -10.64 -30.70
N PRO A 268 -22.96 -9.40 -30.21
CA PRO A 268 -24.23 -8.87 -29.72
C PRO A 268 -25.29 -8.87 -30.82
N TYR A 269 -26.53 -9.13 -30.42
CA TYR A 269 -27.64 -9.28 -31.36
C TYR A 269 -28.65 -8.17 -31.15
N LEU A 270 -29.22 -7.71 -32.27
CA LEU A 270 -30.22 -6.64 -32.28
C LEU A 270 -31.48 -7.15 -32.98
N GLU A 271 -32.63 -6.98 -32.34
CA GLU A 271 -33.89 -7.35 -32.97
C GLU A 271 -34.16 -6.38 -34.13
N CYS A 272 -33.96 -6.84 -35.36
CA CYS A 272 -34.09 -5.96 -36.51
C CYS A 272 -35.52 -5.46 -36.64
N GLU A 273 -36.47 -6.36 -36.93
CA GLU A 273 -37.85 -5.98 -37.22
C GLU A 273 -37.88 -4.73 -38.09
N ASN A 274 -38.30 -3.59 -37.51
CA ASN A 274 -38.38 -2.32 -38.22
C ASN A 274 -37.88 -1.20 -37.31
N GLY A 275 -36.86 -1.51 -36.53
CA GLY A 275 -36.32 -0.58 -35.55
C GLY A 275 -35.37 -1.28 -34.61
N SER A 276 -35.10 -0.61 -33.48
CA SER A 276 -34.16 -1.14 -32.50
C SER A 276 -34.85 -1.38 -31.16
N TYR A 277 -35.80 -0.52 -30.81
CA TYR A 277 -36.56 -0.64 -29.57
C TYR A 277 -35.67 -0.59 -28.33
N LYS A 278 -36.31 -0.48 -27.17
CA LYS A 278 -35.58 -0.33 -25.92
C LYS A 278 -34.66 -1.50 -25.62
N PRO A 279 -35.08 -2.76 -25.77
CA PRO A 279 -34.21 -3.87 -25.37
C PRO A 279 -32.84 -3.82 -26.00
N GLY A 280 -32.75 -3.44 -27.27
CA GLY A 280 -31.46 -3.25 -27.91
C GLY A 280 -30.58 -4.48 -27.86
N TRP A 281 -29.49 -4.40 -27.09
CA TRP A 281 -28.42 -5.39 -27.15
C TRP A 281 -28.68 -6.56 -26.19
N LEU A 282 -28.64 -7.77 -26.73
CA LEU A 282 -28.63 -8.98 -25.95
C LEU A 282 -27.68 -9.97 -26.61
N VAL A 283 -26.91 -10.68 -25.80
CA VAL A 283 -25.94 -11.65 -26.29
C VAL A 283 -26.64 -12.99 -26.47
N THR A 284 -26.40 -13.63 -27.61
CA THR A 284 -27.01 -14.93 -27.92
C THR A 284 -26.00 -16.04 -27.69
N LEU A 285 -25.92 -16.47 -26.43
CA LEU A 285 -25.08 -17.60 -26.09
C LEU A 285 -25.79 -18.91 -26.43
N SER A 286 -25.01 -19.93 -26.78
CA SER A 286 -25.57 -21.23 -27.09
C SER A 286 -24.48 -22.27 -27.00
N SER A 287 -24.89 -23.53 -27.16
CA SER A 287 -23.97 -24.67 -27.17
C SER A 287 -24.59 -25.72 -28.09
N ALA A 288 -24.10 -26.96 -28.00
CA ALA A 288 -24.56 -28.03 -28.86
C ALA A 288 -25.00 -29.21 -28.00
N ILE A 289 -25.83 -30.06 -28.58
CA ILE A 289 -26.28 -31.30 -27.95
C ILE A 289 -25.86 -32.46 -28.83
N TYR A 290 -25.02 -33.33 -28.29
CA TYR A 290 -24.56 -34.52 -29.00
C TYR A 290 -25.55 -35.66 -28.79
N GLY A 291 -25.51 -36.64 -29.69
CA GLY A 291 -26.41 -37.76 -29.61
C GLY A 291 -25.75 -39.03 -30.12
N LEU A 292 -26.44 -40.14 -29.92
CA LEU A 292 -25.97 -41.44 -30.36
C LEU A 292 -26.86 -42.01 -31.47
N PRO A 298 -24.98 -39.45 -34.09
CA PRO A 298 -24.21 -38.48 -34.88
C PRO A 298 -24.56 -37.05 -34.51
N GLU A 299 -24.31 -36.69 -33.27
CA GLU A 299 -24.79 -35.39 -32.76
C GLU A 299 -26.33 -35.42 -32.88
N PHE A 300 -26.95 -34.24 -32.96
CA PHE A 300 -28.38 -34.17 -33.16
C PHE A 300 -28.80 -33.10 -34.15
N ARG A 301 -27.86 -32.35 -34.73
CA ARG A 301 -28.20 -31.22 -35.59
C ARG A 301 -29.13 -30.26 -34.84
N GLY A 302 -28.89 -30.13 -33.54
CA GLY A 302 -29.72 -29.28 -32.71
C GLY A 302 -28.90 -28.65 -31.60
N VAL A 303 -29.42 -27.53 -31.08
CA VAL A 303 -28.75 -26.73 -30.07
C VAL A 303 -29.78 -26.16 -29.12
N MET A 304 -29.28 -25.40 -28.14
CA MET A 304 -30.09 -24.71 -27.15
C MET A 304 -29.69 -23.24 -27.09
N LYS A 305 -30.69 -22.38 -26.98
CA LYS A 305 -30.49 -20.94 -27.12
C LYS A 305 -30.72 -20.26 -25.77
N VAL A 306 -29.76 -19.44 -25.35
CA VAL A 306 -29.87 -18.65 -24.13
C VAL A 306 -29.48 -17.22 -24.48
N ASP A 307 -30.29 -16.25 -24.02
CA ASP A 307 -30.07 -14.85 -24.33
C ASP A 307 -29.79 -14.10 -23.04
N ILE A 308 -28.83 -13.17 -23.10
CA ILE A 308 -28.35 -12.46 -21.93
C ILE A 308 -28.54 -10.97 -22.16
N ASN A 309 -29.22 -10.31 -21.22
CA ASN A 309 -29.47 -8.87 -21.29
C ASN A 309 -28.29 -8.14 -20.66
N LEU A 310 -27.73 -7.18 -21.40
CA LEU A 310 -26.54 -6.46 -20.94
C LEU A 310 -26.80 -4.98 -20.67
N GLN A 311 -28.05 -4.53 -20.76
CA GLN A 311 -28.31 -3.11 -20.51
C GLN A 311 -27.90 -2.73 -19.09
N LYS A 312 -28.07 -3.63 -18.12
CA LYS A 312 -27.79 -3.34 -16.73
C LYS A 312 -26.30 -3.41 -16.39
N VAL A 313 -25.46 -3.83 -17.33
CA VAL A 313 -24.02 -3.88 -17.09
C VAL A 313 -23.37 -2.76 -17.87
N ASP A 314 -22.18 -2.34 -17.43
CA ASP A 314 -21.47 -1.24 -18.04
C ASP A 314 -20.14 -1.73 -18.58
N ILE A 315 -19.41 -0.82 -19.21
CA ILE A 315 -18.12 -1.12 -19.82
C ILE A 315 -17.08 -1.11 -18.71
N ASP A 316 -15.87 -1.59 -19.00
CA ASP A 316 -14.84 -1.84 -17.98
C ASP A 316 -14.13 -0.54 -17.58
N GLN A 317 -14.94 0.45 -17.21
CA GLN A 317 -14.42 1.76 -16.81
C GLN A 317 -13.63 2.38 -17.95
N CYS A 318 -13.76 1.82 -19.15
CA CYS A 318 -13.13 2.27 -20.39
C CYS A 318 -11.62 2.39 -20.28
N SER A 319 -10.99 1.83 -19.25
CA SER A 319 -9.54 1.84 -19.14
C SER A 319 -8.93 0.53 -18.64
N SER A 320 -9.72 -0.39 -18.09
CA SER A 320 -9.20 -1.66 -17.59
C SER A 320 -8.95 -2.60 -18.77
N ASP A 321 -8.77 -3.89 -18.51
CA ASP A 321 -8.39 -4.83 -19.57
C ASP A 321 -9.31 -6.06 -19.55
N GLY A 322 -10.63 -5.84 -19.55
CA GLY A 322 -11.55 -6.95 -19.46
C GLY A 322 -12.79 -6.90 -20.33
N TRP A 323 -12.85 -6.00 -21.32
CA TRP A 323 -14.05 -5.85 -22.11
C TRP A 323 -13.76 -4.99 -23.34
N PHE A 324 -14.82 -4.64 -24.06
CA PHE A 324 -14.72 -3.98 -25.37
C PHE A 324 -13.60 -2.95 -25.44
N SER A 325 -13.51 -2.08 -24.44
CA SER A 325 -12.63 -0.92 -24.49
C SER A 325 -11.44 -1.08 -23.54
N GLY A 326 -10.88 -2.29 -23.49
CA GLY A 326 -9.79 -2.55 -22.58
C GLY A 326 -8.58 -1.68 -22.81
N THR A 327 -8.37 -0.70 -21.94
CA THR A 327 -7.21 0.19 -22.02
C THR A 327 -7.13 0.85 -23.40
N HIS A 328 -8.30 1.08 -23.99
CA HIS A 328 -8.40 1.73 -25.29
C HIS A 328 -9.57 2.68 -25.23
N LYS A 329 -9.95 3.20 -26.39
CA LYS A 329 -11.08 4.11 -26.50
C LYS A 329 -10.95 5.23 -25.48
N CYS A 330 -9.76 5.83 -25.43
CA CYS A 330 -9.50 6.96 -24.55
C CYS A 330 -9.01 8.13 -25.37
N HIS A 331 -9.72 8.42 -26.46
CA HIS A 331 -9.28 9.41 -27.43
C HIS A 331 -8.78 10.67 -26.74
N LEU A 332 -7.55 11.06 -27.06
CA LEU A 332 -6.97 12.30 -26.57
C LEU A 332 -6.86 12.31 -25.04
N ASN A 333 -6.48 11.18 -24.47
CA ASN A 333 -6.23 11.07 -23.05
C ASN A 333 -5.04 10.14 -22.83
N ASN A 334 -4.56 10.08 -21.60
CA ASN A 334 -3.41 9.24 -21.26
C ASN A 334 -2.22 9.59 -22.15
N SER A 335 -1.97 8.80 -23.19
CA SER A 335 -0.82 9.06 -24.04
C SER A 335 -0.80 10.51 -24.53
N GLU A 336 -1.92 11.00 -25.03
CA GLU A 336 -1.99 12.39 -25.45
C GLU A 336 -1.90 13.33 -24.25
N CYS A 337 -2.47 12.92 -23.10
CA CYS A 337 -2.50 13.75 -21.89
C CYS A 337 -2.09 12.90 -20.70
N MET A 338 -0.79 12.83 -20.44
CA MET A 338 -0.27 12.13 -19.28
C MET A 338 1.25 12.13 -19.30
N PRO A 339 1.89 11.73 -20.42
CA PRO A 339 3.36 11.79 -20.46
C PRO A 339 3.89 13.16 -20.09
N ILE A 340 3.47 14.19 -20.81
CA ILE A 340 3.84 15.56 -20.44
C ILE A 340 3.20 15.92 -19.10
N LYS A 341 1.91 15.60 -18.93
CA LYS A 341 1.19 15.90 -17.70
C LYS A 341 1.46 14.78 -16.69
N GLY A 342 2.60 14.89 -16.02
CA GLY A 342 2.97 13.91 -15.02
C GLY A 342 1.88 13.77 -13.97
N LEU A 343 1.52 12.53 -13.65
CA LEU A 343 0.42 12.25 -12.73
C LEU A 343 -0.85 12.93 -13.20
N GLY A 344 -1.11 12.85 -14.51
CA GLY A 344 -2.28 13.49 -15.07
C GLY A 344 -3.57 13.03 -14.41
N PHE A 345 -3.66 11.73 -14.12
CA PHE A 345 -4.84 11.16 -13.46
C PHE A 345 -6.10 11.50 -14.26
N VAL A 346 -6.14 10.99 -15.50
CA VAL A 346 -7.28 11.21 -16.36
C VAL A 346 -8.50 10.39 -15.98
N LEU A 347 -8.32 9.30 -15.23
CA LEU A 347 -9.44 8.43 -14.87
C LEU A 347 -10.01 8.76 -13.50
N GLY A 348 -9.19 8.66 -12.46
CA GLY A 348 -9.69 8.76 -11.10
C GLY A 348 -10.43 7.50 -10.72
N ALA A 349 -11.62 7.31 -11.29
CA ALA A 349 -12.40 6.10 -11.12
C ALA A 349 -12.89 5.50 -12.43
N TYR A 350 -13.06 6.30 -13.48
CA TYR A 350 -13.41 5.78 -14.79
C TYR A 350 -13.02 6.84 -15.81
N GLU A 351 -12.00 6.56 -16.61
CA GLU A 351 -11.50 7.51 -17.60
C GLU A 351 -12.20 7.31 -18.93
N CYS A 352 -12.38 8.39 -19.66
CA CYS A 352 -12.77 8.32 -21.07
C CYS A 352 -14.05 7.49 -21.24
N ILE A 353 -15.15 8.04 -20.74
CA ILE A 353 -16.46 7.41 -20.92
C ILE A 353 -16.51 6.99 -22.38
N CYS A 354 -16.75 5.69 -22.62
CA CYS A 354 -16.45 5.11 -23.92
C CYS A 354 -17.68 4.95 -24.80
N LYS A 355 -18.64 4.15 -24.36
CA LYS A 355 -19.84 3.90 -25.16
C LYS A 355 -21.13 4.19 -24.41
N ALA A 356 -21.19 3.92 -23.11
CA ALA A 356 -22.45 4.01 -22.40
C ALA A 356 -23.45 3.12 -23.13
N GLY A 357 -24.67 3.63 -23.35
CA GLY A 357 -25.66 2.87 -24.08
C GLY A 357 -26.37 1.83 -23.25
N PHE A 358 -25.63 1.13 -22.40
CA PHE A 358 -26.23 0.15 -21.50
C PHE A 358 -27.00 0.86 -20.38
N TYR A 359 -26.27 1.59 -19.55
CA TYR A 359 -26.82 2.38 -18.45
C TYR A 359 -25.70 3.26 -17.93
N HIS A 360 -25.93 3.91 -16.79
CA HIS A 360 -24.93 4.73 -16.12
C HIS A 360 -24.85 4.26 -14.67
N PRO A 361 -24.21 3.11 -14.41
CA PRO A 361 -24.21 2.56 -13.05
C PRO A 361 -23.30 3.31 -12.10
N GLY A 362 -23.16 2.78 -10.88
CA GLY A 362 -22.42 3.43 -9.84
C GLY A 362 -20.93 3.53 -10.06
N VAL A 363 -20.42 3.01 -11.18
CA VAL A 363 -19.01 3.15 -11.47
C VAL A 363 -18.60 4.61 -11.57
N LEU A 364 -19.56 5.50 -11.84
CA LEU A 364 -19.29 6.93 -11.95
C LEU A 364 -18.31 7.21 -13.08
N PRO A 365 -18.73 7.05 -14.35
CA PRO A 365 -17.83 7.35 -15.47
C PRO A 365 -17.47 8.83 -15.48
N VAL A 366 -16.19 9.12 -15.22
CA VAL A 366 -15.70 10.49 -15.05
C VAL A 366 -14.89 10.87 -16.28
N ASN A 367 -15.34 11.91 -16.98
CA ASN A 367 -14.66 12.41 -18.16
C ASN A 367 -13.84 13.65 -17.81
N ASN A 368 -12.75 13.84 -18.56
CA ASN A 368 -11.86 14.99 -18.36
C ASN A 368 -11.37 15.06 -16.92
N PHE A 369 -11.03 13.90 -16.36
CA PHE A 369 -10.60 13.83 -14.97
C PHE A 369 -9.13 14.15 -14.78
N ARG A 370 -8.40 14.45 -15.85
CA ARG A 370 -6.97 14.71 -15.73
C ARG A 370 -6.72 16.03 -15.03
N ARG A 371 -6.26 15.95 -13.78
CA ARG A 371 -5.93 17.12 -12.98
C ARG A 371 -4.46 17.48 -13.08
N ARG A 372 -3.57 16.50 -12.95
CA ARG A 372 -2.14 16.64 -13.22
C ARG A 372 -1.41 17.45 -12.16
N GLY A 373 -2.11 18.04 -11.19
CA GLY A 373 -1.47 18.87 -10.20
C GLY A 373 -0.75 20.03 -10.87
N PRO A 374 0.54 20.21 -10.60
CA PRO A 374 1.29 21.27 -11.28
C PRO A 374 1.75 20.94 -12.68
N ASP A 375 1.26 19.85 -13.27
CA ASP A 375 1.78 19.39 -14.55
C ASP A 375 1.43 20.37 -15.66
N GLN A 376 2.23 20.30 -16.74
CA GLN A 376 2.05 21.24 -17.84
C GLN A 376 0.65 21.20 -18.42
N HIS A 377 -0.05 20.08 -18.29
CA HIS A 377 -1.43 19.98 -18.74
C HIS A 377 -2.41 20.49 -17.68
N ILE A 378 -2.17 20.15 -16.42
CA ILE A 378 -2.98 20.64 -15.31
C ILE A 378 -4.46 20.35 -15.58
N SER A 379 -5.34 21.20 -15.03
CA SER A 379 -6.77 20.97 -15.19
C SER A 379 -7.20 21.03 -16.64
N GLY A 380 -6.74 22.04 -17.38
CA GLY A 380 -7.11 22.15 -18.77
C GLY A 380 -8.60 22.34 -18.99
N SER A 381 -9.29 23.01 -18.07
CA SER A 381 -10.69 23.36 -18.27
C SER A 381 -10.78 24.63 -19.12
N THR A 382 -10.30 24.51 -20.36
CA THR A 382 -10.14 25.65 -21.24
C THR A 382 -11.05 25.60 -22.46
N LYS A 383 -10.98 24.56 -23.28
CA LYS A 383 -11.76 24.49 -24.50
C LYS A 383 -11.88 23.05 -24.96
N ASP A 384 -12.75 22.83 -25.94
CA ASP A 384 -12.98 21.51 -26.52
C ASP A 384 -13.56 20.55 -25.49
N VAL A 385 -14.65 20.99 -24.86
CA VAL A 385 -15.30 20.23 -23.79
C VAL A 385 -16.22 19.18 -24.37
N SER A 386 -16.72 18.29 -23.52
CA SER A 386 -17.65 17.24 -23.91
C SER A 386 -16.97 16.13 -24.72
N GLU A 387 -17.71 15.51 -25.64
CA GLU A 387 -17.22 14.31 -26.31
C GLU A 387 -15.97 14.61 -27.12
N GLU A 388 -15.93 15.74 -27.81
CA GLU A 388 -14.75 16.16 -28.56
C GLU A 388 -13.73 16.72 -27.56
N ALA A 389 -13.02 15.81 -26.90
CA ALA A 389 -12.08 16.17 -25.85
C ALA A 389 -10.80 16.71 -26.46
N TYR A 390 -10.28 17.77 -25.87
CA TYR A 390 -9.04 18.40 -26.31
C TYR A 390 -8.60 19.37 -25.22
N VAL A 391 -7.64 20.23 -25.54
CA VAL A 391 -7.15 21.23 -24.60
C VAL A 391 -6.49 20.53 -23.41
N CYS A 392 -5.51 19.68 -23.70
CA CYS A 392 -4.77 19.03 -22.63
C CYS A 392 -3.83 20.00 -21.93
N LEU A 393 -3.22 20.90 -22.69
CA LEU A 393 -2.16 21.76 -22.17
C LEU A 393 -2.78 23.03 -21.61
N PRO A 394 -2.73 23.24 -20.29
CA PRO A 394 -3.22 24.52 -19.74
C PRO A 394 -2.98 24.63 -18.24
N CYS A 395 -3.05 25.84 -17.69
CA CYS A 395 -3.06 26.05 -16.25
C CYS A 395 -1.81 25.46 -15.59
N ARG A 396 -0.64 25.89 -16.09
CA ARG A 396 0.63 25.43 -15.52
C ARG A 396 1.67 26.51 -15.81
N GLU A 397 2.00 27.31 -14.78
CA GLU A 397 3.02 28.35 -14.90
C GLU A 397 3.70 28.51 -13.54
N GLY A 398 4.81 27.82 -13.36
CA GLY A 398 5.66 28.00 -12.20
C GLY A 398 5.19 27.31 -10.93
N CYS A 399 3.90 27.08 -10.78
CA CYS A 399 3.34 26.54 -9.55
C CYS A 399 2.03 25.85 -9.86
N PRO A 400 1.50 25.03 -8.93
CA PRO A 400 0.26 24.27 -9.22
C PRO A 400 -0.99 25.14 -9.16
N PHE A 401 -1.19 25.94 -10.20
CA PHE A 401 -2.30 26.88 -10.28
C PHE A 401 -2.87 26.86 -11.69
N CYS A 402 -3.86 27.72 -11.91
CA CYS A 402 -4.64 27.73 -13.13
C CYS A 402 -4.74 29.15 -13.69
N ALA A 403 -4.75 29.24 -15.02
CA ALA A 403 -5.10 30.47 -15.73
C ALA A 403 -4.10 31.59 -15.43
N ASP A 404 -2.83 31.33 -15.75
CA ASP A 404 -1.78 32.34 -15.95
C ASP A 404 -0.68 32.12 -14.90
N ASP A 405 0.07 33.17 -14.58
CA ASP A 405 1.24 33.05 -13.71
C ASP A 405 1.27 34.12 -12.63
N SER A 406 0.23 34.93 -12.51
CA SER A 406 0.11 35.90 -11.44
C SER A 406 0.22 35.22 -10.08
N PRO A 407 -0.45 34.07 -9.85
CA PRO A 407 -0.37 33.46 -8.52
C PRO A 407 1.03 32.94 -8.20
N CYS A 408 1.30 32.87 -6.90
CA CYS A 408 2.56 32.37 -6.37
C CYS A 408 3.68 33.38 -6.55
N PHE A 409 4.19 33.53 -7.76
CA PHE A 409 5.29 34.45 -8.01
C PHE A 409 4.88 35.87 -7.62
N VAL A 410 5.80 36.57 -6.97
CA VAL A 410 5.55 37.95 -6.57
C VAL A 410 5.79 38.87 -7.76
N GLN A 411 5.11 40.01 -7.74
CA GLN A 411 5.33 41.02 -8.77
C GLN A 411 6.78 41.47 -8.77
N GLU A 412 7.34 41.62 -9.97
CA GLU A 412 8.70 42.13 -10.16
C GLU A 412 8.60 43.46 -10.90
N ASP A 413 9.28 44.48 -10.39
CA ASP A 413 9.32 45.78 -11.04
C ASP A 413 10.70 46.05 -11.62
N LYS A 414 10.75 46.93 -12.60
CA LYS A 414 12.01 47.42 -13.12
C LYS A 414 12.34 48.83 -12.66
N TYR A 415 11.33 49.65 -12.36
CA TYR A 415 11.58 51.00 -11.88
C TYR A 415 12.28 51.02 -10.53
N LEU A 416 12.23 49.92 -9.78
CA LEU A 416 12.96 49.78 -8.53
C LEU A 416 13.93 48.62 -8.56
N ARG A 417 14.35 48.20 -9.74
CA ARG A 417 15.35 47.15 -9.86
C ARG A 417 16.37 47.42 -10.96
N LEU A 418 16.32 48.55 -11.65
CA LEU A 418 17.26 48.85 -12.71
C LEU A 418 18.13 50.05 -12.42
N ALA A 419 17.54 51.22 -12.15
CA ALA A 419 18.36 52.39 -11.85
C ALA A 419 19.23 52.15 -10.63
N ILE A 420 18.81 51.28 -9.72
CA ILE A 420 19.55 51.08 -8.49
C ILE A 420 20.94 50.55 -8.79
N ILE A 421 21.03 49.55 -9.68
CA ILE A 421 22.34 48.98 -9.97
C ILE A 421 23.17 49.95 -10.80
N SER A 422 22.54 50.71 -11.69
CA SER A 422 23.31 51.69 -12.43
C SER A 422 23.94 52.70 -11.49
N PHE A 423 23.16 53.19 -10.52
CA PHE A 423 23.70 54.12 -9.54
C PHE A 423 24.82 53.49 -8.73
N GLN A 424 24.63 52.24 -8.31
CA GLN A 424 25.67 51.56 -7.54
C GLN A 424 26.95 51.44 -8.33
N ALA A 425 26.85 51.06 -9.61
CA ALA A 425 28.04 50.96 -10.44
C ALA A 425 28.71 52.31 -10.59
N LEU A 426 27.91 53.37 -10.76
CA LEU A 426 28.50 54.70 -10.89
C LEU A 426 29.26 55.08 -9.63
N CYS A 427 28.65 54.85 -8.47
CA CYS A 427 29.34 55.15 -7.22
C CYS A 427 30.62 54.34 -7.09
N MET A 428 30.59 53.08 -7.48
CA MET A 428 31.78 52.25 -7.44
C MET A 428 32.88 52.85 -8.31
N LEU A 429 32.53 53.21 -9.55
CA LEU A 429 33.52 53.74 -10.47
C LEU A 429 34.10 55.04 -9.95
N LEU A 430 33.26 55.88 -9.35
CA LEU A 430 33.76 57.10 -8.75
C LEU A 430 34.73 56.81 -7.63
N ASP A 431 34.44 55.80 -6.80
CA ASP A 431 35.37 55.44 -5.74
C ASP A 431 36.70 54.98 -6.31
N PHE A 432 36.66 54.19 -7.38
CA PHE A 432 37.90 53.76 -8.02
C PHE A 432 38.72 54.95 -8.47
N VAL A 433 38.09 55.91 -9.17
CA VAL A 433 38.81 57.08 -9.62
C VAL A 433 39.32 57.89 -8.43
N SER A 434 38.59 57.85 -7.31
CA SER A 434 39.05 58.55 -6.11
C SER A 434 40.33 57.93 -5.58
N MET A 435 40.36 56.61 -5.47
CA MET A 435 41.59 55.93 -5.09
C MET A 435 42.73 56.38 -5.99
N LEU A 436 42.48 56.37 -7.30
CA LEU A 436 43.54 56.77 -8.23
C LEU A 436 44.02 58.19 -7.96
N VAL A 437 43.10 59.14 -7.85
CA VAL A 437 43.53 60.53 -7.66
C VAL A 437 44.35 60.66 -6.39
N VAL A 438 43.97 59.93 -5.34
CA VAL A 438 44.80 59.95 -4.15
C VAL A 438 46.18 59.40 -4.47
N TYR A 439 46.25 58.33 -5.26
CA TYR A 439 47.54 57.85 -5.72
C TYR A 439 48.32 58.97 -6.41
N HIS A 440 47.61 59.90 -7.05
CA HIS A 440 48.25 60.99 -7.77
C HIS A 440 48.63 62.17 -6.89
N PHE A 441 48.16 62.21 -5.65
CA PHE A 441 48.52 63.27 -4.71
C PHE A 441 49.25 62.66 -3.52
N ARG A 442 50.47 63.14 -3.28
CA ARG A 442 51.26 62.69 -2.14
C ARG A 442 51.76 63.85 -1.28
N LYS A 443 52.18 64.95 -1.89
CA LYS A 443 52.97 65.96 -1.20
C LYS A 443 52.11 66.89 -0.36
N ALA A 444 50.80 66.72 -0.36
CA ALA A 444 49.90 67.55 0.42
C ALA A 444 50.00 67.09 1.86
N LYS A 445 50.63 67.90 2.70
CA LYS A 445 50.92 67.49 4.07
C LYS A 445 49.64 67.08 4.77
N SER A 446 48.51 67.66 4.38
CA SER A 446 47.24 67.29 4.98
C SER A 446 47.06 65.78 4.93
N ILE A 447 47.24 65.18 3.75
CA ILE A 447 47.12 63.74 3.67
C ILE A 447 48.27 63.08 4.39
N ARG A 448 49.42 63.75 4.45
CA ARG A 448 50.60 63.13 5.06
C ARG A 448 50.29 62.63 6.46
N ALA A 449 49.48 63.38 7.21
CA ALA A 449 49.08 62.89 8.52
C ALA A 449 48.34 61.57 8.42
N SER A 450 47.40 61.48 7.48
CA SER A 450 46.63 60.25 7.32
C SER A 450 47.53 59.08 6.94
N GLY A 451 48.44 59.31 6.02
CA GLY A 451 49.27 58.23 5.51
C GLY A 451 48.67 57.59 4.28
N LEU A 452 49.43 57.56 3.19
CA LEU A 452 48.91 57.03 1.94
C LEU A 452 48.32 55.63 2.15
N ILE A 453 49.10 54.76 2.79
CA ILE A 453 48.70 53.36 2.88
C ILE A 453 47.38 53.24 3.63
N LEU A 454 47.24 53.97 4.73
CA LEU A 454 46.02 53.85 5.53
C LEU A 454 44.79 54.27 4.73
N LEU A 455 44.86 55.43 4.07
CA LEU A 455 43.69 55.90 3.34
C LEU A 455 43.37 54.98 2.18
N GLU A 456 44.40 54.49 1.48
CA GLU A 456 44.15 53.54 0.41
C GLU A 456 43.47 52.30 0.95
N THR A 457 43.90 51.81 2.11
CA THR A 457 43.26 50.65 2.69
C THR A 457 41.80 50.94 3.00
N ILE A 458 41.51 52.13 3.53
CA ILE A 458 40.13 52.44 3.86
C ILE A 458 39.28 52.47 2.60
N LEU A 459 39.78 53.11 1.55
CA LEU A 459 39.00 53.18 0.32
C LEU A 459 38.77 51.80 -0.27
N PHE A 460 39.79 50.94 -0.27
CA PHE A 460 39.58 49.60 -0.79
C PHE A 460 38.61 48.82 0.07
N GLY A 461 38.69 49.00 1.38
CA GLY A 461 37.79 48.33 2.27
C GLY A 461 36.38 48.70 1.92
N SER A 462 36.13 49.99 1.71
CA SER A 462 34.79 50.42 1.35
C SER A 462 34.36 49.85 0.01
N LEU A 463 35.23 49.92 -0.99
CA LEU A 463 34.90 49.34 -2.28
C LEU A 463 34.43 47.90 -2.12
N LEU A 464 35.19 47.11 -1.36
CA LEU A 464 34.79 45.74 -1.11
C LEU A 464 33.45 45.70 -0.39
N LEU A 465 33.22 46.65 0.51
CA LEU A 465 31.96 46.71 1.24
C LEU A 465 30.80 47.07 0.35
N TYR A 466 31.05 47.51 -0.89
CA TYR A 466 29.99 47.87 -1.81
C TYR A 466 29.43 46.67 -2.58
N PHE A 467 29.57 45.45 -2.06
CA PHE A 467 29.05 44.30 -2.79
C PHE A 467 28.03 43.51 -1.99
N PRO A 468 27.13 44.13 -1.23
CA PRO A 468 25.96 43.39 -0.74
C PRO A 468 24.72 43.66 -1.56
N VAL A 469 24.80 44.63 -2.48
CA VAL A 469 23.67 44.99 -3.33
C VAL A 469 23.77 44.34 -4.69
N VAL A 470 24.92 44.47 -5.35
CA VAL A 470 25.09 43.84 -6.65
C VAL A 470 24.84 42.35 -6.55
N ILE A 471 25.29 41.73 -5.45
CA ILE A 471 25.05 40.31 -5.24
C ILE A 471 23.56 40.04 -5.13
N LEU A 472 22.82 40.93 -4.48
CA LEU A 472 21.39 40.71 -4.32
C LEU A 472 20.60 40.94 -5.61
N TYR A 473 21.25 41.38 -6.68
CA TYR A 473 20.54 41.71 -7.91
C TYR A 473 20.15 40.48 -8.71
N PHE A 474 20.71 39.31 -8.39
CA PHE A 474 20.50 38.11 -9.17
C PHE A 474 19.71 37.08 -8.34
N GLU A 475 19.57 35.88 -8.89
CA GLU A 475 18.86 34.83 -8.18
C GLU A 475 19.66 34.36 -6.97
N PRO A 476 19.01 34.03 -5.86
CA PRO A 476 19.73 33.58 -4.66
C PRO A 476 20.20 32.13 -4.74
N SER A 477 21.38 31.94 -5.34
CA SER A 477 22.02 30.63 -5.38
C SER A 477 22.63 30.34 -4.01
N THR A 478 23.48 29.31 -3.95
CA THR A 478 24.25 29.07 -2.72
C THR A 478 25.58 29.82 -2.77
N PHE A 479 26.27 29.76 -3.90
CA PHE A 479 27.54 30.47 -4.02
C PHE A 479 27.37 31.94 -3.69
N ARG A 480 26.36 32.58 -4.25
CA ARG A 480 26.10 33.97 -3.95
C ARG A 480 25.68 34.17 -2.49
N CYS A 481 24.84 33.28 -1.97
CA CYS A 481 24.41 33.40 -0.59
C CYS A 481 25.57 33.24 0.40
N ILE A 482 26.70 32.71 -0.04
CA ILE A 482 27.89 32.68 0.80
C ILE A 482 28.78 33.89 0.53
N LEU A 483 28.92 34.25 -0.74
CA LEU A 483 29.69 35.42 -1.12
C LEU A 483 29.21 36.64 -0.35
N LEU A 484 27.92 36.69 -0.07
CA LEU A 484 27.38 37.86 0.62
C LEU A 484 28.05 38.05 1.98
N ARG A 485 28.05 37.01 2.81
CA ARG A 485 28.73 37.13 4.11
C ARG A 485 30.22 37.35 3.92
N TRP A 486 30.85 36.61 3.00
CA TRP A 486 32.28 36.75 2.85
C TRP A 486 32.67 38.16 2.50
N ALA A 487 31.83 38.88 1.77
CA ALA A 487 32.14 40.27 1.45
C ALA A 487 31.80 41.19 2.61
N ARG A 488 30.61 41.03 3.20
CA ARG A 488 30.18 41.97 4.22
C ARG A 488 31.11 41.96 5.41
N LEU A 489 31.52 40.78 5.87
CA LEU A 489 32.34 40.72 7.08
C LEU A 489 33.73 41.29 6.85
N LEU A 490 34.38 40.91 5.75
CA LEU A 490 35.70 41.47 5.47
C LEU A 490 35.65 42.98 5.29
N GLY A 491 34.61 43.50 4.64
CA GLY A 491 34.50 44.95 4.55
C GLY A 491 34.30 45.60 5.91
N PHE A 492 33.37 45.06 6.71
CA PHE A 492 33.05 45.67 7.99
C PHE A 492 34.22 45.54 8.96
N ALA A 493 35.20 44.70 8.63
CA ALA A 493 36.39 44.59 9.48
C ALA A 493 37.56 45.41 8.94
N THR A 494 37.68 45.56 7.61
CA THR A 494 38.76 46.36 7.07
C THR A 494 38.50 47.85 7.22
N VAL A 495 37.24 48.28 7.08
CA VAL A 495 36.96 49.72 7.13
C VAL A 495 37.02 50.23 8.55
N TYR A 496 36.15 49.74 9.43
CA TYR A 496 36.19 50.19 10.83
C TYR A 496 37.08 49.28 11.66
N GLY A 497 38.25 48.99 11.14
CA GLY A 497 39.27 48.29 11.88
C GLY A 497 40.59 49.02 11.74
N THR A 498 40.60 50.02 10.86
CA THR A 498 41.72 50.93 10.70
C THR A 498 41.40 52.33 11.19
N VAL A 499 40.13 52.74 11.14
CA VAL A 499 39.74 53.98 11.78
C VAL A 499 39.94 53.88 13.29
N THR A 500 39.46 52.79 13.88
CA THR A 500 39.63 52.61 15.31
C THR A 500 41.10 52.62 15.69
N LEU A 501 41.93 51.94 14.90
CA LEU A 501 43.35 51.87 15.23
C LEU A 501 44.02 53.24 15.06
N LYS A 502 43.59 54.04 14.08
CA LYS A 502 44.16 55.37 13.94
C LYS A 502 43.79 56.23 15.14
N LEU A 503 42.55 56.14 15.60
CA LEU A 503 42.19 56.87 16.81
C LEU A 503 43.03 56.39 17.98
N HIS A 504 43.26 55.08 18.06
CA HIS A 504 44.10 54.56 19.15
C HIS A 504 45.51 55.13 19.08
N ARG A 505 46.07 55.21 17.87
CA ARG A 505 47.42 55.73 17.72
C ARG A 505 47.49 57.18 18.16
N VAL A 506 46.48 57.98 17.77
CA VAL A 506 46.46 59.38 18.20
C VAL A 506 46.41 59.45 19.73
N LEU A 507 45.52 58.68 20.34
CA LEU A 507 45.39 58.73 21.79
C LEU A 507 46.70 58.34 22.47
N LYS A 508 47.33 57.27 22.00
CA LYS A 508 48.54 56.80 22.64
C LYS A 508 49.67 57.82 22.49
N VAL A 509 49.83 58.39 21.29
CA VAL A 509 50.89 59.38 21.10
C VAL A 509 50.66 60.57 22.02
N PHE A 510 49.40 61.01 22.16
CA PHE A 510 49.14 62.11 23.07
C PHE A 510 49.49 61.76 24.50
N LEU A 511 49.07 60.58 24.96
CA LEU A 511 49.31 60.24 26.36
C LEU A 511 50.78 59.95 26.63
N SER A 512 51.56 59.68 25.59
CA SER A 512 52.97 59.37 25.76
C SER A 512 53.86 60.62 25.64
N ARG A 513 53.51 61.55 24.75
CA ARG A 513 54.36 62.73 24.58
C ARG A 513 54.50 63.51 25.87
N THR A 514 53.44 63.59 26.66
CA THR A 514 53.52 64.32 27.92
C THR A 514 54.53 63.69 28.87
N ALA A 515 54.89 62.42 28.66
CA ALA A 515 55.95 61.76 29.43
C ALA A 515 56.94 61.12 28.47
N GLN A 516 57.87 61.92 27.97
CA GLN A 516 59.13 61.47 27.36
C GLN A 516 58.96 60.15 26.59
N ARG A 517 58.09 60.17 25.58
CA ARG A 517 57.89 58.95 24.80
C ARG A 517 57.03 59.16 23.55
N ILE A 518 57.47 58.60 22.42
CA ILE A 518 56.73 58.58 21.16
C ILE A 518 56.91 57.21 20.52
N PRO A 519 56.18 56.18 20.96
CA PRO A 519 56.48 54.83 20.47
C PRO A 519 55.92 54.55 19.09
N TYR A 520 54.72 55.07 18.82
CA TYR A 520 53.99 54.69 17.62
C TYR A 520 54.61 55.34 16.39
N MET A 521 54.25 54.81 15.22
CA MET A 521 54.81 55.29 13.97
C MET A 521 53.80 54.96 12.87
N THR A 522 54.04 55.47 11.66
CA THR A 522 53.06 55.41 10.58
C THR A 522 52.90 53.99 10.10
N GLY A 523 52.20 53.81 8.98
CA GLY A 523 51.98 52.50 8.41
C GLY A 523 53.20 51.62 8.56
N GLY A 524 53.00 50.43 9.13
CA GLY A 524 54.11 49.58 9.53
C GLY A 524 53.89 49.04 10.93
N ARG A 525 53.10 49.79 11.69
CA ARG A 525 52.72 49.35 13.02
C ARG A 525 51.24 49.11 12.95
N VAL A 526 50.49 50.13 12.54
CA VAL A 526 49.03 50.00 12.50
C VAL A 526 48.64 48.82 11.62
N MET A 527 49.26 48.71 10.45
CA MET A 527 48.88 47.63 9.53
C MET A 527 49.16 46.28 10.16
N ARG A 528 50.31 46.13 10.79
CA ARG A 528 50.67 44.85 11.39
C ARG A 528 49.69 44.49 12.50
N MET A 529 49.29 45.47 13.30
CA MET A 529 48.30 45.20 14.35
C MET A 529 46.97 44.79 13.73
N LEU A 530 46.57 45.45 12.65
CA LEU A 530 45.30 45.12 11.99
C LEU A 530 45.34 43.73 11.39
N ALA A 531 46.54 43.25 11.06
CA ALA A 531 46.66 41.90 10.52
C ALA A 531 46.05 40.87 11.47
N VAL A 532 46.08 41.14 12.78
CA VAL A 532 45.50 40.19 13.73
C VAL A 532 43.99 40.10 13.55
N ILE A 533 43.33 41.25 13.42
CA ILE A 533 41.88 41.24 13.22
C ILE A 533 41.55 40.53 11.92
N LEU A 534 42.36 40.78 10.89
CA LEU A 534 42.11 40.11 9.62
C LEU A 534 42.28 38.59 9.75
N LEU A 535 43.27 38.16 10.53
CA LEU A 535 43.45 36.72 10.75
C LEU A 535 42.23 36.13 11.45
N VAL A 536 41.75 36.78 12.50
CA VAL A 536 40.61 36.24 13.23
C VAL A 536 39.40 36.13 12.32
N VAL A 537 39.17 37.16 11.50
CA VAL A 537 37.99 37.16 10.64
C VAL A 537 38.11 36.07 9.58
N PHE A 538 39.28 35.96 8.94
CA PHE A 538 39.49 34.86 8.01
C PHE A 538 39.17 33.53 8.67
N TRP A 539 39.67 33.34 9.89
CA TRP A 539 39.48 32.06 10.55
C TRP A 539 38.01 31.76 10.78
N PHE A 540 37.28 32.73 11.33
CA PHE A 540 35.86 32.46 11.58
C PHE A 540 35.13 32.19 10.28
N LEU A 541 35.42 32.96 9.23
CA LEU A 541 34.72 32.74 7.97
C LEU A 541 35.02 31.36 7.43
N ILE A 542 36.28 30.92 7.52
CA ILE A 542 36.62 29.59 7.03
C ILE A 542 35.83 28.54 7.78
N GLY A 543 35.80 28.66 9.11
CA GLY A 543 35.04 27.70 9.90
C GLY A 543 33.58 27.66 9.49
N TRP A 544 32.97 28.84 9.35
CA TRP A 544 31.56 28.91 9.02
C TRP A 544 31.28 28.32 7.64
N THR A 545 32.10 28.67 6.65
CA THR A 545 31.91 28.11 5.31
C THR A 545 32.02 26.60 5.34
N SER A 546 33.07 26.08 5.98
CA SER A 546 33.26 24.64 6.00
C SER A 546 32.07 23.95 6.65
N SER A 547 31.60 24.50 7.77
CA SER A 547 30.45 23.89 8.43
C SER A 547 29.21 23.94 7.56
N VAL A 548 29.00 25.03 6.83
CA VAL A 548 27.79 25.13 6.03
C VAL A 548 27.78 24.17 4.86
N CYS A 549 28.94 23.93 4.23
CA CYS A 549 29.01 23.00 3.11
C CYS A 549 29.31 21.60 3.59
N GLN A 550 28.59 21.17 4.62
CA GLN A 550 28.61 19.79 5.08
C GLN A 550 27.18 19.31 5.24
N ASN A 551 26.30 20.22 5.67
CA ASN A 551 24.91 19.87 5.90
C ASN A 551 24.14 19.83 4.59
N LEU A 552 24.79 20.20 3.49
CA LEU A 552 24.12 20.13 2.19
C LEU A 552 23.68 18.71 1.86
N GLU A 553 24.33 17.71 2.46
CA GLU A 553 23.90 16.33 2.25
C GLU A 553 22.53 16.07 2.84
N LYS A 554 22.16 16.77 3.91
CA LYS A 554 20.90 16.53 4.61
C LYS A 554 19.87 17.60 4.29
N GLN A 555 20.18 18.86 4.55
CA GLN A 555 19.27 19.97 4.30
C GLN A 555 20.08 21.17 3.85
N ILE A 556 19.42 22.08 3.12
CA ILE A 556 20.12 23.23 2.58
C ILE A 556 19.95 24.43 3.48
N SER A 557 18.71 24.69 3.95
CA SER A 557 18.41 25.76 4.88
C SER A 557 18.95 27.11 4.42
N LEU A 558 19.15 27.28 3.11
CA LEU A 558 19.67 28.52 2.56
C LEU A 558 18.65 29.21 1.66
N ILE A 559 18.23 28.56 0.59
CA ILE A 559 17.35 29.18 -0.40
C ILE A 559 15.94 28.79 0.02
N GLY A 560 15.35 29.61 0.89
CA GLY A 560 14.02 29.35 1.40
C GLY A 560 12.96 30.13 0.65
N GLN A 561 11.71 29.87 1.04
CA GLN A 561 10.56 30.53 0.44
C GLN A 561 9.74 31.22 1.52
N GLY A 562 9.31 32.45 1.22
CA GLY A 562 8.62 33.26 2.19
C GLY A 562 7.27 33.73 1.65
N LYS A 563 6.37 34.00 2.58
CA LYS A 563 5.03 34.48 2.28
C LYS A 563 4.91 35.95 2.69
N THR A 564 3.90 36.62 2.17
CA THR A 564 3.66 38.02 2.45
C THR A 564 2.18 38.32 2.64
N SER A 565 1.47 37.42 3.33
CA SER A 565 0.09 37.63 3.74
C SER A 565 -0.88 37.70 2.56
N ASP A 566 -0.46 37.28 1.37
CA ASP A 566 -1.36 37.23 0.22
C ASP A 566 -1.15 35.97 -0.60
N HIS A 567 -0.74 34.88 0.07
CA HIS A 567 -0.57 33.58 -0.59
C HIS A 567 0.34 33.70 -1.82
N LEU A 568 1.49 34.35 -1.62
CA LEU A 568 2.53 34.41 -2.65
C LEU A 568 3.87 34.01 -2.06
N ILE A 569 4.63 33.25 -2.83
CA ILE A 569 5.91 32.71 -2.41
C ILE A 569 7.03 33.39 -3.18
N PHE A 570 8.12 33.68 -2.48
CA PHE A 570 9.30 34.26 -3.09
C PHE A 570 10.53 33.62 -2.48
N ASN A 571 11.58 33.51 -3.28
CA ASN A 571 12.82 32.84 -2.89
C ASN A 571 13.77 33.84 -2.26
N MET A 572 14.33 33.48 -1.11
CA MET A 572 15.20 34.37 -0.35
C MET A 572 16.27 33.52 0.32
N CYS A 573 17.20 34.20 1.01
CA CYS A 573 18.25 33.55 1.78
C CYS A 573 17.88 33.62 3.25
N LEU A 574 18.09 32.50 3.96
CA LEU A 574 17.61 32.39 5.32
C LEU A 574 18.61 32.99 6.30
N ILE A 575 18.25 32.94 7.58
CA ILE A 575 19.10 33.40 8.67
C ILE A 575 19.70 32.19 9.36
N ASP A 576 21.01 32.26 9.62
CA ASP A 576 21.77 31.09 10.02
C ASP A 576 21.86 30.91 11.53
N ARG A 577 21.32 31.85 12.31
CA ARG A 577 21.47 31.83 13.77
C ARG A 577 22.89 32.20 14.17
N TRP A 578 23.78 32.33 13.18
CA TRP A 578 25.11 32.89 13.42
C TRP A 578 25.17 34.36 13.07
N ASP A 579 24.35 34.82 12.13
CA ASP A 579 24.32 36.23 11.80
C ASP A 579 23.84 37.07 12.97
N TYR A 580 23.00 36.52 13.84
CA TYR A 580 22.69 37.22 15.08
C TYR A 580 23.96 37.54 15.84
N MET A 581 24.92 36.62 15.82
CA MET A 581 26.15 36.81 16.58
C MET A 581 27.06 37.83 15.91
N THR A 582 27.16 37.80 14.57
CA THR A 582 28.00 38.79 13.91
C THR A 582 27.44 40.19 14.09
N ALA A 583 26.11 40.33 14.06
CA ALA A 583 25.51 41.64 14.26
C ALA A 583 25.93 42.24 15.59
N VAL A 584 25.99 41.44 16.64
CA VAL A 584 26.35 41.95 17.97
C VAL A 584 27.87 42.07 18.08
N ALA A 585 28.60 41.26 17.32
CA ALA A 585 30.05 41.35 17.33
C ALA A 585 30.52 42.71 16.80
N GLU A 586 29.93 43.15 15.69
CA GLU A 586 30.29 44.48 15.18
C GLU A 586 29.93 45.57 16.19
N PHE A 587 28.78 45.43 16.85
CA PHE A 587 28.36 46.42 17.83
C PHE A 587 29.36 46.51 18.99
N LEU A 588 29.70 45.37 19.58
CA LEU A 588 30.67 45.37 20.67
C LEU A 588 32.00 45.96 20.20
N PHE A 589 32.48 45.54 19.03
CA PHE A 589 33.74 46.09 18.56
C PHE A 589 33.68 47.60 18.47
N LEU A 590 32.61 48.14 17.88
CA LEU A 590 32.54 49.58 17.71
C LEU A 590 32.42 50.32 19.04
N LEU A 591 31.94 49.65 20.09
CA LEU A 591 31.94 50.32 21.39
C LEU A 591 33.35 50.75 21.79
N TRP A 592 34.36 49.96 21.44
CA TRP A 592 35.73 50.35 21.74
C TRP A 592 36.08 51.66 21.06
N GLY A 593 35.70 51.78 19.78
CA GLY A 593 35.94 53.04 19.09
C GLY A 593 35.18 54.18 19.72
N VAL A 594 33.97 53.89 20.20
CA VAL A 594 33.18 54.93 20.87
C VAL A 594 33.94 55.44 22.08
N TYR A 595 34.49 54.53 22.87
CA TYR A 595 35.25 54.95 24.05
C TYR A 595 36.48 55.76 23.65
N LEU A 596 37.19 55.31 22.62
CA LEU A 596 38.31 56.10 22.12
C LEU A 596 37.86 57.51 21.81
N CYS A 597 36.76 57.62 21.06
CA CYS A 597 36.21 58.92 20.73
C CYS A 597 35.96 59.75 21.98
N TYR A 598 35.41 59.12 23.01
CA TYR A 598 35.15 59.86 24.25
C TYR A 598 36.45 60.36 24.86
N ALA A 599 37.49 59.53 24.85
CA ALA A 599 38.72 59.91 25.55
C ALA A 599 39.38 61.11 24.88
N VAL A 600 39.58 61.05 23.57
CA VAL A 600 40.28 62.10 22.84
C VAL A 600 39.26 63.20 22.56
N ARG A 601 39.25 64.24 23.40
CA ARG A 601 38.36 65.37 23.20
C ARG A 601 39.04 66.72 23.34
N THR A 602 40.26 66.79 23.86
CA THR A 602 40.97 68.05 24.02
C THR A 602 42.30 68.05 23.27
N VAL A 603 42.61 67.00 22.54
CA VAL A 603 43.90 66.93 21.86
C VAL A 603 43.95 67.99 20.76
N PRO A 604 44.95 68.87 20.74
CA PRO A 604 45.06 69.79 19.61
C PRO A 604 45.37 69.07 18.31
N SER A 605 44.49 69.21 17.33
CA SER A 605 44.63 68.53 16.05
C SER A 605 44.69 69.56 14.93
N ALA A 606 45.56 69.31 13.95
CA ALA A 606 45.77 70.27 12.88
C ALA A 606 44.58 70.33 11.94
N PHE A 607 44.03 69.18 11.57
CA PHE A 607 42.96 69.10 10.58
C PHE A 607 41.67 68.56 11.16
N HIS A 608 41.56 68.46 12.48
CA HIS A 608 40.33 68.00 13.13
C HIS A 608 39.95 66.59 12.69
N GLU A 609 40.91 65.79 12.22
CA GLU A 609 40.56 64.46 11.73
C GLU A 609 39.83 63.64 12.78
N PRO A 610 40.30 63.54 14.00
CA PRO A 610 39.55 62.78 15.02
C PRO A 610 38.12 63.27 15.18
N ARG A 611 37.91 64.59 15.11
CA ARG A 611 36.55 65.11 15.16
C ARG A 611 35.69 64.48 14.08
N TYR A 612 36.23 64.37 12.87
CA TYR A 612 35.47 63.78 11.78
C TYR A 612 35.22 62.30 12.03
N MET A 613 36.27 61.56 12.35
CA MET A 613 36.11 60.11 12.50
C MET A 613 35.11 59.78 13.60
N ALA A 614 34.95 60.65 14.58
CA ALA A 614 33.95 60.40 15.61
C ALA A 614 32.58 60.17 14.98
N VAL A 615 32.21 61.02 14.02
CA VAL A 615 30.94 60.84 13.33
C VAL A 615 30.93 59.50 12.59
N ALA A 616 32.02 59.20 11.89
CA ALA A 616 32.06 57.96 11.14
C ALA A 616 31.85 56.75 12.04
N VAL A 617 32.15 56.88 13.33
CA VAL A 617 31.96 55.76 14.24
C VAL A 617 30.54 55.74 14.79
N HIS A 618 30.08 56.87 15.36
CA HIS A 618 28.76 56.89 15.97
C HIS A 618 27.67 56.59 14.95
N ASN A 619 27.78 57.19 13.76
CA ASN A 619 26.78 57.00 12.73
C ASN A 619 26.59 55.52 12.44
N GLU A 620 27.70 54.80 12.28
CA GLU A 620 27.61 53.36 12.04
C GLU A 620 27.00 52.65 13.22
N LEU A 621 27.47 52.95 14.42
CA LEU A 621 26.95 52.27 15.60
C LEU A 621 25.44 52.33 15.64
N ILE A 622 24.86 53.46 15.24
CA ILE A 622 23.42 53.62 15.32
C ILE A 622 22.72 52.96 14.12
N ILE A 623 23.12 53.36 12.92
CA ILE A 623 22.44 52.86 11.72
C ILE A 623 22.51 51.34 11.66
N SER A 624 23.73 50.79 11.66
CA SER A 624 23.86 49.35 11.48
C SER A 624 22.96 48.59 12.44
N ALA A 625 22.89 49.03 13.70
CA ALA A 625 22.02 48.37 14.66
C ALA A 625 20.57 48.42 14.18
N ILE A 626 20.10 49.61 13.81
CA ILE A 626 18.69 49.73 13.39
C ILE A 626 18.41 48.83 12.20
N PHE A 627 19.30 48.88 11.21
CA PHE A 627 19.10 48.12 9.98
C PHE A 627 19.09 46.63 10.27
N HIS A 628 19.98 46.16 11.14
CA HIS A 628 20.02 44.75 11.47
C HIS A 628 18.73 44.31 12.13
N THR A 629 18.27 45.04 13.14
CA THR A 629 17.05 44.62 13.82
C THR A 629 15.88 44.57 12.84
N ILE A 630 15.76 45.60 12.00
CA ILE A 630 14.67 45.64 11.04
C ILE A 630 14.76 44.46 10.08
N ARG A 631 15.95 44.17 9.58
CA ARG A 631 16.11 43.08 8.63
C ARG A 631 15.82 41.74 9.27
N PHE A 632 16.05 41.61 10.58
CA PHE A 632 15.87 40.31 11.21
C PHE A 632 14.42 40.07 11.57
N VAL A 633 13.73 41.06 12.13
CA VAL A 633 12.36 40.83 12.58
C VAL A 633 11.45 40.61 11.39
N LEU A 634 11.31 41.62 10.55
CA LEU A 634 10.44 41.53 9.39
C LEU A 634 11.14 40.82 8.25
N ALA A 635 11.51 39.56 8.46
CA ALA A 635 12.39 38.87 7.52
C ALA A 635 11.60 38.19 6.42
N SER A 636 10.70 37.27 6.79
CA SER A 636 9.95 36.54 5.78
C SER A 636 8.78 37.32 5.22
N ARG A 637 8.37 38.40 5.89
CA ARG A 637 7.22 39.18 5.47
C ARG A 637 7.59 40.30 4.50
N LEU A 638 8.72 40.16 3.80
CA LEU A 638 9.21 41.20 2.91
C LEU A 638 9.52 40.59 1.55
N GLN A 639 9.00 41.22 0.49
CA GLN A 639 9.29 40.74 -0.85
C GLN A 639 10.75 41.01 -1.18
N SER A 640 11.21 40.43 -2.30
CA SER A 640 12.61 40.58 -2.68
C SER A 640 12.94 42.03 -2.98
N ASP A 641 12.06 42.73 -3.72
CA ASP A 641 12.37 44.09 -4.10
C ASP A 641 12.49 44.99 -2.89
N TRP A 642 11.62 44.79 -1.89
CA TRP A 642 11.73 45.59 -0.68
C TRP A 642 13.06 45.34 0.02
N MET A 643 13.51 44.08 0.05
CA MET A 643 14.80 43.79 0.65
C MET A 643 15.91 44.54 -0.08
N LEU A 644 15.87 44.52 -1.41
CA LEU A 644 16.89 45.24 -2.16
C LEU A 644 16.86 46.73 -1.84
N MET A 645 15.66 47.31 -1.75
CA MET A 645 15.57 48.73 -1.45
C MET A 645 16.20 49.03 -0.10
N LEU A 646 15.87 48.23 0.91
CA LEU A 646 16.41 48.50 2.24
C LEU A 646 17.94 48.36 2.24
N TYR A 647 18.45 47.33 1.56
CA TYR A 647 19.89 47.13 1.51
C TYR A 647 20.59 48.33 0.90
N PHE A 648 20.08 48.81 -0.23
CA PHE A 648 20.68 49.98 -0.86
C PHE A 648 20.61 51.19 0.05
N ALA A 649 19.46 51.39 0.71
CA ALA A 649 19.32 52.52 1.60
C ALA A 649 20.38 52.51 2.69
N HIS A 650 20.52 51.37 3.38
CA HIS A 650 21.51 51.30 4.46
C HIS A 650 22.92 51.48 3.95
N THR A 651 23.26 50.82 2.84
CA THR A 651 24.61 50.92 2.32
C THR A 651 24.97 52.37 2.02
N HIS A 652 24.09 53.08 1.33
CA HIS A 652 24.39 54.46 0.95
C HIS A 652 24.12 55.45 2.07
N LEU A 653 23.55 55.01 3.19
CA LEU A 653 23.44 55.86 4.36
C LEU A 653 24.61 55.72 5.32
N THR A 654 25.37 54.62 5.24
CA THR A 654 26.55 54.47 6.11
C THR A 654 27.87 54.51 5.36
N VAL A 655 28.06 53.64 4.36
CA VAL A 655 29.37 53.56 3.73
C VAL A 655 29.71 54.85 3.00
N THR A 656 28.76 55.42 2.28
CA THR A 656 29.03 56.64 1.55
C THR A 656 29.42 57.76 2.51
N VAL A 657 28.72 57.84 3.64
CA VAL A 657 29.06 58.86 4.63
C VAL A 657 30.47 58.65 5.13
N THR A 658 30.85 57.40 5.39
CA THR A 658 32.21 57.15 5.86
C THR A 658 33.24 57.61 4.83
N ILE A 659 33.08 57.19 3.58
CA ILE A 659 34.04 57.60 2.55
C ILE A 659 34.09 59.11 2.46
N GLY A 660 32.94 59.76 2.37
CA GLY A 660 32.90 61.19 2.17
C GLY A 660 33.55 61.90 3.32
N LEU A 661 33.19 61.53 4.54
CA LEU A 661 33.73 62.22 5.70
C LEU A 661 35.23 62.06 5.78
N LEU A 662 35.74 60.87 5.55
CA LEU A 662 37.17 60.63 5.68
C LEU A 662 37.98 61.15 4.51
N LEU A 663 37.37 61.44 3.37
CA LEU A 663 38.13 61.85 2.20
C LEU A 663 37.93 63.31 1.80
N ILE A 664 36.69 63.77 1.67
CA ILE A 664 36.42 65.09 1.11
C ILE A 664 37.27 66.16 1.78
N PRO A 665 37.41 66.16 3.10
CA PRO A 665 38.22 67.22 3.74
C PRO A 665 39.71 66.99 3.61
N LYS A 666 40.15 66.65 2.42
CA LYS A 666 41.56 66.47 2.11
C LYS A 666 41.98 67.26 0.89
N PHE A 667 41.04 67.63 0.04
CA PHE A 667 41.29 68.52 -1.09
C PHE A 667 40.75 69.92 -0.87
N SER A 668 40.37 70.25 0.36
CA SER A 668 39.88 71.58 0.70
C SER A 668 40.26 71.89 2.14
N HIS A 669 39.98 73.12 2.56
CA HIS A 669 40.36 73.61 3.88
C HIS A 669 41.88 73.49 4.07
N SER A 670 42.60 74.25 3.24
CA SER A 670 44.06 74.25 3.27
C SER A 670 44.57 75.34 4.21
N ASP B 66 -12.11 -16.25 22.97
CA ASP B 66 -12.32 -17.28 23.98
C ASP B 66 -12.60 -18.63 23.35
N GLY B 67 -12.96 -18.62 22.05
CA GLY B 67 -13.24 -19.86 21.37
C GLY B 67 -12.06 -20.82 21.39
N THR B 68 -10.84 -20.30 21.55
CA THR B 68 -9.69 -21.17 21.68
C THR B 68 -9.85 -22.12 22.85
N ILE B 69 -10.27 -21.58 24.01
CA ILE B 69 -10.42 -22.40 25.21
C ILE B 69 -11.53 -23.42 25.01
N LEU B 70 -12.63 -23.01 24.39
CA LEU B 70 -13.72 -23.94 24.13
C LEU B 70 -13.28 -25.06 23.22
N ALA B 71 -12.50 -24.75 22.18
CA ALA B 71 -11.99 -25.80 21.32
C ALA B 71 -11.09 -26.76 22.08
N GLN B 72 -10.21 -26.23 22.92
CA GLN B 72 -9.35 -27.10 23.71
C GLN B 72 -10.17 -28.00 24.61
N LYS B 73 -11.21 -27.47 25.25
CA LYS B 73 -12.09 -28.31 26.06
C LYS B 73 -12.78 -29.35 25.20
N LEU B 74 -13.28 -28.97 24.03
CA LEU B 74 -13.91 -29.89 23.11
C LEU B 74 -12.96 -30.99 22.67
N ALA B 75 -11.66 -30.75 22.76
CA ALA B 75 -10.70 -31.80 22.41
C ALA B 75 -10.87 -33.02 23.32
N GLU B 76 -11.09 -32.81 24.61
CA GLU B 76 -11.10 -33.89 25.59
C GLU B 76 -12.48 -34.48 25.84
N GLU B 77 -13.49 -34.08 25.08
CA GLU B 77 -14.80 -34.71 25.16
C GLU B 77 -15.05 -35.72 24.04
N VAL B 78 -14.02 -36.08 23.28
CA VAL B 78 -14.17 -36.99 22.14
C VAL B 78 -12.97 -37.93 22.08
N PRO B 79 -13.12 -39.20 22.50
CA PRO B 79 -11.97 -40.11 22.49
C PRO B 79 -11.43 -40.34 21.09
N MET B 80 -10.11 -40.53 21.01
CA MET B 80 -9.43 -40.87 19.76
C MET B 80 -9.87 -39.95 18.63
N ASP B 81 -9.88 -38.66 18.89
CA ASP B 81 -10.31 -37.69 17.89
C ASP B 81 -9.28 -36.62 17.64
N VAL B 82 -8.54 -36.18 18.67
CA VAL B 82 -7.52 -35.16 18.45
C VAL B 82 -6.51 -35.66 17.42
N ALA B 83 -6.13 -36.92 17.52
CA ALA B 83 -5.13 -37.48 16.63
C ALA B 83 -5.56 -37.43 15.18
N SER B 84 -6.85 -37.26 14.90
CA SER B 84 -7.29 -37.10 13.52
C SER B 84 -6.87 -35.74 12.97
N TYR B 85 -6.96 -34.69 13.78
CA TYR B 85 -6.53 -33.37 13.32
C TYR B 85 -5.01 -33.25 13.36
N LEU B 86 -4.37 -33.82 14.38
CA LEU B 86 -2.92 -33.85 14.38
C LEU B 86 -2.40 -34.65 13.20
N TYR B 87 -3.00 -35.80 12.95
CA TYR B 87 -2.63 -36.70 11.86
C TYR B 87 -3.90 -37.11 11.14
N THR B 88 -3.89 -37.01 9.81
CA THR B 88 -5.11 -37.20 9.05
C THR B 88 -5.62 -38.64 9.16
N GLY B 89 -4.74 -39.62 9.02
CA GLY B 89 -5.19 -40.99 8.84
C GLY B 89 -5.91 -41.57 10.04
N ASP B 90 -5.17 -41.88 11.10
CA ASP B 90 -5.71 -42.45 12.33
C ASP B 90 -6.31 -43.84 12.11
N SER B 91 -7.48 -43.88 11.47
CA SER B 91 -8.10 -45.17 11.17
C SER B 91 -7.22 -46.03 10.28
N HIS B 92 -6.29 -45.42 9.55
CA HIS B 92 -5.38 -46.18 8.71
C HIS B 92 -4.61 -47.22 9.52
N GLN B 93 -4.36 -46.92 10.80
CA GLN B 93 -3.68 -47.85 11.69
C GLN B 93 -4.61 -48.47 12.72
N LEU B 94 -5.68 -47.77 13.10
CA LEU B 94 -6.56 -48.22 14.17
C LEU B 94 -7.89 -47.48 14.07
N LYS B 95 -8.96 -48.23 13.80
CA LYS B 95 -10.32 -47.68 13.77
C LYS B 95 -11.21 -48.67 14.51
N ARG B 96 -11.36 -48.45 15.81
CA ARG B 96 -12.17 -49.34 16.65
C ARG B 96 -12.98 -48.45 17.58
N ALA B 97 -14.19 -48.11 17.16
CA ALA B 97 -15.04 -47.21 17.93
C ALA B 97 -16.45 -47.27 17.36
N ASN B 98 -17.39 -46.73 18.13
CA ASN B 98 -18.79 -46.71 17.75
C ASN B 98 -19.07 -45.46 16.92
N CYS B 99 -20.35 -45.12 16.75
CA CYS B 99 -20.75 -44.00 15.92
C CYS B 99 -20.29 -42.71 16.60
N SER B 100 -19.13 -42.22 16.22
CA SER B 100 -18.49 -41.09 16.87
C SER B 100 -18.28 -39.95 15.88
N GLY B 101 -18.40 -38.72 16.36
CA GLY B 101 -18.12 -37.55 15.56
C GLY B 101 -19.34 -36.97 14.89
N ARG B 102 -20.46 -36.94 15.60
CA ARG B 102 -21.68 -36.36 15.04
C ARG B 102 -21.54 -34.86 14.84
N TYR B 103 -20.85 -34.19 15.76
CA TYR B 103 -20.70 -32.75 15.73
C TYR B 103 -19.69 -32.34 16.77
N GLU B 104 -18.78 -31.44 16.39
CA GLU B 104 -17.73 -30.98 17.30
C GLU B 104 -17.83 -29.49 17.62
N LEU B 105 -17.68 -28.61 16.63
CA LEU B 105 -17.74 -27.17 16.87
C LEU B 105 -18.51 -26.41 15.80
N ALA B 106 -18.56 -26.97 14.59
CA ALA B 106 -19.09 -26.23 13.44
C ALA B 106 -18.35 -24.91 13.29
N GLY B 107 -18.98 -23.80 13.65
CA GLY B 107 -18.37 -22.49 13.54
C GLY B 107 -18.56 -21.67 14.81
N LEU B 108 -17.56 -20.90 15.20
CA LEU B 108 -17.70 -20.06 16.38
C LEU B 108 -18.88 -19.10 16.26
N PRO B 109 -19.10 -18.42 15.12
CA PRO B 109 -20.29 -17.56 14.97
C PRO B 109 -21.55 -18.34 14.59
N GLY B 110 -21.75 -19.48 15.25
CA GLY B 110 -22.93 -20.28 15.05
C GLY B 110 -22.84 -21.16 13.82
N LYS B 111 -22.97 -20.55 12.63
CA LYS B 111 -22.93 -21.30 11.39
C LYS B 111 -22.72 -20.32 10.25
N TRP B 112 -22.35 -20.86 9.10
CA TRP B 112 -22.10 -20.07 7.90
C TRP B 112 -23.12 -20.44 6.85
N PRO B 113 -24.11 -19.60 6.53
CA PRO B 113 -25.01 -19.95 5.43
C PRO B 113 -24.22 -20.14 4.14
N ALA B 114 -23.51 -19.09 3.74
CA ALA B 114 -22.53 -19.19 2.66
C ALA B 114 -21.29 -18.35 2.96
N LEU B 115 -21.20 -17.76 4.14
CA LEU B 115 -20.14 -16.82 4.48
C LEU B 115 -18.87 -17.58 4.83
N ALA B 116 -17.74 -16.86 4.77
CA ALA B 116 -16.37 -17.32 4.98
C ALA B 116 -15.78 -17.99 3.75
N SER B 117 -16.58 -18.25 2.71
CA SER B 117 -16.07 -18.50 1.36
C SER B 117 -14.89 -19.48 1.35
N ALA B 118 -15.11 -20.72 1.75
CA ALA B 118 -14.06 -21.75 1.67
C ALA B 118 -14.11 -22.36 0.27
N HIS B 119 -13.25 -21.86 -0.61
CA HIS B 119 -13.17 -22.31 -2.00
C HIS B 119 -14.46 -21.99 -2.75
N PRO B 120 -14.41 -21.69 -4.05
CA PRO B 120 -15.65 -21.52 -4.80
C PRO B 120 -16.31 -22.82 -5.18
N SER B 121 -15.62 -23.95 -4.96
CA SER B 121 -16.22 -25.24 -5.27
C SER B 121 -17.51 -25.45 -4.51
N LEU B 122 -17.54 -25.09 -3.23
CA LEU B 122 -18.76 -25.28 -2.46
C LEU B 122 -19.82 -24.25 -2.85
N HIS B 123 -19.40 -23.06 -3.25
CA HIS B 123 -20.35 -22.10 -3.79
C HIS B 123 -21.08 -22.70 -4.99
N ARG B 124 -20.33 -23.20 -5.98
CA ARG B 124 -20.95 -23.79 -7.15
C ARG B 124 -21.74 -25.04 -6.78
N ALA B 125 -21.31 -25.77 -5.76
CA ALA B 125 -22.06 -26.94 -5.33
C ALA B 125 -23.45 -26.56 -4.85
N LEU B 126 -23.53 -25.59 -3.93
CA LEU B 126 -24.84 -25.17 -3.44
C LEU B 126 -25.66 -24.56 -4.57
N ASP B 127 -25.00 -23.84 -5.49
CA ASP B 127 -25.73 -23.25 -6.60
C ASP B 127 -26.36 -24.32 -7.47
N THR B 128 -25.60 -25.36 -7.80
CA THR B 128 -26.16 -26.47 -8.57
C THR B 128 -27.28 -27.16 -7.79
N LEU B 129 -27.14 -27.24 -6.47
CA LEU B 129 -28.18 -27.86 -5.67
C LEU B 129 -29.49 -27.10 -5.81
N THR B 130 -29.44 -25.79 -5.61
CA THR B 130 -30.66 -25.00 -5.75
C THR B 130 -31.20 -25.08 -7.18
N HIS B 131 -30.31 -25.01 -8.17
CA HIS B 131 -30.78 -25.11 -9.54
C HIS B 131 -31.52 -26.42 -9.79
N ALA B 132 -30.95 -27.55 -9.38
CA ALA B 132 -31.59 -28.83 -9.61
C ALA B 132 -32.93 -28.89 -8.88
N THR B 133 -32.94 -28.50 -7.61
CA THR B 133 -34.21 -28.50 -6.88
C THR B 133 -35.23 -27.60 -7.55
N ASN B 134 -34.77 -26.58 -8.28
CA ASN B 134 -35.71 -25.73 -9.00
C ASN B 134 -36.45 -26.52 -10.07
N PHE B 135 -35.76 -27.45 -10.72
CA PHE B 135 -36.43 -28.34 -11.67
C PHE B 135 -37.60 -29.05 -11.01
N LEU B 136 -37.35 -29.72 -9.88
CA LEU B 136 -38.43 -30.45 -9.23
C LEU B 136 -39.54 -29.50 -8.79
N ASN B 137 -39.17 -28.36 -8.22
CA ASN B 137 -40.19 -27.37 -7.84
C ASN B 137 -41.04 -26.99 -9.04
N VAL B 138 -40.46 -27.01 -10.24
CA VAL B 138 -41.26 -26.80 -11.44
C VAL B 138 -42.18 -27.97 -11.68
N MET B 139 -41.69 -29.19 -11.48
CA MET B 139 -42.53 -30.38 -11.60
C MET B 139 -43.26 -30.63 -10.28
N LEU B 140 -44.06 -29.64 -9.91
CA LEU B 140 -44.88 -29.70 -8.71
C LEU B 140 -46.37 -29.74 -9.02
N GLN B 141 -46.82 -28.98 -10.01
CA GLN B 141 -48.23 -28.85 -10.35
C GLN B 141 -48.45 -29.14 -11.82
N SER B 142 -47.76 -30.16 -12.33
CA SER B 142 -47.95 -30.57 -13.71
C SER B 142 -49.42 -30.92 -13.93
N ASN B 143 -49.99 -30.43 -15.02
CA ASN B 143 -51.40 -30.64 -15.30
C ASN B 143 -51.62 -32.06 -15.81
N LYS B 144 -52.67 -32.70 -15.29
CA LYS B 144 -53.01 -34.06 -15.69
C LYS B 144 -51.82 -35.00 -15.51
N SER B 145 -51.03 -34.76 -14.47
CA SER B 145 -49.83 -35.56 -14.18
C SER B 145 -50.25 -36.75 -13.35
N ARG B 146 -50.68 -37.82 -14.03
CA ARG B 146 -51.02 -39.05 -13.34
C ARG B 146 -49.83 -39.59 -12.56
N GLU B 147 -48.64 -39.52 -13.15
CA GLU B 147 -47.40 -39.95 -12.50
C GLU B 147 -47.55 -41.38 -11.97
N GLN B 148 -47.89 -42.28 -12.90
CA GLN B 148 -48.11 -43.69 -12.57
C GLN B 148 -46.81 -44.41 -12.25
N ASN B 149 -45.67 -43.76 -12.44
CA ASN B 149 -44.37 -44.36 -12.13
C ASN B 149 -44.09 -45.57 -13.01
N LEU B 150 -44.19 -45.36 -14.32
CA LEU B 150 -43.85 -46.38 -15.29
C LEU B 150 -42.33 -46.53 -15.34
N GLN B 151 -41.83 -47.34 -16.27
CA GLN B 151 -40.39 -47.49 -16.42
C GLN B 151 -39.74 -46.16 -16.83
N ASP B 152 -40.36 -45.42 -17.75
CA ASP B 152 -39.79 -44.14 -18.16
C ASP B 152 -39.95 -43.08 -17.08
N ASP B 153 -41.08 -43.08 -16.38
CA ASP B 153 -41.26 -42.12 -15.28
C ASP B 153 -40.20 -42.34 -14.21
N LEU B 154 -40.07 -43.57 -13.72
CA LEU B 154 -39.04 -43.88 -12.75
C LEU B 154 -37.66 -43.57 -13.30
N ASP B 155 -37.46 -43.79 -14.60
CA ASP B 155 -36.17 -43.50 -15.22
C ASP B 155 -35.81 -42.03 -15.14
N TRP B 156 -36.76 -41.13 -15.41
CA TRP B 156 -36.44 -39.72 -15.54
C TRP B 156 -35.79 -39.17 -14.27
N TYR B 157 -36.40 -39.43 -13.10
CA TYR B 157 -35.94 -38.80 -11.88
C TYR B 157 -34.54 -39.27 -11.51
N GLN B 158 -34.30 -40.58 -11.56
CA GLN B 158 -32.97 -41.08 -11.24
C GLN B 158 -31.95 -40.69 -12.29
N ALA B 159 -32.37 -40.53 -13.54
CA ALA B 159 -31.47 -39.98 -14.54
C ALA B 159 -31.03 -38.58 -14.15
N LEU B 160 -31.97 -37.75 -13.69
CA LEU B 160 -31.61 -36.43 -13.21
C LEU B 160 -30.67 -36.53 -12.01
N VAL B 161 -30.95 -37.43 -11.08
CA VAL B 161 -30.11 -37.56 -9.89
C VAL B 161 -28.67 -37.83 -10.32
N TRP B 162 -28.49 -38.77 -11.25
CA TRP B 162 -27.16 -38.99 -11.81
C TRP B 162 -26.63 -37.71 -12.44
N SER B 163 -27.43 -37.04 -13.26
CA SER B 163 -26.94 -35.88 -13.98
C SER B 163 -26.37 -34.83 -13.03
N LEU B 164 -26.91 -34.74 -11.81
CA LEU B 164 -26.47 -33.73 -10.85
C LEU B 164 -25.04 -33.97 -10.37
N LEU B 165 -24.40 -35.05 -10.79
CA LEU B 165 -23.14 -35.49 -10.21
C LEU B 165 -21.90 -34.94 -10.90
N GLU B 166 -21.73 -35.20 -12.19
CA GLU B 166 -20.46 -34.93 -12.85
C GLU B 166 -20.32 -33.48 -13.28
N GLY B 167 -21.09 -32.58 -12.67
CA GLY B 167 -21.00 -31.17 -12.97
C GLY B 167 -20.03 -30.44 -12.05
N GLU B 168 -19.45 -31.17 -11.10
CA GLU B 168 -18.56 -30.58 -10.11
C GLU B 168 -17.44 -31.56 -9.80
N PRO B 169 -16.26 -31.06 -9.42
CA PRO B 169 -15.16 -31.99 -9.13
C PRO B 169 -15.39 -32.85 -7.90
N SER B 170 -15.81 -32.24 -6.79
CA SER B 170 -15.88 -32.91 -5.50
C SER B 170 -17.34 -33.08 -5.10
N ILE B 171 -17.76 -34.33 -4.93
CA ILE B 171 -19.11 -34.65 -4.48
C ILE B 171 -19.16 -36.12 -4.09
N SER B 172 -20.04 -36.48 -3.18
CA SER B 172 -20.22 -37.84 -2.73
C SER B 172 -21.64 -38.30 -3.05
N ARG B 173 -21.99 -39.49 -2.55
CA ARG B 173 -23.28 -40.11 -2.83
C ARG B 173 -24.43 -39.12 -2.68
N ALA B 174 -25.53 -39.38 -3.37
CA ALA B 174 -26.74 -38.56 -3.29
C ALA B 174 -27.95 -39.47 -3.41
N ALA B 175 -29.10 -38.95 -3.00
CA ALA B 175 -30.32 -39.75 -2.97
C ALA B 175 -31.53 -38.85 -3.06
N ILE B 176 -32.63 -39.42 -3.55
CA ILE B 176 -33.93 -38.75 -3.62
C ILE B 176 -34.94 -39.65 -2.93
N THR B 177 -35.73 -39.08 -2.02
CA THR B 177 -36.71 -39.88 -1.28
C THR B 177 -37.92 -40.20 -2.14
N PHE B 178 -38.59 -39.18 -2.66
CA PHE B 178 -39.75 -39.35 -3.53
C PHE B 178 -40.78 -40.27 -2.86
N SER B 179 -41.34 -39.78 -1.76
CA SER B 179 -42.38 -40.50 -1.03
C SER B 179 -43.69 -40.38 -1.82
N THR B 180 -43.84 -41.26 -2.81
CA THR B 180 -45.04 -41.31 -3.64
C THR B 180 -45.49 -39.92 -4.06
N ALA B 187 -44.30 -47.50 -0.37
CA ALA B 187 -43.94 -46.74 -1.55
C ALA B 187 -42.82 -45.75 -1.25
N PRO B 188 -41.64 -46.28 -0.89
CA PRO B 188 -40.51 -45.40 -0.56
C PRO B 188 -39.98 -44.66 -1.78
N GLN B 189 -39.66 -45.42 -2.82
CA GLN B 189 -39.17 -44.88 -4.07
C GLN B 189 -37.95 -43.99 -3.84
N VAL B 190 -37.01 -44.50 -3.04
CA VAL B 190 -35.77 -43.79 -2.74
C VAL B 190 -34.67 -44.36 -3.63
N PHE B 191 -33.98 -43.47 -4.35
CA PHE B 191 -32.98 -43.84 -5.33
C PHE B 191 -31.67 -43.14 -5.02
N LEU B 192 -30.58 -43.90 -4.93
CA LEU B 192 -29.31 -43.36 -4.47
C LEU B 192 -28.17 -44.03 -5.23
N GLN B 193 -27.00 -43.40 -5.16
CA GLN B 193 -25.82 -43.87 -5.88
C GLN B 193 -24.60 -43.68 -4.99
N ALA B 194 -23.43 -44.06 -5.51
CA ALA B 194 -22.18 -44.08 -4.77
C ALA B 194 -21.43 -42.76 -4.98
N THR B 195 -20.15 -42.73 -4.60
CA THR B 195 -19.35 -41.51 -4.64
C THR B 195 -19.11 -41.08 -6.09
N ARG B 196 -18.38 -39.98 -6.24
CA ARG B 196 -18.10 -39.44 -7.56
C ARG B 196 -17.27 -40.42 -8.38
N GLU B 197 -17.44 -40.34 -9.70
CA GLU B 197 -16.77 -41.16 -10.71
C GLU B 197 -17.15 -42.63 -10.61
N GLU B 198 -18.05 -42.99 -9.68
CA GLU B 198 -18.49 -44.37 -9.54
C GLU B 198 -19.95 -44.31 -9.07
N SER B 199 -20.87 -44.50 -10.01
CA SER B 199 -22.29 -44.33 -9.73
C SER B 199 -23.07 -45.49 -10.31
N ARG B 200 -23.97 -46.05 -9.51
CA ARG B 200 -24.97 -46.99 -10.02
C ARG B 200 -26.32 -46.67 -9.39
N ILE B 201 -27.30 -47.54 -9.60
CA ILE B 201 -28.68 -47.29 -9.21
C ILE B 201 -29.03 -48.23 -8.08
N LEU B 202 -29.45 -47.67 -6.94
CA LEU B 202 -29.90 -48.45 -5.80
C LEU B 202 -31.27 -47.96 -5.37
N LEU B 203 -32.20 -48.89 -5.20
CA LEU B 203 -33.55 -48.60 -4.75
C LEU B 203 -33.74 -49.18 -3.36
N GLN B 204 -34.39 -48.41 -2.49
CA GLN B 204 -34.58 -48.79 -1.10
C GLN B 204 -36.01 -49.28 -0.87
N ASP B 205 -36.19 -49.92 0.28
CA ASP B 205 -37.52 -50.39 0.68
C ASP B 205 -37.56 -50.66 2.18
N SER B 261 -37.50 -24.48 5.16
CA SER B 261 -36.82 -25.05 3.99
C SER B 261 -35.49 -24.33 3.76
N HIS B 262 -35.37 -23.62 2.65
CA HIS B 262 -34.21 -22.78 2.34
C HIS B 262 -32.90 -23.49 2.68
N PHE B 263 -32.71 -24.65 2.05
CA PHE B 263 -31.43 -25.35 2.00
C PHE B 263 -30.74 -25.39 3.36
N LYS B 264 -31.39 -26.08 4.31
CA LYS B 264 -30.84 -26.23 5.64
C LYS B 264 -29.52 -27.01 5.59
N TRP B 265 -28.56 -26.58 6.39
CA TRP B 265 -27.22 -27.17 6.41
C TRP B 265 -27.16 -28.29 7.45
N SER B 266 -25.94 -28.74 7.75
CA SER B 266 -25.71 -29.73 8.79
C SER B 266 -24.26 -29.68 9.21
N PRO B 267 -23.91 -30.25 10.36
CA PRO B 267 -22.50 -30.30 10.78
C PRO B 267 -21.74 -31.37 10.02
N PRO B 268 -20.43 -31.46 10.22
CA PRO B 268 -19.65 -32.53 9.56
C PRO B 268 -20.15 -33.91 9.96
N TYR B 269 -20.00 -34.86 9.04
CA TYR B 269 -20.58 -36.18 9.19
C TYR B 269 -19.51 -37.25 8.99
N LEU B 270 -19.78 -38.43 9.54
CA LEU B 270 -18.96 -39.62 9.35
C LEU B 270 -19.86 -40.84 9.36
N GLU B 271 -19.44 -41.88 8.64
CA GLU B 271 -20.19 -43.13 8.64
C GLU B 271 -20.08 -43.82 10.00
N CYS B 272 -21.15 -44.52 10.36
CA CYS B 272 -21.29 -45.08 11.70
C CYS B 272 -21.48 -46.58 11.74
N GLU B 273 -21.65 -47.25 10.60
CA GLU B 273 -21.99 -48.67 10.63
C GLU B 273 -20.88 -49.48 11.29
N ASN B 274 -19.62 -49.12 11.04
CA ASN B 274 -18.50 -49.74 11.71
C ASN B 274 -17.29 -48.81 11.57
N GLY B 275 -16.44 -48.79 12.59
CA GLY B 275 -15.23 -47.99 12.51
C GLY B 275 -15.50 -46.56 12.05
N SER B 276 -14.43 -45.91 11.59
CA SER B 276 -14.51 -44.58 11.01
C SER B 276 -13.99 -44.53 9.59
N TYR B 277 -12.87 -45.17 9.32
CA TYR B 277 -12.28 -45.21 7.98
C TYR B 277 -11.98 -43.84 7.40
N LYS B 278 -11.88 -43.78 6.06
CA LYS B 278 -11.34 -42.62 5.38
C LYS B 278 -12.19 -41.36 5.51
N PRO B 279 -13.53 -41.38 5.33
CA PRO B 279 -14.24 -40.16 4.91
C PRO B 279 -13.73 -38.85 5.52
N GLY B 280 -13.72 -38.73 6.84
CA GLY B 280 -13.11 -37.57 7.46
C GLY B 280 -13.86 -36.27 7.27
N TRP B 281 -15.00 -36.13 7.95
CA TRP B 281 -15.72 -34.86 8.04
C TRP B 281 -16.21 -34.39 6.68
N LEU B 282 -17.10 -35.19 6.08
CA LEU B 282 -17.84 -34.78 4.90
C LEU B 282 -19.20 -34.24 5.33
N VAL B 283 -19.61 -33.12 4.73
CA VAL B 283 -20.86 -32.47 5.11
C VAL B 283 -22.03 -33.20 4.47
N THR B 284 -23.23 -32.88 4.93
CA THR B 284 -24.47 -33.52 4.49
C THR B 284 -25.50 -32.47 4.08
N LEU B 285 -25.08 -31.51 3.28
CA LEU B 285 -26.01 -30.50 2.78
C LEU B 285 -27.17 -31.16 2.04
N SER B 286 -28.38 -30.64 2.25
CA SER B 286 -29.54 -31.11 1.52
C SER B 286 -30.61 -30.04 1.56
N SER B 287 -31.60 -30.20 0.68
CA SER B 287 -32.77 -29.33 0.65
C SER B 287 -34.00 -30.19 0.46
N ALA B 288 -35.16 -29.56 0.63
CA ALA B 288 -36.45 -30.24 0.53
C ALA B 288 -37.21 -29.73 -0.69
N ILE B 289 -38.43 -30.24 -0.86
CA ILE B 289 -39.31 -29.82 -1.93
C ILE B 289 -40.73 -29.71 -1.39
N TYR B 290 -41.52 -28.84 -2.02
CA TYR B 290 -42.88 -28.56 -1.58
C TYR B 290 -43.88 -29.28 -2.46
N GLY B 291 -45.07 -29.51 -1.90
CA GLY B 291 -46.14 -30.19 -2.61
C GLY B 291 -47.46 -29.48 -2.43
N LEU B 292 -48.33 -29.53 -3.45
CA LEU B 292 -49.65 -28.93 -3.37
C LEU B 292 -50.70 -29.92 -3.87
N GLN B 293 -51.96 -29.48 -3.84
CA GLN B 293 -53.07 -30.30 -4.27
C GLN B 293 -53.44 -30.01 -5.72
N PRO B 298 -49.72 -29.57 0.15
CA PRO B 298 -49.22 -29.65 1.51
C PRO B 298 -47.68 -29.76 1.53
N GLU B 299 -47.14 -30.75 2.24
CA GLU B 299 -45.71 -31.02 2.21
C GLU B 299 -45.51 -32.44 1.72
N PHE B 300 -44.86 -32.58 0.56
CA PHE B 300 -44.62 -33.90 -0.01
C PHE B 300 -43.76 -34.78 0.89
N ARG B 301 -43.02 -34.20 1.83
CA ARG B 301 -42.14 -34.95 2.72
C ARG B 301 -41.02 -35.60 1.92
N GLY B 302 -40.49 -34.85 0.95
CA GLY B 302 -39.40 -35.32 0.13
C GLY B 302 -38.22 -34.37 0.12
N VAL B 303 -37.01 -34.91 0.03
CA VAL B 303 -35.79 -34.12 0.03
C VAL B 303 -34.81 -34.68 -0.98
N MET B 304 -33.86 -33.82 -1.36
CA MET B 304 -32.83 -34.12 -2.35
C MET B 304 -31.47 -34.06 -1.64
N LYS B 305 -31.05 -35.20 -1.08
CA LYS B 305 -29.84 -35.24 -0.27
C LYS B 305 -28.60 -35.28 -1.15
N VAL B 306 -27.58 -34.52 -0.73
CA VAL B 306 -26.27 -34.53 -1.36
C VAL B 306 -25.22 -34.55 -0.26
N ASP B 307 -24.02 -35.01 -0.63
CA ASP B 307 -22.90 -35.07 0.30
C ASP B 307 -21.67 -34.47 -0.38
N ILE B 308 -20.81 -33.84 0.40
CA ILE B 308 -19.60 -33.20 -0.10
C ILE B 308 -18.43 -33.68 0.75
N ASN B 309 -17.43 -34.26 0.11
CA ASN B 309 -16.23 -34.69 0.82
C ASN B 309 -15.36 -33.48 1.11
N LEU B 310 -15.11 -33.23 2.40
CA LEU B 310 -14.35 -32.07 2.83
C LEU B 310 -12.90 -32.40 3.18
N GLN B 311 -12.49 -33.67 3.01
CA GLN B 311 -11.12 -34.04 3.31
C GLN B 311 -10.13 -33.20 2.51
N LYS B 312 -10.35 -33.10 1.19
CA LYS B 312 -9.50 -32.29 0.32
C LYS B 312 -10.01 -30.85 0.34
N VAL B 313 -9.73 -30.18 1.45
CA VAL B 313 -10.09 -28.77 1.60
C VAL B 313 -9.15 -28.16 2.62
N ASP B 314 -8.73 -26.93 2.36
CA ASP B 314 -7.91 -26.20 3.33
C ASP B 314 -8.72 -25.96 4.59
N ILE B 315 -8.15 -26.29 5.74
CA ILE B 315 -8.86 -26.15 7.02
C ILE B 315 -8.52 -24.76 7.54
N ASP B 316 -9.26 -23.77 7.04
CA ASP B 316 -9.14 -22.40 7.50
C ASP B 316 -7.70 -21.93 7.47
N GLN B 317 -7.42 -20.81 8.14
CA GLN B 317 -6.06 -20.37 8.38
C GLN B 317 -5.85 -20.05 9.85
N CYS B 318 -6.82 -20.39 10.70
CA CYS B 318 -6.74 -20.13 12.14
C CYS B 318 -6.63 -18.63 12.43
N SER B 319 -7.11 -17.82 11.49
CA SER B 319 -7.14 -16.37 11.64
C SER B 319 -8.10 -15.84 10.59
N SER B 320 -8.48 -14.57 10.73
CA SER B 320 -9.42 -13.94 9.80
C SER B 320 -10.70 -14.78 9.71
N ASP B 321 -11.43 -14.79 10.83
CA ASP B 321 -12.41 -15.82 11.14
C ASP B 321 -13.09 -16.42 9.91
N GLY B 322 -13.08 -17.75 9.85
CA GLY B 322 -13.81 -18.51 8.85
C GLY B 322 -14.51 -19.68 9.50
N TRP B 323 -14.40 -20.88 8.91
CA TRP B 323 -15.01 -22.05 9.51
C TRP B 323 -14.10 -22.57 10.62
N PHE B 324 -14.70 -23.07 11.69
CA PHE B 324 -14.03 -23.81 12.74
C PHE B 324 -12.94 -23.00 13.44
N SER B 325 -12.76 -21.73 13.08
CA SER B 325 -11.64 -20.97 13.62
C SER B 325 -11.97 -19.49 13.50
N GLY B 326 -12.28 -18.85 14.63
CA GLY B 326 -12.42 -17.42 14.63
C GLY B 326 -11.18 -16.65 15.05
N THR B 327 -10.35 -16.32 14.06
CA THR B 327 -9.42 -15.18 14.06
C THR B 327 -8.20 -15.26 14.98
N HIS B 328 -8.17 -16.14 15.99
CA HIS B 328 -6.92 -16.33 16.71
C HIS B 328 -6.58 -17.81 16.83
N LYS B 329 -7.50 -18.56 17.42
CA LYS B 329 -7.63 -20.01 17.26
C LYS B 329 -6.29 -20.73 17.19
N CYS B 330 -5.54 -20.62 18.28
CA CYS B 330 -4.50 -21.59 18.59
C CYS B 330 -4.03 -21.32 20.02
N HIS B 331 -3.10 -22.13 20.49
CA HIS B 331 -2.57 -21.96 21.84
C HIS B 331 -1.73 -20.70 21.86
N LEU B 332 -2.32 -19.61 22.32
CA LEU B 332 -1.60 -18.37 22.59
C LEU B 332 -0.84 -17.92 21.35
N ASN B 333 -1.58 -17.69 20.27
CA ASN B 333 -0.99 -17.12 19.07
C ASN B 333 -0.23 -15.83 19.41
N ASN B 334 -0.91 -14.92 20.10
CA ASN B 334 -0.33 -13.65 20.51
C ASN B 334 -0.66 -13.30 21.95
N SER B 335 -1.40 -14.16 22.65
CA SER B 335 -1.88 -13.82 23.99
C SER B 335 -0.75 -13.77 25.02
N GLU B 336 0.45 -14.19 24.66
CA GLU B 336 1.56 -14.21 25.61
C GLU B 336 2.74 -13.40 25.11
N CYS B 337 2.88 -13.27 23.79
CA CYS B 337 4.08 -12.67 23.22
C CYS B 337 3.80 -11.39 22.43
N MET B 338 2.75 -11.38 21.61
CA MET B 338 2.56 -10.28 20.67
C MET B 338 2.43 -8.92 21.34
N PRO B 339 1.60 -8.72 22.37
CA PRO B 339 1.53 -7.38 22.99
C PRO B 339 2.88 -6.88 23.45
N ILE B 340 3.75 -7.76 23.96
CA ILE B 340 5.09 -7.33 24.34
C ILE B 340 5.83 -6.77 23.13
N LYS B 341 5.76 -7.47 22.00
CA LYS B 341 6.43 -7.04 20.78
C LYS B 341 5.42 -7.06 19.64
N GLY B 342 5.03 -5.88 19.17
CA GLY B 342 4.14 -5.80 18.03
C GLY B 342 4.82 -6.29 16.77
N LEU B 343 4.03 -6.34 15.69
CA LEU B 343 4.50 -6.86 14.42
C LEU B 343 5.09 -8.26 14.60
N GLY B 344 4.40 -9.07 15.40
CA GLY B 344 4.87 -10.41 15.66
C GLY B 344 4.95 -11.26 14.41
N PHE B 345 4.03 -11.04 13.47
CA PHE B 345 3.99 -11.80 12.23
C PHE B 345 3.83 -13.30 12.50
N VAL B 346 2.77 -13.62 13.26
CA VAL B 346 2.49 -15.02 13.60
C VAL B 346 2.13 -15.86 12.40
N LEU B 347 1.46 -15.29 11.40
CA LEU B 347 0.97 -16.06 10.25
C LEU B 347 1.94 -16.00 9.08
N GLY B 348 2.21 -14.82 8.57
CA GLY B 348 2.83 -14.69 7.27
C GLY B 348 1.82 -15.05 6.19
N ALA B 349 1.46 -16.34 6.15
CA ALA B 349 0.37 -16.80 5.30
C ALA B 349 -0.65 -17.67 6.01
N TYR B 350 -0.30 -18.29 7.14
CA TYR B 350 -1.24 -19.13 7.89
C TYR B 350 -0.94 -18.93 9.36
N GLU B 351 -1.88 -18.34 10.10
CA GLU B 351 -1.65 -17.91 11.47
C GLU B 351 -1.66 -19.11 12.39
N CYS B 352 -0.47 -19.55 12.80
CA CYS B 352 -0.33 -20.47 13.93
C CYS B 352 -1.18 -21.72 13.69
N ILE B 353 -0.79 -22.45 12.64
CA ILE B 353 -1.60 -23.50 12.03
C ILE B 353 -2.27 -24.35 13.09
N CYS B 354 -3.57 -24.58 12.92
CA CYS B 354 -4.43 -25.14 13.95
C CYS B 354 -4.60 -26.63 13.71
N LYS B 355 -5.56 -27.25 14.42
CA LYS B 355 -5.73 -28.69 14.35
C LYS B 355 -5.75 -29.18 12.91
N ALA B 356 -6.45 -28.44 12.04
CA ALA B 356 -6.49 -28.79 10.61
C ALA B 356 -6.96 -30.23 10.52
N GLY B 357 -6.29 -31.10 9.76
CA GLY B 357 -6.59 -32.51 9.72
C GLY B 357 -7.20 -32.98 8.42
N PHE B 358 -8.02 -32.16 7.78
CA PHE B 358 -8.66 -32.60 6.54
C PHE B 358 -7.61 -32.96 5.50
N TYR B 359 -6.61 -32.11 5.34
CA TYR B 359 -5.48 -32.36 4.46
C TYR B 359 -4.44 -31.29 4.72
N HIS B 360 -3.35 -31.31 3.95
CA HIS B 360 -2.28 -30.31 4.04
C HIS B 360 -2.29 -29.50 2.76
N PRO B 361 -2.86 -28.31 2.77
CA PRO B 361 -2.97 -27.51 1.54
C PRO B 361 -1.67 -26.78 1.24
N GLY B 362 -1.61 -26.17 0.07
CA GLY B 362 -0.43 -25.51 -0.40
C GLY B 362 -0.16 -24.15 0.21
N VAL B 363 -1.04 -23.68 1.10
CA VAL B 363 -0.84 -22.37 1.73
C VAL B 363 0.27 -22.38 2.76
N LEU B 364 0.92 -23.52 2.99
CA LEU B 364 2.06 -23.59 3.91
C LEU B 364 1.65 -23.16 5.31
N PRO B 365 0.87 -23.97 6.03
CA PRO B 365 0.50 -23.61 7.41
C PRO B 365 1.69 -23.15 8.23
N VAL B 366 1.67 -21.89 8.65
CA VAL B 366 2.81 -21.29 9.35
C VAL B 366 2.63 -21.49 10.85
N ASN B 367 3.57 -22.21 11.46
CA ASN B 367 3.53 -22.53 12.89
C ASN B 367 4.71 -21.86 13.58
N ASN B 368 4.43 -21.18 14.69
CA ASN B 368 5.46 -20.48 15.46
C ASN B 368 6.20 -19.48 14.57
N PHE B 369 5.49 -18.95 13.57
CA PHE B 369 6.11 -18.04 12.61
C PHE B 369 6.29 -16.63 13.14
N ARG B 370 5.75 -16.33 14.33
CA ARG B 370 5.85 -14.98 14.86
C ARG B 370 7.31 -14.66 15.14
N ARG B 371 7.91 -13.83 14.28
CA ARG B 371 9.29 -13.39 14.45
C ARG B 371 9.42 -12.20 15.39
N ARG B 372 8.68 -11.13 15.12
CA ARG B 372 8.57 -9.97 15.99
C ARG B 372 9.87 -9.20 16.13
N GLY B 373 10.94 -9.64 15.46
CA GLY B 373 12.21 -8.96 15.53
C GLY B 373 12.66 -8.74 16.96
N PRO B 374 12.73 -7.46 17.39
CA PRO B 374 13.23 -7.19 18.75
C PRO B 374 12.22 -7.52 19.83
N ASP B 375 12.54 -7.14 21.07
CA ASP B 375 11.64 -7.30 22.21
C ASP B 375 11.62 -8.76 22.68
N GLN B 376 11.01 -9.01 23.82
CA GLN B 376 10.99 -10.36 24.37
C GLN B 376 10.26 -11.31 23.44
N HIS B 377 9.13 -10.87 22.89
CA HIS B 377 8.43 -11.64 21.87
C HIS B 377 9.35 -11.77 20.65
N ILE B 378 9.81 -12.99 20.39
CA ILE B 378 10.71 -13.24 19.28
C ILE B 378 10.36 -14.56 18.62
N SER B 379 11.13 -14.95 17.60
CA SER B 379 11.00 -16.29 17.05
C SER B 379 11.18 -17.33 18.15
N GLY B 380 12.05 -17.06 19.12
CA GLY B 380 12.10 -17.85 20.33
C GLY B 380 12.40 -19.31 20.10
N SER B 381 13.44 -19.60 19.31
CA SER B 381 13.88 -20.97 19.10
C SER B 381 14.72 -21.44 20.29
N THR B 382 14.09 -21.44 21.47
CA THR B 382 14.76 -21.75 22.72
C THR B 382 14.24 -23.04 23.34
N LYS B 383 12.93 -23.15 23.58
CA LYS B 383 12.40 -24.30 24.30
C LYS B 383 10.90 -24.43 24.03
N ASP B 384 10.36 -25.59 24.40
CA ASP B 384 8.93 -25.87 24.29
C ASP B 384 8.46 -25.75 22.84
N VAL B 385 9.07 -26.57 21.97
CA VAL B 385 8.76 -26.55 20.54
C VAL B 385 7.90 -27.77 20.21
N SER B 386 6.59 -27.58 20.17
CA SER B 386 5.65 -28.66 19.91
C SER B 386 4.29 -28.03 19.62
N GLU B 387 3.25 -28.87 19.57
CA GLU B 387 1.90 -28.35 19.43
C GLU B 387 1.57 -27.36 20.53
N GLU B 388 2.19 -27.52 21.69
CA GLU B 388 2.10 -26.54 22.79
C GLU B 388 3.44 -25.82 22.87
N ALA B 389 3.49 -24.60 22.34
CA ALA B 389 4.70 -23.78 22.29
C ALA B 389 4.40 -22.38 22.82
N TYR B 390 3.77 -22.32 24.00
CA TYR B 390 3.26 -21.07 24.53
C TYR B 390 4.35 -20.09 24.94
N VAL B 391 5.61 -20.50 24.94
CA VAL B 391 6.67 -19.68 25.51
C VAL B 391 6.98 -18.51 24.58
N CYS B 392 7.52 -18.81 23.41
CA CYS B 392 7.89 -17.80 22.42
C CYS B 392 8.58 -16.60 23.07
N LEU B 393 9.28 -16.84 24.18
CA LEU B 393 9.73 -15.77 25.08
C LEU B 393 11.25 -15.77 25.15
N PRO B 394 11.91 -15.14 24.18
CA PRO B 394 13.38 -15.07 24.24
C PRO B 394 13.93 -14.12 23.21
N CYS B 395 15.25 -14.09 23.05
CA CYS B 395 15.91 -13.33 21.99
C CYS B 395 15.58 -11.84 22.10
N ARG B 396 15.95 -11.25 23.23
CA ARG B 396 15.74 -9.82 23.46
C ARG B 396 16.77 -9.34 24.48
N GLU B 397 17.84 -8.70 23.98
CA GLU B 397 18.83 -8.09 24.87
C GLU B 397 19.42 -6.88 24.15
N GLY B 398 18.82 -5.72 24.39
CA GLY B 398 19.37 -4.46 23.92
C GLY B 398 19.23 -4.16 22.45
N CYS B 399 19.11 -5.19 21.62
CA CYS B 399 19.12 -5.01 20.17
C CYS B 399 18.21 -6.05 19.55
N PRO B 400 17.94 -5.94 18.23
CA PRO B 400 17.02 -6.91 17.60
C PRO B 400 17.70 -8.23 17.26
N PHE B 401 18.51 -8.76 18.18
CA PHE B 401 19.20 -10.03 18.01
C PHE B 401 18.59 -11.03 18.98
N CYS B 402 19.14 -12.24 18.99
CA CYS B 402 18.73 -13.27 19.94
C CYS B 402 19.76 -13.59 20.99
N ALA B 403 21.04 -13.42 20.69
CA ALA B 403 22.08 -13.73 21.66
C ALA B 403 21.96 -12.80 22.87
N ASP B 404 22.69 -13.15 23.92
CA ASP B 404 22.74 -12.30 25.10
C ASP B 404 23.35 -10.94 24.73
N ASP B 405 23.01 -9.93 25.51
CA ASP B 405 23.53 -8.59 25.24
C ASP B 405 25.05 -8.64 25.18
N SER B 406 25.60 -8.18 24.08
CA SER B 406 27.03 -8.29 23.82
C SER B 406 27.36 -7.63 22.48
N PRO B 407 26.63 -7.93 21.41
CA PRO B 407 26.84 -7.19 20.16
C PRO B 407 26.37 -5.76 20.29
N CYS B 408 25.21 -5.59 20.92
CA CYS B 408 24.61 -4.27 21.02
C CYS B 408 25.48 -3.33 21.83
N PHE B 409 26.09 -3.81 22.91
CA PHE B 409 26.90 -2.99 23.80
C PHE B 409 28.26 -3.64 23.95
N VAL B 410 29.30 -2.88 23.64
CA VAL B 410 30.65 -3.43 23.72
C VAL B 410 30.97 -3.79 25.17
N GLN B 411 31.93 -4.70 25.34
CA GLN B 411 32.36 -5.10 26.66
C GLN B 411 32.92 -3.89 27.42
N GLU B 412 32.59 -3.83 28.71
CA GLU B 412 33.17 -2.85 29.63
C GLU B 412 34.07 -3.57 30.62
N ASP B 413 35.20 -2.96 30.95
CA ASP B 413 36.06 -3.45 32.01
C ASP B 413 35.97 -2.53 33.22
N LYS B 414 36.31 -3.07 34.38
CA LYS B 414 36.42 -2.28 35.59
C LYS B 414 37.87 -2.09 36.03
N TYR B 415 38.77 -2.99 35.65
CA TYR B 415 40.19 -2.80 35.94
C TYR B 415 40.78 -1.62 35.21
N LEU B 416 40.08 -1.06 34.23
CA LEU B 416 40.53 0.11 33.50
C LEU B 416 39.61 1.31 33.68
N ARG B 417 38.30 1.10 33.76
CA ARG B 417 37.36 2.20 33.85
C ARG B 417 37.10 2.65 35.29
N LEU B 418 37.76 2.06 36.28
CA LEU B 418 37.45 2.36 37.67
C LEU B 418 38.53 3.21 38.33
N ALA B 419 39.78 2.74 38.37
CA ALA B 419 40.83 3.53 39.00
C ALA B 419 41.07 4.82 38.24
N ILE B 420 40.77 4.86 36.95
CA ILE B 420 41.10 6.03 36.15
C ILE B 420 40.40 7.26 36.70
N ILE B 421 39.24 7.10 37.33
CA ILE B 421 38.55 8.23 37.91
C ILE B 421 39.00 8.47 39.34
N SER B 422 39.32 7.42 40.07
CA SER B 422 39.80 7.63 41.44
C SER B 422 41.10 8.42 41.44
N PHE B 423 42.00 8.11 40.51
CA PHE B 423 43.27 8.84 40.44
C PHE B 423 43.04 10.30 40.10
N GLN B 424 42.16 10.58 39.14
CA GLN B 424 41.91 11.96 38.76
C GLN B 424 41.23 12.74 39.87
N ALA B 425 40.34 12.10 40.63
CA ALA B 425 39.81 12.75 41.82
C ALA B 425 40.93 13.15 42.76
N LEU B 426 41.93 12.30 42.96
CA LEU B 426 43.05 12.64 43.81
C LEU B 426 43.86 13.80 43.25
N CYS B 427 44.11 13.80 41.95
CA CYS B 427 44.82 14.92 41.35
C CYS B 427 44.08 16.23 41.60
N MET B 428 42.76 16.22 41.41
CA MET B 428 41.98 17.44 41.62
C MET B 428 42.11 17.91 43.06
N LEU B 429 41.96 16.99 44.01
CA LEU B 429 42.01 17.38 45.41
C LEU B 429 43.38 17.93 45.79
N LEU B 430 44.44 17.30 45.27
CA LEU B 430 45.78 17.82 45.52
C LEU B 430 45.93 19.21 44.92
N ASP B 431 45.39 19.44 43.72
CA ASP B 431 45.50 20.75 43.11
C ASP B 431 44.79 21.81 43.95
N PHE B 432 43.61 21.47 44.47
CA PHE B 432 42.89 22.39 45.35
C PHE B 432 43.71 22.73 46.58
N VAL B 433 44.27 21.70 47.23
CA VAL B 433 45.07 21.95 48.42
C VAL B 433 46.29 22.78 48.08
N SER B 434 46.84 22.60 46.87
CA SER B 434 47.99 23.39 46.47
C SER B 434 47.61 24.85 46.26
N MET B 435 46.45 25.11 45.66
CA MET B 435 45.94 26.48 45.62
C MET B 435 45.96 27.08 47.00
N LEU B 436 45.37 26.36 47.96
CA LEU B 436 45.34 26.89 49.33
C LEU B 436 46.75 27.13 49.86
N VAL B 437 47.65 26.18 49.62
CA VAL B 437 49.02 26.33 50.11
C VAL B 437 49.62 27.64 49.61
N VAL B 438 49.42 27.93 48.32
CA VAL B 438 49.92 29.21 47.82
C VAL B 438 49.19 30.36 48.48
N TYR B 439 47.91 30.18 48.79
CA TYR B 439 47.20 31.22 49.53
C TYR B 439 47.86 31.48 50.89
N HIS B 440 48.60 30.51 51.41
CA HIS B 440 49.26 30.64 52.69
C HIS B 440 50.71 31.08 52.58
N PHE B 441 51.20 31.39 51.38
CA PHE B 441 52.56 31.89 51.19
C PHE B 441 52.51 33.09 50.24
N ARG B 442 52.73 34.28 50.77
CA ARG B 442 52.81 35.51 49.97
C ARG B 442 54.20 36.11 49.95
N LYS B 443 54.95 36.01 51.05
CA LYS B 443 56.33 36.42 51.05
C LYS B 443 57.11 35.31 50.36
N ALA B 444 58.42 35.24 50.55
CA ALA B 444 59.26 34.38 49.73
C ALA B 444 59.25 34.88 48.27
N LYS B 445 59.92 36.02 48.11
CA LYS B 445 59.95 36.81 46.88
C LYS B 445 60.11 35.95 45.63
N SER B 446 60.70 34.77 45.77
CA SER B 446 60.82 33.86 44.64
C SER B 446 59.52 33.81 43.85
N ILE B 447 58.38 33.78 44.54
CA ILE B 447 57.08 33.80 43.88
C ILE B 447 56.61 35.20 43.57
N ARG B 448 57.15 36.22 44.24
CA ARG B 448 56.76 37.59 43.94
C ARG B 448 56.89 37.89 42.45
N ALA B 449 57.96 37.40 41.82
CA ALA B 449 58.18 37.71 40.41
C ALA B 449 57.02 37.24 39.54
N SER B 450 56.24 36.26 39.99
CA SER B 450 55.08 35.77 39.27
C SER B 450 53.79 36.42 39.74
N GLY B 451 53.68 36.70 41.03
CA GLY B 451 52.50 37.35 41.55
C GLY B 451 51.40 36.39 41.90
N LEU B 452 50.81 36.54 43.08
CA LEU B 452 49.77 35.63 43.53
C LEU B 452 48.62 35.60 42.53
N ILE B 453 48.19 36.77 42.07
CA ILE B 453 46.97 36.89 41.28
C ILE B 453 47.09 36.05 40.02
N LEU B 454 48.30 35.88 39.52
CA LEU B 454 48.49 35.12 38.28
C LEU B 454 48.62 33.63 38.54
N LEU B 455 49.47 33.23 39.49
CA LEU B 455 49.62 31.81 39.77
C LEU B 455 48.30 31.20 40.19
N GLU B 456 47.50 31.96 40.95
CA GLU B 456 46.18 31.47 41.30
C GLU B 456 45.32 31.25 40.06
N THR B 457 45.39 32.17 39.10
CA THR B 457 44.61 31.99 37.88
C THR B 457 45.04 30.74 37.15
N ILE B 458 46.35 30.47 37.10
CA ILE B 458 46.80 29.25 36.42
C ILE B 458 46.31 28.02 37.16
N LEU B 459 46.48 28.00 38.49
CA LEU B 459 46.07 26.84 39.27
C LEU B 459 44.57 26.66 39.25
N PHE B 460 43.81 27.66 38.84
CA PHE B 460 42.38 27.46 38.66
C PHE B 460 42.05 27.01 37.24
N GLY B 461 42.66 27.62 36.24
CA GLY B 461 42.41 27.23 34.88
C GLY B 461 42.70 25.76 34.72
N SER B 462 43.65 25.28 35.51
CA SER B 462 43.96 23.85 35.48
C SER B 462 42.74 23.00 35.86
N LEU B 463 42.01 23.39 36.90
CA LEU B 463 40.82 22.63 37.27
C LEU B 463 39.87 22.52 36.09
N LEU B 464 39.56 23.64 35.45
CA LEU B 464 38.67 23.60 34.29
C LEU B 464 39.23 22.65 33.25
N LEU B 465 40.55 22.68 33.03
CA LEU B 465 41.14 21.77 32.06
C LEU B 465 41.07 20.32 32.49
N TYR B 466 40.83 20.05 33.77
CA TYR B 466 40.76 18.70 34.31
C TYR B 466 39.39 18.06 34.19
N PHE B 467 38.49 18.59 33.37
CA PHE B 467 37.15 18.02 33.32
C PHE B 467 36.79 17.54 31.92
N PRO B 468 37.71 16.94 31.16
CA PRO B 468 37.27 16.18 29.97
C PRO B 468 37.22 14.69 30.23
N VAL B 469 37.74 14.26 31.38
CA VAL B 469 37.76 12.84 31.73
C VAL B 469 36.58 12.47 32.61
N VAL B 470 36.35 13.22 33.69
CA VAL B 470 35.22 12.93 34.56
C VAL B 470 33.93 12.97 33.76
N ILE B 471 33.81 13.93 32.84
CA ILE B 471 32.63 14.01 31.99
C ILE B 471 32.50 12.77 31.13
N LEU B 472 33.63 12.27 30.62
CA LEU B 472 33.58 11.09 29.76
C LEU B 472 33.29 9.81 30.52
N TYR B 473 33.17 9.87 31.86
CA TYR B 473 32.97 8.65 32.64
C TYR B 473 31.54 8.17 32.62
N PHE B 474 30.60 8.98 32.13
CA PHE B 474 29.19 8.66 32.15
C PHE B 474 28.67 8.46 30.72
N GLU B 475 27.36 8.28 30.61
CA GLU B 475 26.76 8.09 29.29
C GLU B 475 26.83 9.39 28.49
N PRO B 476 27.02 9.31 27.17
CA PRO B 476 27.11 10.53 26.35
C PRO B 476 25.75 11.15 26.02
N SER B 477 25.28 11.99 26.93
CA SER B 477 24.06 12.76 26.70
C SER B 477 24.39 13.94 25.76
N THR B 478 23.48 14.90 25.67
CA THR B 478 23.77 16.14 24.94
C THR B 478 24.34 17.20 25.86
N PHE B 479 23.78 17.34 27.06
CA PHE B 479 24.30 18.32 28.01
C PHE B 479 25.78 18.06 28.30
N ARG B 480 26.13 16.80 28.56
CA ARG B 480 27.52 16.47 28.78
C ARG B 480 28.35 16.66 27.51
N CYS B 481 27.82 16.28 26.36
CA CYS B 481 28.56 16.45 25.12
C CYS B 481 28.77 17.92 24.77
N ILE B 482 28.07 18.84 25.42
CA ILE B 482 28.36 20.26 25.26
C ILE B 482 29.34 20.75 26.33
N LEU B 483 29.14 20.30 27.57
CA LEU B 483 30.10 20.65 28.60
C LEU B 483 31.50 20.25 28.20
N LEU B 484 31.63 19.18 27.42
CA LEU B 484 32.96 18.72 27.07
C LEU B 484 33.76 19.78 26.33
N ARG B 485 33.10 20.55 25.45
CA ARG B 485 33.79 21.66 24.80
C ARG B 485 33.85 22.89 25.68
N TRP B 486 32.75 23.18 26.39
CA TRP B 486 32.72 24.40 27.19
C TRP B 486 33.83 24.42 28.21
N ALA B 487 34.12 23.28 28.84
CA ALA B 487 35.19 23.24 29.83
C ALA B 487 36.56 23.33 29.18
N ARG B 488 36.78 22.55 28.11
CA ARG B 488 38.11 22.46 27.53
C ARG B 488 38.56 23.81 26.99
N LEU B 489 37.68 24.50 26.26
CA LEU B 489 38.11 25.74 25.62
C LEU B 489 38.44 26.81 26.65
N LEU B 490 37.60 26.98 27.66
CA LEU B 490 37.88 27.97 28.69
C LEU B 490 39.16 27.63 29.45
N GLY B 491 39.33 26.37 29.82
CA GLY B 491 40.54 25.99 30.53
C GLY B 491 41.78 26.34 29.73
N PHE B 492 41.79 25.99 28.45
CA PHE B 492 42.94 26.33 27.62
C PHE B 492 43.16 27.83 27.57
N ALA B 493 42.11 28.59 27.22
CA ALA B 493 42.29 30.02 27.03
C ALA B 493 42.75 30.72 28.30
N THR B 494 42.45 30.15 29.46
CA THR B 494 42.99 30.71 30.70
C THR B 494 44.46 30.33 30.89
N VAL B 495 44.76 29.03 30.87
CA VAL B 495 46.13 28.60 31.19
C VAL B 495 47.13 29.19 30.20
N TYR B 496 47.03 28.81 28.93
CA TYR B 496 47.96 29.40 27.97
C TYR B 496 47.37 30.66 27.35
N GLY B 497 46.82 31.50 28.21
CA GLY B 497 46.50 32.85 27.84
C GLY B 497 47.07 33.76 28.89
N THR B 498 47.34 33.19 30.06
CA THR B 498 48.14 33.89 31.06
C THR B 498 49.62 33.55 30.98
N VAL B 499 49.98 32.31 30.68
CA VAL B 499 51.41 31.99 30.56
C VAL B 499 52.03 32.81 29.43
N THR B 500 51.37 32.83 28.28
CA THR B 500 51.91 33.58 27.15
C THR B 500 52.03 35.05 27.47
N LEU B 501 51.03 35.61 28.16
CA LEU B 501 51.08 37.03 28.47
C LEU B 501 52.20 37.35 29.43
N LYS B 502 52.46 36.49 30.41
CA LYS B 502 53.61 36.72 31.29
C LYS B 502 54.90 36.67 30.50
N LEU B 503 55.03 35.70 29.60
CA LEU B 503 56.23 35.62 28.79
C LEU B 503 56.37 36.85 27.91
N HIS B 504 55.25 37.47 27.55
CA HIS B 504 55.31 38.69 26.75
C HIS B 504 55.71 39.89 27.60
N ARG B 505 55.21 39.95 28.83
CA ARG B 505 55.55 41.05 29.72
C ARG B 505 57.04 41.07 30.01
N VAL B 506 57.62 39.89 30.24
CA VAL B 506 59.06 39.86 30.49
C VAL B 506 59.82 40.45 29.31
N LEU B 507 59.48 40.03 28.09
CA LEU B 507 60.18 40.52 26.91
C LEU B 507 60.02 42.03 26.78
N LYS B 508 58.79 42.53 26.98
CA LYS B 508 58.58 43.97 26.82
C LYS B 508 59.39 44.75 27.84
N VAL B 509 59.36 44.33 29.10
CA VAL B 509 60.12 45.06 30.12
C VAL B 509 61.60 45.05 29.78
N PHE B 510 62.12 43.92 29.30
CA PHE B 510 63.53 43.88 28.96
C PHE B 510 63.85 44.84 27.82
N LEU B 511 63.04 44.82 26.77
CA LEU B 511 63.33 45.67 25.61
C LEU B 511 63.08 47.14 25.92
N SER B 512 62.35 47.42 27.01
CA SER B 512 62.06 48.80 27.39
C SER B 512 63.08 49.38 28.36
N ARG B 513 63.54 48.59 29.34
CA ARG B 513 64.46 49.12 30.34
C ARG B 513 65.75 49.59 29.70
N THR B 514 66.19 48.95 28.62
CA THR B 514 67.41 49.38 27.95
C THR B 514 67.29 50.81 27.44
N ALA B 515 66.06 51.33 27.30
CA ALA B 515 65.83 52.75 27.08
C ALA B 515 64.80 53.23 28.10
N GLN B 516 65.27 53.50 29.32
CA GLN B 516 64.64 54.42 30.26
C GLN B 516 63.18 54.15 30.59
N ARG B 517 62.64 52.99 30.21
CA ARG B 517 61.19 52.81 30.21
C ARG B 517 60.80 51.48 30.84
N ILE B 518 59.76 51.52 31.67
CA ILE B 518 59.20 50.35 32.34
C ILE B 518 57.68 50.50 32.38
N PRO B 519 56.96 50.24 31.29
CA PRO B 519 55.53 50.55 31.25
C PRO B 519 54.67 49.52 31.95
N TYR B 520 55.09 48.26 31.89
CA TYR B 520 54.23 47.14 32.25
C TYR B 520 54.18 46.96 33.76
N MET B 521 53.17 46.22 34.21
CA MET B 521 53.00 45.95 35.63
C MET B 521 52.22 44.65 35.78
N THR B 522 52.23 44.11 37.00
CA THR B 522 51.62 42.82 37.28
C THR B 522 50.10 42.97 37.27
N GLY B 523 49.38 41.98 37.81
CA GLY B 523 47.94 41.97 37.80
C GLY B 523 47.34 43.36 37.88
N GLY B 524 46.38 43.62 37.01
CA GLY B 524 45.89 44.98 36.79
C GLY B 524 46.24 45.43 35.40
N ARG B 525 47.32 44.88 34.86
CA ARG B 525 47.74 45.11 33.48
C ARG B 525 47.60 43.86 32.63
N VAL B 526 48.15 42.74 33.08
CA VAL B 526 48.02 41.50 32.33
C VAL B 526 46.57 41.03 32.35
N MET B 527 45.90 41.16 33.48
CA MET B 527 44.56 40.58 33.61
C MET B 527 43.59 41.20 32.61
N ARG B 528 43.61 42.52 32.47
CA ARG B 528 42.69 43.15 31.53
C ARG B 528 43.01 42.73 30.10
N MET B 529 44.29 42.61 29.76
CA MET B 529 44.62 42.12 28.43
C MET B 529 44.07 40.72 28.21
N LEU B 530 44.15 39.85 29.22
CA LEU B 530 43.59 38.52 29.11
C LEU B 530 42.07 38.55 28.99
N ALA B 531 41.44 39.57 29.56
CA ALA B 531 40.00 39.68 29.47
C ALA B 531 39.52 39.69 28.03
N VAL B 532 40.32 40.21 27.11
CA VAL B 532 39.93 40.21 25.70
C VAL B 532 39.84 38.80 25.16
N ILE B 533 40.84 37.97 25.47
CA ILE B 533 40.81 36.59 25.01
C ILE B 533 39.62 35.88 25.60
N LEU B 534 39.33 36.13 26.88
CA LEU B 534 38.17 35.49 27.49
C LEU B 534 36.88 35.95 26.83
N LEU B 535 36.78 37.23 26.47
CA LEU B 535 35.58 37.69 25.77
C LEU B 535 35.41 36.99 24.44
N VAL B 536 36.49 36.90 23.67
CA VAL B 536 36.38 36.27 22.35
C VAL B 536 35.94 34.83 22.50
N VAL B 537 36.54 34.10 23.44
CA VAL B 537 36.20 32.69 23.60
C VAL B 537 34.76 32.53 24.06
N PHE B 538 34.33 33.33 25.05
CA PHE B 538 32.92 33.31 25.43
C PHE B 538 32.04 33.49 24.22
N TRP B 539 32.35 34.48 23.39
CA TRP B 539 31.49 34.79 22.26
C TRP B 539 31.40 33.62 21.31
N PHE B 540 32.54 33.03 20.95
CA PHE B 540 32.50 31.91 20.03
C PHE B 540 31.71 30.75 20.61
N LEU B 541 31.93 30.45 21.89
CA LEU B 541 31.21 29.33 22.49
C LEU B 541 29.72 29.58 22.48
N ILE B 542 29.30 30.81 22.78
CA ILE B 542 27.87 31.11 22.77
C ILE B 542 27.31 30.90 21.38
N GLY B 543 28.00 31.41 20.37
CA GLY B 543 27.53 31.21 19.00
C GLY B 543 27.39 29.74 18.66
N TRP B 544 28.41 28.96 18.99
CA TRP B 544 28.40 27.54 18.63
C TRP B 544 27.29 26.80 19.36
N THR B 545 27.13 27.04 20.65
CA THR B 545 26.07 26.39 21.40
C THR B 545 24.71 26.73 20.81
N SER B 546 24.47 28.02 20.56
CA SER B 546 23.17 28.41 20.02
C SER B 546 22.92 27.73 18.69
N SER B 547 23.93 27.69 17.82
CA SER B 547 23.75 27.06 16.53
C SER B 547 23.54 25.57 16.62
N VAL B 548 24.05 24.91 17.66
CA VAL B 548 23.92 23.46 17.74
C VAL B 548 22.62 23.04 18.41
N CYS B 549 22.03 23.90 19.24
CA CYS B 549 20.73 23.61 19.85
C CYS B 549 19.59 24.18 19.02
N GLN B 550 19.77 24.22 17.70
CA GLN B 550 18.76 24.72 16.79
C GLN B 550 18.48 23.67 15.71
N ASN B 551 19.48 22.84 15.41
CA ASN B 551 19.29 21.74 14.48
C ASN B 551 18.73 20.50 15.16
N LEU B 552 18.51 20.53 16.46
CA LEU B 552 17.96 19.37 17.15
C LEU B 552 16.56 19.03 16.65
N GLU B 553 15.86 20.02 16.10
CA GLU B 553 14.53 19.75 15.54
C GLU B 553 14.61 18.79 14.36
N LYS B 554 15.73 18.78 13.62
CA LYS B 554 15.85 17.95 12.43
C LYS B 554 16.75 16.74 12.69
N GLN B 555 17.98 16.95 13.12
CA GLN B 555 18.93 15.88 13.37
C GLN B 555 19.70 16.21 14.64
N ILE B 556 20.15 15.18 15.34
CA ILE B 556 20.87 15.39 16.59
C ILE B 556 22.36 15.51 16.30
N SER B 557 22.90 14.63 15.46
CA SER B 557 24.29 14.68 15.03
C SER B 557 25.25 14.81 16.20
N LEU B 558 24.86 14.32 17.37
CA LEU B 558 25.68 14.39 18.58
C LEU B 558 26.00 13.02 19.16
N ILE B 559 25.00 12.18 19.37
CA ILE B 559 25.19 10.88 19.98
C ILE B 559 25.10 9.85 18.85
N GLY B 560 26.26 9.51 18.27
CA GLY B 560 26.33 8.57 17.18
C GLY B 560 26.84 7.22 17.64
N GLN B 561 27.01 6.33 16.65
CA GLN B 561 27.52 4.99 16.92
C GLN B 561 28.47 4.59 15.80
N GLY B 562 29.38 3.68 16.14
CA GLY B 562 30.37 3.21 15.20
C GLY B 562 30.72 1.76 15.45
N LYS B 563 31.43 1.17 14.47
CA LYS B 563 31.85 -0.21 14.54
C LYS B 563 33.35 -0.30 14.75
N THR B 564 33.83 -1.52 14.98
CA THR B 564 35.25 -1.79 15.20
C THR B 564 35.65 -3.07 14.47
N SER B 565 35.18 -3.23 13.24
CA SER B 565 35.58 -4.30 12.35
C SER B 565 35.10 -5.67 12.81
N ASP B 566 34.18 -5.72 13.79
CA ASP B 566 33.62 -6.99 14.22
C ASP B 566 32.11 -6.88 14.43
N HIS B 567 31.46 -5.92 13.77
CA HIS B 567 30.02 -5.70 13.93
C HIS B 567 29.67 -5.49 15.41
N LEU B 568 30.22 -4.42 15.97
CA LEU B 568 29.95 -4.03 17.36
C LEU B 568 29.60 -2.56 17.38
N ILE B 569 28.49 -2.21 18.02
CA ILE B 569 28.01 -0.83 18.04
C ILE B 569 28.12 -0.28 19.45
N PHE B 570 28.55 0.98 19.54
CA PHE B 570 28.70 1.66 20.81
C PHE B 570 28.37 3.14 20.61
N ASN B 571 28.00 3.79 21.71
CA ASN B 571 27.53 5.17 21.68
C ASN B 571 28.68 6.12 21.98
N MET B 572 28.83 7.13 21.12
CA MET B 572 29.92 8.09 21.25
C MET B 572 29.42 9.46 20.81
N CYS B 573 30.29 10.46 20.96
CA CYS B 573 30.02 11.82 20.50
C CYS B 573 30.82 12.07 19.24
N LEU B 574 30.17 12.59 18.21
CA LEU B 574 30.81 12.73 16.92
C LEU B 574 31.60 14.04 16.84
N ILE B 575 32.11 14.34 15.66
CA ILE B 575 32.91 15.52 15.40
C ILE B 575 32.05 16.54 14.65
N ASP B 576 32.11 17.79 15.07
CA ASP B 576 31.21 18.81 14.56
C ASP B 576 31.71 19.49 13.29
N ARG B 577 32.93 19.21 12.86
CA ARG B 577 33.56 19.89 11.72
C ARG B 577 33.96 21.31 12.12
N TRP B 578 33.56 21.73 13.32
CA TRP B 578 34.12 22.93 13.92
C TRP B 578 35.29 22.61 14.83
N ASP B 579 35.29 21.43 15.44
CA ASP B 579 36.39 21.02 16.29
C ASP B 579 37.70 20.94 15.53
N TYR B 580 37.65 20.73 14.22
CA TYR B 580 38.86 20.85 13.43
C TYR B 580 39.42 22.26 13.51
N MET B 581 38.55 23.28 13.45
CA MET B 581 39.02 24.65 13.51
C MET B 581 39.58 24.96 14.89
N THR B 582 38.93 24.49 15.94
CA THR B 582 39.42 24.75 17.29
C THR B 582 40.73 24.04 17.53
N ALA B 583 40.94 22.90 16.86
CA ALA B 583 42.22 22.23 16.98
C ALA B 583 43.36 23.09 16.46
N VAL B 584 43.16 23.76 15.32
CA VAL B 584 44.22 24.56 14.73
C VAL B 584 44.30 25.96 15.33
N ALA B 585 43.22 26.43 15.94
CA ALA B 585 43.26 27.76 16.56
C ALA B 585 44.26 27.81 17.69
N GLU B 586 44.27 26.79 18.55
CA GLU B 586 45.22 26.77 19.65
C GLU B 586 46.64 26.57 19.15
N PHE B 587 46.81 25.80 18.08
CA PHE B 587 48.13 25.66 17.47
C PHE B 587 48.67 27.01 17.01
N LEU B 588 47.87 27.74 16.23
CA LEU B 588 48.29 29.07 15.79
C LEU B 588 48.58 29.96 16.98
N PHE B 589 47.72 29.93 18.00
CA PHE B 589 47.95 30.78 19.15
C PHE B 589 49.30 30.48 19.79
N LEU B 590 49.57 29.20 20.06
CA LEU B 590 50.82 28.85 20.71
C LEU B 590 52.03 29.13 19.83
N LEU B 591 51.84 29.29 18.52
CA LEU B 591 52.96 29.77 17.72
C LEU B 591 53.49 31.11 18.23
N TRP B 592 52.59 32.01 18.63
CA TRP B 592 53.04 33.27 19.22
C TRP B 592 53.88 33.01 20.46
N GLY B 593 53.45 32.06 21.29
CA GLY B 593 54.22 31.75 22.49
C GLY B 593 55.60 31.23 22.17
N VAL B 594 55.69 30.33 21.19
CA VAL B 594 57.01 29.78 20.87
C VAL B 594 57.90 30.86 20.31
N TYR B 595 57.34 31.81 19.53
CA TYR B 595 58.17 32.91 19.07
C TYR B 595 58.68 33.76 20.22
N LEU B 596 57.80 34.07 21.18
CA LEU B 596 58.26 34.74 22.39
C LEU B 596 59.42 33.99 23.01
N CYS B 597 59.26 32.67 23.16
CA CYS B 597 60.33 31.86 23.73
C CYS B 597 61.62 32.07 22.96
N TYR B 598 61.54 32.06 21.62
CA TYR B 598 62.73 32.32 20.81
C TYR B 598 63.32 33.69 21.11
N ALA B 599 62.49 34.68 21.39
CA ALA B 599 63.01 36.02 21.61
C ALA B 599 63.79 36.10 22.91
N VAL B 600 63.11 35.86 24.04
CA VAL B 600 63.76 35.96 25.34
C VAL B 600 64.68 34.76 25.48
N ARG B 601 65.98 34.99 25.33
CA ARG B 601 66.97 33.93 25.51
C ARG B 601 68.18 34.35 26.33
N THR B 602 68.48 35.64 26.44
CA THR B 602 69.70 36.09 27.12
C THR B 602 69.39 37.04 28.27
N VAL B 603 68.13 37.28 28.57
CA VAL B 603 67.78 38.22 29.64
C VAL B 603 68.19 37.61 30.97
N PRO B 604 68.80 38.37 31.88
CA PRO B 604 69.10 37.82 33.20
C PRO B 604 67.82 37.62 34.01
N SER B 605 67.56 36.37 34.38
CA SER B 605 66.38 36.00 35.14
C SER B 605 66.80 35.48 36.50
N ALA B 606 66.11 35.94 37.54
CA ALA B 606 66.49 35.57 38.90
C ALA B 606 66.24 34.10 39.18
N PHE B 607 65.10 33.57 38.74
CA PHE B 607 64.69 32.22 39.05
C PHE B 607 64.45 31.38 37.80
N HIS B 608 64.96 31.82 36.66
CA HIS B 608 64.89 31.05 35.42
C HIS B 608 63.45 30.77 35.00
N GLU B 609 62.50 31.60 35.42
CA GLU B 609 61.11 31.31 35.11
C GLU B 609 60.86 31.17 33.62
N PRO B 610 61.32 32.08 32.76
CA PRO B 610 61.12 31.88 31.32
C PRO B 610 61.67 30.56 30.82
N ARG B 611 62.83 30.15 31.33
CA ARG B 611 63.38 28.86 30.96
C ARG B 611 62.38 27.76 31.25
N TYR B 612 61.71 27.85 32.40
CA TYR B 612 60.68 26.87 32.75
C TYR B 612 59.52 26.94 31.77
N MET B 613 58.95 28.13 31.59
CA MET B 613 57.73 28.25 30.80
C MET B 613 57.93 27.79 29.36
N ALA B 614 59.17 27.88 28.86
CA ALA B 614 59.41 27.41 27.50
C ALA B 614 59.00 25.96 27.34
N VAL B 615 59.34 25.13 28.33
CA VAL B 615 58.92 23.73 28.29
C VAL B 615 57.41 23.64 28.27
N ALA B 616 56.74 24.38 29.16
CA ALA B 616 55.30 24.33 29.24
C ALA B 616 54.64 24.72 27.94
N VAL B 617 55.29 25.53 27.11
CA VAL B 617 54.75 25.94 25.83
C VAL B 617 55.02 24.89 24.74
N HIS B 618 56.26 24.45 24.61
CA HIS B 618 56.56 23.47 23.57
C HIS B 618 55.84 22.15 23.80
N ASN B 619 55.74 21.71 25.06
CA ASN B 619 55.06 20.45 25.34
C ASN B 619 53.65 20.46 24.79
N GLU B 620 52.92 21.55 25.03
CA GLU B 620 51.54 21.61 24.57
C GLU B 620 51.44 22.00 23.10
N LEU B 621 52.53 22.50 22.52
CA LEU B 621 52.56 22.57 21.06
C LEU B 621 52.58 21.19 20.43
N ILE B 622 53.34 20.27 21.01
CA ILE B 622 53.59 18.98 20.34
C ILE B 622 52.55 17.94 20.71
N ILE B 623 52.43 17.67 22.00
CA ILE B 623 51.57 16.58 22.46
C ILE B 623 50.12 16.86 22.06
N SER B 624 49.69 18.12 22.18
CA SER B 624 48.32 18.45 21.84
C SER B 624 48.03 18.13 20.38
N ALA B 625 48.94 18.52 19.48
CA ALA B 625 48.72 18.24 18.07
C ALA B 625 48.66 16.74 17.81
N ILE B 626 49.58 15.99 18.41
CA ILE B 626 49.60 14.55 18.17
C ILE B 626 48.29 13.92 18.64
N PHE B 627 47.87 14.28 19.86
CA PHE B 627 46.66 13.72 20.41
C PHE B 627 45.45 14.08 19.58
N HIS B 628 45.40 15.33 19.10
CA HIS B 628 44.25 15.74 18.31
C HIS B 628 44.16 14.94 17.02
N THR B 629 45.26 14.82 16.29
CA THR B 629 45.22 14.07 15.04
C THR B 629 44.81 12.63 15.29
N ILE B 630 45.39 12.01 16.31
CA ILE B 630 45.08 10.61 16.60
C ILE B 630 43.59 10.47 16.93
N ARG B 631 43.06 11.37 17.76
CA ARG B 631 41.66 11.29 18.13
C ARG B 631 40.76 11.47 16.93
N PHE B 632 41.12 12.37 16.01
CA PHE B 632 40.22 12.65 14.90
C PHE B 632 40.23 11.54 13.86
N VAL B 633 41.41 11.00 13.52
CA VAL B 633 41.46 10.06 12.41
C VAL B 633 40.81 8.73 12.78
N LEU B 634 41.12 8.21 13.97
CA LEU B 634 40.58 6.93 14.40
C LEU B 634 39.28 7.15 15.19
N ALA B 635 38.38 7.91 14.59
CA ALA B 635 37.19 8.36 15.32
C ALA B 635 36.26 7.21 15.65
N SER B 636 35.71 6.57 14.61
CA SER B 636 34.71 5.53 14.83
C SER B 636 35.32 4.16 15.07
N ARG B 637 36.59 3.97 14.77
CA ARG B 637 37.24 2.68 14.91
C ARG B 637 37.80 2.46 16.31
N LEU B 638 37.49 3.36 17.25
CA LEU B 638 38.06 3.31 18.59
C LEU B 638 36.97 2.99 19.60
N GLN B 639 37.29 2.08 20.51
CA GLN B 639 36.35 1.68 21.54
C GLN B 639 36.10 2.82 22.51
N SER B 640 35.04 2.69 23.31
CA SER B 640 34.75 3.70 24.31
C SER B 640 35.83 3.72 25.41
N ASP B 641 36.12 2.55 25.98
CA ASP B 641 37.14 2.50 27.01
C ASP B 641 38.48 2.92 26.46
N TRP B 642 38.75 2.60 25.20
CA TRP B 642 39.98 3.05 24.58
C TRP B 642 40.04 4.57 24.53
N MET B 643 38.92 5.21 24.20
CA MET B 643 38.87 6.66 24.20
C MET B 643 39.13 7.21 25.59
N LEU B 644 38.56 6.59 26.62
CA LEU B 644 38.81 7.06 27.98
C LEU B 644 40.29 6.97 28.31
N MET B 645 40.92 5.85 27.94
CA MET B 645 42.34 5.69 28.20
C MET B 645 43.15 6.79 27.53
N LEU B 646 42.87 7.04 26.25
CA LEU B 646 43.64 8.05 25.54
C LEU B 646 43.44 9.43 26.14
N TYR B 647 42.20 9.77 26.50
CA TYR B 647 41.94 11.07 27.10
C TYR B 647 42.71 11.24 28.40
N PHE B 648 42.68 10.22 29.25
CA PHE B 648 43.42 10.33 30.50
C PHE B 648 44.91 10.47 30.24
N ALA B 649 45.45 9.70 29.30
CA ALA B 649 46.87 9.80 29.00
C ALA B 649 47.23 11.21 28.57
N HIS B 650 46.51 11.75 27.59
CA HIS B 650 46.84 13.09 27.10
C HIS B 650 46.71 14.13 28.21
N THR B 651 45.62 14.07 28.98
CA THR B 651 45.41 15.09 30.00
C THR B 651 46.52 15.08 31.02
N HIS B 652 46.97 13.89 31.43
CA HIS B 652 48.02 13.79 32.44
C HIS B 652 49.42 13.83 31.86
N LEU B 653 49.56 13.94 30.55
CA LEU B 653 50.87 14.08 29.94
C LEU B 653 51.22 15.54 29.61
N THR B 654 50.24 16.43 29.60
CA THR B 654 50.50 17.84 29.32
C THR B 654 50.09 18.74 30.48
N VAL B 655 48.87 18.58 31.00
CA VAL B 655 48.38 19.49 32.02
C VAL B 655 49.20 19.37 33.29
N THR B 656 49.44 18.14 33.75
CA THR B 656 50.15 17.95 35.00
C THR B 656 51.55 18.55 34.90
N VAL B 657 52.20 18.39 33.76
CA VAL B 657 53.51 18.99 33.58
C VAL B 657 53.42 20.50 33.70
N THR B 658 52.32 21.09 33.21
CA THR B 658 52.18 22.54 33.27
C THR B 658 52.00 23.02 34.69
N ILE B 659 51.12 22.37 35.46
CA ILE B 659 50.87 22.86 36.82
C ILE B 659 51.88 22.34 37.81
N GLY B 660 52.79 21.47 37.39
CA GLY B 660 53.85 21.03 38.28
C GLY B 660 55.14 21.76 37.98
N LEU B 661 55.34 22.15 36.73
CA LEU B 661 56.57 22.83 36.36
C LEU B 661 56.55 24.29 36.76
N LEU B 662 55.39 24.94 36.70
CA LEU B 662 55.27 26.33 37.11
C LEU B 662 55.16 26.51 38.61
N LEU B 663 54.93 25.43 39.36
CA LEU B 663 54.66 25.53 40.78
C LEU B 663 55.77 24.99 41.65
N ILE B 664 56.26 23.79 41.36
CA ILE B 664 57.22 23.16 42.27
C ILE B 664 58.38 24.08 42.62
N PRO B 665 59.02 24.76 41.67
CA PRO B 665 60.24 25.50 42.01
C PRO B 665 60.02 26.58 43.05
N LYS B 666 58.78 27.01 43.22
CA LYS B 666 58.46 28.07 44.17
C LYS B 666 58.68 27.65 45.61
N PHE B 667 58.78 26.36 45.88
CA PHE B 667 59.05 25.89 47.23
C PHE B 667 60.43 25.25 47.39
N SER B 668 61.33 25.45 46.42
CA SER B 668 62.68 24.94 46.52
C SER B 668 63.61 25.87 45.73
N HIS B 669 64.89 25.54 45.72
CA HIS B 669 65.90 26.38 45.08
C HIS B 669 65.82 27.80 45.63
N SER B 670 66.05 27.92 46.93
CA SER B 670 65.98 29.21 47.61
C SER B 670 67.34 29.89 47.62
N GLU C 22 -50.78 -6.81 -3.95
CA GLU C 22 -50.68 -5.36 -3.73
C GLU C 22 -51.08 -4.60 -4.98
N VAL C 23 -51.91 -5.23 -5.82
CA VAL C 23 -52.34 -4.66 -7.08
C VAL C 23 -53.77 -4.17 -6.92
N GLN C 24 -54.03 -2.96 -7.41
CA GLN C 24 -55.38 -2.40 -7.43
C GLN C 24 -56.16 -3.09 -8.54
N LEU C 25 -56.91 -4.12 -8.17
CA LEU C 25 -57.68 -4.87 -9.17
C LEU C 25 -58.95 -4.12 -9.50
N GLN C 26 -59.21 -3.93 -10.79
CA GLN C 26 -60.32 -3.12 -11.28
C GLN C 26 -61.42 -4.04 -11.78
N GLU C 27 -62.52 -4.11 -11.02
CA GLU C 27 -63.66 -4.94 -11.36
C GLU C 27 -64.72 -4.11 -12.06
N SER C 28 -65.19 -4.58 -13.21
CA SER C 28 -66.24 -3.91 -13.98
C SER C 28 -67.27 -4.98 -14.38
N GLY C 29 -68.34 -5.07 -13.59
CA GLY C 29 -69.33 -6.10 -13.78
C GLY C 29 -70.75 -5.65 -13.53
N GLY C 30 -70.98 -4.34 -13.52
CA GLY C 30 -72.33 -3.85 -13.35
C GLY C 30 -73.21 -4.15 -14.54
N GLY C 31 -74.50 -4.27 -14.27
CA GLY C 31 -75.48 -4.54 -15.31
C GLY C 31 -76.55 -5.51 -14.89
N LEU C 32 -77.80 -5.26 -15.28
CA LEU C 32 -78.92 -6.10 -14.90
C LEU C 32 -79.10 -7.20 -15.94
N VAL C 33 -78.88 -8.45 -15.53
CA VAL C 33 -78.95 -9.61 -16.41
C VAL C 33 -79.89 -10.64 -15.80
N GLN C 34 -80.52 -11.41 -16.66
CA GLN C 34 -81.43 -12.47 -16.27
C GLN C 34 -80.70 -13.81 -16.25
N ALA C 35 -81.45 -14.87 -15.99
CA ALA C 35 -80.89 -16.21 -16.12
C ALA C 35 -80.61 -16.51 -17.58
N GLY C 36 -79.49 -17.18 -17.84
CA GLY C 36 -79.09 -17.51 -19.18
C GLY C 36 -78.33 -16.43 -19.91
N GLY C 37 -78.16 -15.27 -19.31
CA GLY C 37 -77.38 -14.21 -19.91
C GLY C 37 -75.90 -14.38 -19.64
N SER C 38 -75.13 -13.38 -20.03
CA SER C 38 -73.68 -13.47 -19.92
C SER C 38 -73.12 -12.08 -19.65
N LEU C 39 -71.91 -12.05 -19.08
CA LEU C 39 -71.23 -10.81 -18.75
C LEU C 39 -69.77 -11.09 -18.49
N ARG C 40 -68.92 -10.17 -18.93
CA ARG C 40 -67.47 -10.27 -18.77
C ARG C 40 -67.03 -9.32 -17.67
N LEU C 41 -66.78 -9.85 -16.48
CA LEU C 41 -66.34 -9.05 -15.33
C LEU C 41 -64.85 -9.28 -15.15
N SER C 42 -64.05 -8.38 -15.71
CA SER C 42 -62.59 -8.54 -15.76
C SER C 42 -61.98 -7.77 -14.59
N CYS C 43 -61.30 -8.49 -13.71
CA CYS C 43 -60.52 -7.86 -12.64
C CYS C 43 -59.11 -7.61 -13.17
N ALA C 44 -58.95 -6.49 -13.86
CA ALA C 44 -57.67 -6.17 -14.47
C ALA C 44 -56.64 -5.84 -13.40
N ALA C 45 -55.42 -6.35 -13.59
CA ALA C 45 -54.31 -6.08 -12.68
C ALA C 45 -53.45 -4.97 -13.29
N SER C 46 -53.91 -3.74 -13.10
CA SER C 46 -53.21 -2.59 -13.67
C SER C 46 -51.81 -2.46 -13.09
N GLY C 47 -51.65 -2.68 -11.79
CA GLY C 47 -50.36 -2.56 -11.15
C GLY C 47 -49.44 -3.74 -11.34
N SER C 48 -49.82 -4.69 -12.20
CA SER C 48 -49.03 -5.88 -12.44
C SER C 48 -49.23 -6.30 -13.89
N ILE C 49 -48.88 -7.54 -14.20
CA ILE C 49 -48.92 -8.08 -15.55
C ILE C 49 -49.90 -9.24 -15.53
N GLY C 50 -49.97 -10.01 -16.61
CA GLY C 50 -51.11 -10.87 -16.82
C GLY C 50 -51.07 -12.14 -15.99
N ASN C 51 -51.06 -13.31 -16.64
CA ASN C 51 -51.37 -14.56 -15.95
C ASN C 51 -50.23 -14.92 -14.99
N ILE C 52 -50.32 -14.35 -13.79
CA ILE C 52 -49.37 -14.64 -12.71
C ILE C 52 -50.05 -14.92 -11.39
N TYR C 53 -51.32 -14.56 -11.21
CA TYR C 53 -52.04 -14.68 -9.94
C TYR C 53 -53.22 -15.63 -10.12
N ILE C 54 -53.98 -15.80 -9.05
CA ILE C 54 -55.17 -16.65 -9.05
C ILE C 54 -56.35 -15.84 -8.55
N MET C 55 -57.54 -16.34 -8.85
CA MET C 55 -58.80 -15.70 -8.48
C MET C 55 -59.66 -16.70 -7.72
N GLY C 56 -60.95 -16.42 -7.57
CA GLY C 56 -61.82 -17.21 -6.72
C GLY C 56 -62.96 -16.41 -6.13
N TRP C 57 -62.90 -15.08 -6.29
CA TRP C 57 -64.10 -14.25 -6.34
C TRP C 57 -64.98 -14.42 -5.09
N TYR C 58 -64.45 -13.96 -3.96
CA TYR C 58 -65.26 -13.95 -2.75
C TYR C 58 -66.53 -13.14 -3.02
N ARG C 59 -67.65 -13.66 -2.52
CA ARG C 59 -68.95 -13.04 -2.73
C ARG C 59 -69.68 -12.91 -1.39
N GLN C 60 -70.54 -11.89 -1.32
CA GLN C 60 -71.25 -11.61 -0.08
C GLN C 60 -72.13 -12.79 0.34
N THR C 61 -72.83 -13.39 -0.61
CA THR C 61 -73.72 -14.49 -0.29
C THR C 61 -72.92 -15.76 -0.04
N PRO C 62 -72.99 -16.36 1.15
CA PRO C 62 -72.22 -17.58 1.43
C PRO C 62 -72.98 -18.89 1.22
N GLY C 63 -74.17 -18.85 0.64
CA GLY C 63 -75.01 -20.02 0.56
C GLY C 63 -75.46 -20.43 -0.84
N PRO C 64 -74.56 -20.40 -1.83
CA PRO C 64 -74.99 -20.80 -3.18
C PRO C 64 -75.27 -22.29 -3.26
N GLN C 65 -76.54 -22.66 -3.32
CA GLN C 65 -76.90 -24.08 -3.39
C GLN C 65 -76.66 -24.67 -4.77
N ARG C 66 -76.47 -23.84 -5.79
CA ARG C 66 -76.28 -24.28 -7.17
C ARG C 66 -74.83 -24.16 -7.61
N GLU C 67 -73.91 -24.48 -6.70
CA GLU C 67 -72.47 -24.48 -6.96
C GLU C 67 -71.89 -23.08 -6.89
N LEU C 68 -70.56 -22.98 -6.87
CA LEU C 68 -69.84 -21.77 -6.51
C LEU C 68 -69.17 -21.16 -7.72
N VAL C 69 -68.54 -20.00 -7.50
CA VAL C 69 -67.89 -19.24 -8.57
C VAL C 69 -66.69 -20.02 -9.08
N ALA C 70 -66.17 -19.62 -10.22
CA ALA C 70 -65.09 -20.34 -10.90
C ALA C 70 -63.73 -19.73 -10.56
N THR C 71 -62.68 -20.46 -10.93
CA THR C 71 -61.32 -19.97 -10.88
C THR C 71 -60.51 -20.69 -11.94
N ILE C 72 -59.35 -20.12 -12.27
CA ILE C 72 -58.54 -20.58 -13.39
C ILE C 72 -57.07 -20.29 -13.09
N ARG C 73 -56.20 -20.81 -13.97
CA ARG C 73 -54.77 -20.51 -13.93
C ARG C 73 -54.14 -21.11 -12.67
N THR C 74 -52.87 -21.47 -12.77
CA THR C 74 -52.10 -22.05 -11.66
C THR C 74 -50.84 -21.22 -11.43
N VAL C 75 -51.04 -19.89 -11.33
CA VAL C 75 -49.99 -18.93 -11.03
C VAL C 75 -49.09 -18.74 -12.24
N ARG C 76 -48.11 -19.64 -12.40
CA ARG C 76 -47.13 -19.52 -13.48
C ARG C 76 -46.88 -20.82 -14.24
N TRP C 77 -47.19 -21.98 -13.67
CA TRP C 77 -46.80 -23.27 -14.24
C TRP C 77 -47.89 -23.78 -15.17
N THR C 78 -47.78 -23.42 -16.45
CA THR C 78 -48.53 -24.09 -17.52
C THR C 78 -50.04 -24.01 -17.24
N LYS C 79 -50.55 -22.79 -17.35
CA LYS C 79 -51.90 -22.43 -16.92
C LYS C 79 -52.88 -23.59 -17.12
N TYR C 80 -53.62 -23.91 -16.06
CA TYR C 80 -54.46 -25.08 -16.01
C TYR C 80 -55.87 -24.69 -15.59
N GLU C 81 -56.85 -25.47 -16.02
CA GLU C 81 -58.26 -25.19 -15.76
C GLU C 81 -58.57 -25.63 -14.34
N ASP C 82 -58.75 -24.66 -13.44
CA ASP C 82 -58.94 -24.92 -12.02
C ASP C 82 -60.40 -25.11 -11.64
N TYR C 83 -61.23 -25.57 -12.58
CA TYR C 83 -62.60 -25.90 -12.22
C TYR C 83 -62.60 -27.10 -11.29
N ALA C 84 -63.53 -27.10 -10.33
CA ALA C 84 -63.60 -28.16 -9.32
C ALA C 84 -64.58 -29.24 -9.71
N ASP C 85 -64.72 -29.52 -11.00
CA ASP C 85 -65.59 -30.55 -11.56
C ASP C 85 -67.07 -30.21 -11.43
N SER C 86 -67.42 -29.08 -10.81
CA SER C 86 -68.80 -28.66 -10.68
C SER C 86 -69.10 -27.36 -11.39
N VAL C 87 -68.09 -26.63 -11.84
CA VAL C 87 -68.27 -25.34 -12.52
C VAL C 87 -68.01 -25.45 -14.01
N LYS C 88 -67.75 -26.64 -14.53
CA LYS C 88 -67.50 -26.78 -15.97
C LYS C 88 -68.72 -26.34 -16.78
N GLY C 89 -69.92 -26.74 -16.36
CA GLY C 89 -71.14 -26.29 -17.00
C GLY C 89 -71.67 -25.02 -16.37
N ARG C 90 -70.78 -24.07 -16.14
CA ARG C 90 -71.10 -22.83 -15.44
C ARG C 90 -70.19 -21.73 -15.99
N PHE C 91 -70.08 -20.64 -15.24
CA PHE C 91 -69.26 -19.49 -15.64
C PHE C 91 -67.92 -19.97 -16.19
N THR C 92 -67.53 -19.46 -17.35
CA THR C 92 -66.34 -19.90 -18.05
C THR C 92 -65.35 -18.76 -18.15
N ILE C 93 -64.09 -19.03 -17.86
CA ILE C 93 -63.04 -18.01 -17.81
C ILE C 93 -61.85 -18.46 -18.63
N SER C 94 -61.18 -17.48 -19.25
CA SER C 94 -59.99 -17.74 -20.05
C SER C 94 -59.17 -16.46 -20.13
N ASP C 95 -57.96 -16.59 -20.67
CA ASP C 95 -57.08 -15.46 -20.91
C ASP C 95 -56.49 -15.61 -22.30
N ASP C 96 -55.63 -14.68 -22.68
CA ASP C 96 -54.98 -14.69 -24.00
C ASP C 96 -53.48 -14.46 -23.86
N ASP C 97 -52.86 -15.23 -22.95
CA ASP C 97 -51.42 -15.20 -22.75
C ASP C 97 -50.96 -13.85 -22.21
N ALA C 98 -50.68 -12.90 -23.09
CA ALA C 98 -50.22 -11.57 -22.69
C ALA C 98 -51.41 -10.63 -22.54
N LYS C 99 -52.42 -11.11 -21.81
CA LYS C 99 -53.68 -10.40 -21.63
C LYS C 99 -53.99 -10.34 -20.14
N ASN C 100 -53.92 -9.14 -19.57
CA ASN C 100 -54.22 -8.97 -18.15
C ASN C 100 -55.71 -9.09 -17.87
N THR C 101 -56.57 -8.64 -18.78
CA THR C 101 -58.01 -8.71 -18.57
C THR C 101 -58.39 -10.15 -18.31
N VAL C 102 -58.92 -10.41 -17.12
CA VAL C 102 -59.32 -11.76 -16.71
C VAL C 102 -60.84 -11.73 -16.53
N TYR C 103 -61.56 -12.06 -17.60
CA TYR C 103 -63.02 -12.04 -17.61
C TYR C 103 -63.56 -13.42 -17.27
N LEU C 104 -64.73 -13.44 -16.64
CA LEU C 104 -65.44 -14.67 -16.32
C LEU C 104 -66.85 -14.55 -16.90
N GLN C 105 -67.07 -15.15 -18.07
CA GLN C 105 -68.40 -15.10 -18.67
C GLN C 105 -69.39 -15.87 -17.81
N MET C 106 -70.58 -15.28 -17.64
CA MET C 106 -71.60 -15.81 -16.74
C MET C 106 -72.46 -16.86 -17.47
N ASN C 107 -71.83 -17.97 -17.82
CA ASN C 107 -72.56 -19.06 -18.45
C ASN C 107 -73.59 -19.63 -17.48
N SER C 108 -74.76 -19.96 -18.00
CA SER C 108 -75.85 -20.54 -17.21
C SER C 108 -76.05 -19.79 -15.91
N LEU C 109 -76.40 -18.51 -16.05
CA LEU C 109 -76.61 -17.66 -14.88
C LEU C 109 -77.79 -18.15 -14.05
N LYS C 110 -77.71 -17.88 -12.75
CA LYS C 110 -78.70 -18.37 -11.79
C LYS C 110 -79.15 -17.24 -10.88
N PRO C 111 -80.33 -17.37 -10.27
CA PRO C 111 -80.82 -16.31 -9.38
C PRO C 111 -79.87 -16.00 -8.22
N GLU C 112 -79.08 -16.97 -7.77
CA GLU C 112 -78.17 -16.73 -6.65
C GLU C 112 -77.00 -15.82 -7.02
N ASP C 113 -76.84 -15.47 -8.30
CA ASP C 113 -75.68 -14.71 -8.72
C ASP C 113 -75.57 -13.37 -8.01
N THR C 114 -76.67 -12.87 -7.45
CA THR C 114 -76.67 -11.57 -6.80
C THR C 114 -75.71 -11.52 -5.62
N ALA C 115 -74.65 -10.73 -5.74
CA ALA C 115 -73.66 -10.56 -4.67
C ALA C 115 -72.64 -9.53 -5.13
N VAL C 116 -71.66 -9.27 -4.26
CA VAL C 116 -70.56 -8.37 -4.55
C VAL C 116 -69.30 -9.22 -4.70
N TYR C 117 -68.76 -9.25 -5.90
CA TYR C 117 -67.66 -10.16 -6.23
C TYR C 117 -66.32 -9.49 -5.89
N TYR C 118 -65.33 -10.32 -5.59
CA TYR C 118 -64.04 -9.84 -5.08
C TYR C 118 -62.91 -10.67 -5.67
N CYS C 119 -62.29 -10.17 -6.73
CA CYS C 119 -61.07 -10.77 -7.24
C CYS C 119 -59.96 -10.62 -6.21
N ASN C 120 -59.06 -11.60 -6.14
CA ASN C 120 -58.07 -11.66 -5.07
C ASN C 120 -56.73 -12.15 -5.60
N TYR C 121 -55.75 -12.17 -4.70
CA TYR C 121 -54.37 -12.55 -4.98
C TYR C 121 -54.07 -13.87 -4.27
N LYS C 122 -53.21 -14.69 -4.87
CA LYS C 122 -52.89 -15.97 -4.26
C LYS C 122 -51.44 -16.37 -4.47
N ASP C 123 -50.63 -15.49 -5.08
CA ASP C 123 -49.31 -15.90 -5.56
C ASP C 123 -48.39 -16.23 -4.39
N TYR C 124 -48.10 -15.23 -3.55
CA TYR C 124 -47.31 -15.43 -2.34
C TYR C 124 -47.49 -14.25 -1.42
N ASN C 125 -47.01 -14.40 -0.18
CA ASN C 125 -47.32 -13.43 0.87
C ASN C 125 -48.83 -13.32 1.00
N ALA C 126 -49.53 -14.40 0.68
CA ALA C 126 -51.00 -14.45 0.71
C ALA C 126 -51.44 -15.73 1.39
N PRO C 127 -51.19 -15.85 2.70
CA PRO C 127 -51.55 -17.10 3.41
C PRO C 127 -53.04 -17.36 3.41
N SER C 128 -53.81 -16.39 3.90
CA SER C 128 -55.27 -16.52 3.93
C SER C 128 -55.87 -15.95 2.65
N ASP C 129 -55.46 -16.55 1.54
CA ASP C 129 -55.86 -16.06 0.21
C ASP C 129 -55.30 -14.64 0.07
N GLY C 130 -55.96 -13.81 -0.73
CA GLY C 130 -55.50 -12.45 -0.96
C GLY C 130 -56.48 -11.41 -0.48
N TYR C 131 -56.67 -10.35 -1.28
CA TYR C 131 -57.58 -9.27 -0.95
C TYR C 131 -58.08 -8.62 -2.23
N TRP C 132 -59.16 -7.85 -2.11
CA TRP C 132 -59.77 -7.14 -3.21
C TRP C 132 -59.56 -5.64 -3.04
N GLY C 133 -59.78 -4.91 -4.14
CA GLY C 133 -59.60 -3.47 -4.16
C GLY C 133 -60.79 -2.72 -4.72
N GLN C 134 -61.84 -3.46 -5.10
CA GLN C 134 -63.06 -2.84 -5.60
C GLN C 134 -64.19 -3.85 -5.47
N GLY C 135 -65.41 -3.32 -5.42
CA GLY C 135 -66.59 -4.16 -5.33
C GLY C 135 -67.61 -3.80 -6.39
N THR C 136 -68.15 -4.84 -7.03
CA THR C 136 -69.15 -4.69 -8.09
C THR C 136 -70.47 -5.25 -7.57
N GLN C 137 -71.52 -4.45 -7.63
CA GLN C 137 -72.84 -4.83 -7.13
C GLN C 137 -73.67 -5.30 -8.30
N VAL C 138 -73.89 -6.62 -8.39
CA VAL C 138 -74.62 -7.22 -9.49
C VAL C 138 -75.96 -7.74 -8.97
N THR C 139 -76.93 -7.82 -9.86
CA THR C 139 -78.27 -8.28 -9.53
C THR C 139 -78.77 -9.18 -10.65
N VAL C 140 -79.11 -10.42 -10.32
CA VAL C 140 -79.61 -11.39 -11.29
C VAL C 140 -80.86 -12.04 -10.73
N SER C 141 -81.90 -12.12 -11.55
CA SER C 141 -83.16 -12.74 -11.17
C SER C 141 -83.48 -13.88 -12.13
N SER C 142 -84.63 -14.51 -11.95
CA SER C 142 -85.04 -15.62 -12.81
C SER C 142 -85.75 -15.10 -14.06
CA GLU D 22 -4.31 -46.11 -22.99
C GLU D 22 -4.33 -46.86 -21.66
N VAL D 23 -4.64 -48.15 -21.72
CA VAL D 23 -4.66 -49.01 -20.54
C VAL D 23 -3.96 -50.31 -20.88
N GLN D 24 -3.47 -51.00 -19.84
CA GLN D 24 -2.72 -52.24 -20.02
C GLN D 24 -3.68 -53.41 -19.85
N LEU D 25 -4.32 -53.77 -20.96
CA LEU D 25 -5.25 -54.90 -20.94
C LEU D 25 -4.51 -56.19 -20.61
N GLN D 26 -5.26 -57.16 -20.08
CA GLN D 26 -4.73 -58.45 -19.69
C GLN D 26 -5.64 -59.54 -20.22
N GLU D 27 -5.11 -60.40 -21.10
CA GLU D 27 -5.88 -61.47 -21.71
C GLU D 27 -5.47 -62.81 -21.09
N SER D 28 -6.45 -63.56 -20.60
CA SER D 28 -6.23 -64.87 -19.99
C SER D 28 -7.34 -65.80 -20.48
N GLY D 29 -7.08 -66.51 -21.57
CA GLY D 29 -8.09 -67.36 -22.16
C GLY D 29 -7.53 -68.64 -22.74
N GLY D 30 -6.34 -69.03 -22.31
CA GLY D 30 -5.76 -70.27 -22.78
C GLY D 30 -6.48 -71.48 -22.23
N GLY D 31 -6.41 -72.58 -22.98
CA GLY D 31 -7.02 -73.83 -22.57
C GLY D 31 -7.84 -74.48 -23.65
N LEU D 32 -7.52 -75.73 -23.97
CA LEU D 32 -8.26 -76.46 -24.98
C LEU D 32 -9.69 -76.70 -24.54
N VAL D 33 -10.62 -76.59 -25.47
CA VAL D 33 -12.04 -76.77 -25.18
C VAL D 33 -12.75 -77.19 -26.45
N GLN D 34 -13.70 -78.12 -26.32
CA GLN D 34 -14.47 -78.61 -27.43
C GLN D 34 -15.78 -77.84 -27.52
N ALA D 35 -16.58 -78.14 -28.54
CA ALA D 35 -17.86 -77.47 -28.71
C ALA D 35 -18.76 -77.75 -27.51
N GLY D 36 -19.47 -76.72 -27.06
CA GLY D 36 -20.33 -76.83 -25.91
C GLY D 36 -19.64 -76.58 -24.58
N GLY D 37 -18.33 -76.44 -24.56
CA GLY D 37 -17.61 -76.11 -23.35
C GLY D 37 -17.67 -74.62 -23.07
N SER D 38 -17.04 -74.23 -21.96
CA SER D 38 -17.09 -72.84 -21.54
C SER D 38 -15.74 -72.45 -20.95
N LEU D 39 -15.43 -71.15 -21.08
CA LEU D 39 -14.20 -70.59 -20.54
C LEU D 39 -14.38 -69.09 -20.40
N ARG D 40 -13.54 -68.47 -19.57
CA ARG D 40 -13.59 -67.04 -19.31
C ARG D 40 -12.31 -66.38 -19.80
N LEU D 41 -12.45 -65.33 -20.60
CA LEU D 41 -11.34 -64.43 -20.95
C LEU D 41 -11.49 -63.18 -20.09
N SER D 42 -10.51 -62.93 -19.23
CA SER D 42 -10.61 -61.88 -18.22
C SER D 42 -9.79 -60.67 -18.67
N CYS D 43 -10.45 -59.75 -19.38
CA CYS D 43 -9.83 -58.49 -19.79
C CYS D 43 -9.91 -57.52 -18.63
N ALA D 44 -8.75 -57.17 -18.06
CA ALA D 44 -8.68 -56.31 -16.90
C ALA D 44 -8.05 -54.97 -17.26
N ALA D 45 -8.74 -53.89 -16.91
CA ALA D 45 -8.23 -52.54 -17.13
C ALA D 45 -7.54 -52.05 -15.87
N SER D 46 -6.36 -52.62 -15.62
CA SER D 46 -5.64 -52.34 -14.39
C SER D 46 -5.30 -50.86 -14.25
N GLY D 47 -4.84 -50.25 -15.33
CA GLY D 47 -4.39 -48.87 -15.27
C GLY D 47 -5.50 -47.87 -15.43
N SER D 48 -6.74 -48.31 -15.21
CA SER D 48 -7.90 -47.45 -15.42
C SER D 48 -8.98 -47.88 -14.42
N ILE D 49 -10.22 -47.50 -14.71
CA ILE D 49 -11.37 -47.69 -13.82
C ILE D 49 -12.25 -48.74 -14.48
N GLY D 50 -13.40 -49.04 -13.90
CA GLY D 50 -14.14 -50.22 -14.28
C GLY D 50 -15.06 -49.95 -15.46
N ASN D 51 -16.37 -49.77 -15.22
CA ASN D 51 -17.30 -49.55 -16.32
C ASN D 51 -17.11 -48.17 -16.93
N ILE D 52 -16.03 -47.98 -17.68
CA ILE D 52 -15.72 -46.70 -18.31
C ILE D 52 -15.33 -46.83 -19.77
N TYR D 53 -15.00 -48.02 -20.26
CA TYR D 53 -14.51 -48.23 -21.62
C TYR D 53 -15.40 -49.23 -22.34
N ILE D 54 -15.13 -49.40 -23.63
CA ILE D 54 -15.89 -50.29 -24.49
C ILE D 54 -15.06 -51.54 -24.75
N MET D 55 -15.73 -52.59 -25.22
CA MET D 55 -15.10 -53.83 -25.65
C MET D 55 -15.62 -54.16 -27.06
N GLY D 56 -15.35 -55.38 -27.52
CA GLY D 56 -15.73 -55.78 -28.86
C GLY D 56 -14.79 -56.79 -29.50
N TRP D 57 -13.60 -56.95 -28.94
CA TRP D 57 -12.77 -58.13 -29.18
C TRP D 57 -12.48 -58.34 -30.66
N TYR D 58 -11.68 -57.42 -31.21
CA TYR D 58 -11.24 -57.55 -32.59
C TYR D 58 -10.57 -58.90 -32.81
N ARG D 59 -10.91 -59.54 -33.92
CA ARG D 59 -10.48 -60.90 -34.22
C ARG D 59 -9.94 -60.97 -35.65
N GLN D 60 -9.02 -61.90 -35.87
CA GLN D 60 -8.40 -62.04 -37.18
C GLN D 60 -9.31 -62.74 -38.18
N THR D 61 -10.12 -63.69 -37.72
CA THR D 61 -10.95 -64.50 -38.61
C THR D 61 -11.97 -63.64 -39.32
N PRO D 62 -11.87 -63.45 -40.64
CA PRO D 62 -12.80 -62.56 -41.34
C PRO D 62 -14.00 -63.23 -42.00
N GLY D 63 -14.15 -64.56 -41.86
CA GLY D 63 -15.21 -65.27 -42.53
C GLY D 63 -16.09 -66.11 -41.63
N PRO D 64 -16.47 -65.61 -40.44
CA PRO D 64 -17.24 -66.46 -39.52
C PRO D 64 -18.68 -66.61 -40.00
N GLN D 65 -19.06 -67.83 -40.33
CA GLN D 65 -20.42 -68.13 -40.76
C GLN D 65 -21.39 -68.25 -39.59
N ARG D 66 -20.90 -68.28 -38.35
CA ARG D 66 -21.75 -68.40 -37.18
C ARG D 66 -21.61 -67.14 -36.33
N GLU D 67 -21.60 -65.98 -36.99
CA GLU D 67 -21.51 -64.68 -36.35
C GLU D 67 -20.30 -64.59 -35.44
N LEU D 68 -20.17 -63.48 -34.72
CA LEU D 68 -18.95 -63.18 -33.97
C LEU D 68 -19.36 -62.56 -32.64
N VAL D 69 -18.37 -61.99 -31.95
CA VAL D 69 -18.57 -61.39 -30.63
C VAL D 69 -19.38 -60.11 -30.77
N ALA D 70 -19.89 -59.60 -29.65
CA ALA D 70 -20.71 -58.39 -29.67
C ALA D 70 -20.24 -57.38 -28.62
N THR D 71 -20.97 -56.27 -28.50
CA THR D 71 -20.60 -55.18 -27.60
C THR D 71 -21.66 -55.01 -26.52
N ILE D 72 -21.25 -54.37 -25.43
CA ILE D 72 -22.08 -54.23 -24.24
C ILE D 72 -21.86 -52.83 -23.68
N ARG D 73 -22.91 -52.29 -23.03
CA ARG D 73 -22.91 -50.92 -22.54
C ARG D 73 -22.92 -49.93 -23.69
N THR D 74 -23.47 -48.73 -23.46
CA THR D 74 -23.53 -47.71 -24.50
C THR D 74 -22.50 -46.61 -24.28
N VAL D 75 -22.56 -45.89 -23.16
CA VAL D 75 -21.52 -44.93 -22.82
C VAL D 75 -21.02 -45.19 -21.40
N ARG D 76 -21.88 -44.95 -20.43
CA ARG D 76 -21.55 -45.19 -19.02
C ARG D 76 -22.77 -45.66 -18.22
N TRP D 77 -23.90 -45.89 -18.86
CA TRP D 77 -25.20 -45.89 -18.20
C TRP D 77 -25.76 -47.29 -18.10
N THR D 78 -25.84 -47.82 -16.88
CA THR D 78 -26.64 -49.00 -16.58
C THR D 78 -26.42 -50.09 -17.63
N LYS D 79 -25.20 -50.64 -17.61
CA LYS D 79 -24.69 -51.49 -18.68
C LYS D 79 -25.80 -52.29 -19.34
N TYR D 80 -25.89 -52.20 -20.66
CA TYR D 80 -27.01 -52.71 -21.43
C TYR D 80 -26.55 -53.77 -22.39
N GLU D 81 -27.50 -54.52 -22.94
CA GLU D 81 -27.22 -55.61 -23.88
C GLU D 81 -27.27 -55.05 -25.29
N ASP D 82 -26.09 -54.87 -25.91
CA ASP D 82 -25.99 -54.33 -27.26
C ASP D 82 -25.60 -55.41 -28.27
N TYR D 83 -26.07 -56.63 -28.05
CA TYR D 83 -25.88 -57.67 -29.04
C TYR D 83 -26.72 -57.40 -30.27
N ALA D 84 -26.31 -57.98 -31.40
CA ALA D 84 -26.98 -57.75 -32.68
C ALA D 84 -28.06 -58.79 -32.97
N ASP D 85 -28.66 -59.37 -31.92
CA ASP D 85 -29.66 -60.43 -32.00
C ASP D 85 -29.08 -61.73 -32.51
N SER D 86 -27.78 -61.80 -32.80
CA SER D 86 -27.12 -63.02 -33.20
C SER D 86 -26.18 -63.57 -32.14
N VAL D 87 -25.87 -62.79 -31.10
CA VAL D 87 -24.98 -63.22 -30.02
C VAL D 87 -25.71 -63.33 -28.69
N LYS D 88 -27.03 -63.13 -28.67
CA LYS D 88 -27.77 -63.25 -27.41
C LYS D 88 -27.73 -64.67 -26.87
N GLY D 89 -27.85 -65.67 -27.73
CA GLY D 89 -27.79 -67.07 -27.32
C GLY D 89 -26.41 -67.65 -27.56
N ARG D 90 -25.39 -66.87 -27.26
CA ARG D 90 -24.02 -67.15 -27.66
C ARG D 90 -23.09 -66.66 -26.54
N PHE D 91 -21.82 -66.46 -26.86
CA PHE D 91 -20.82 -66.02 -25.87
C PHE D 91 -21.41 -64.97 -24.93
N THR D 92 -21.26 -65.23 -23.63
CA THR D 92 -21.82 -64.36 -22.59
C THR D 92 -20.71 -63.44 -22.10
N ILE D 93 -20.75 -62.19 -22.59
CA ILE D 93 -19.77 -61.18 -22.21
C ILE D 93 -20.41 -60.22 -21.22
N SER D 94 -21.64 -60.53 -20.79
CA SER D 94 -22.34 -59.65 -19.87
C SER D 94 -21.51 -59.40 -18.61
N ASP D 95 -20.76 -60.41 -18.18
CA ASP D 95 -19.92 -60.32 -17.00
C ASP D 95 -20.77 -60.18 -15.73
N ASP D 96 -20.22 -60.60 -14.59
CA ASP D 96 -20.93 -60.44 -13.33
C ASP D 96 -21.18 -58.98 -13.01
N ASP D 97 -20.18 -58.13 -13.21
CA ASP D 97 -20.35 -56.69 -13.12
C ASP D 97 -19.16 -56.04 -13.81
N ALA D 98 -19.41 -55.33 -14.89
CA ALA D 98 -18.33 -54.76 -15.69
C ALA D 98 -17.55 -53.70 -14.95
N LYS D 99 -17.88 -53.35 -13.71
CA LYS D 99 -17.10 -52.39 -12.95
C LYS D 99 -15.92 -53.11 -12.30
N ASN D 100 -15.21 -53.89 -13.10
CA ASN D 100 -14.14 -54.78 -12.66
C ASN D 100 -13.50 -55.36 -13.92
N THR D 101 -12.59 -56.32 -13.74
CA THR D 101 -12.18 -57.15 -14.85
C THR D 101 -13.40 -57.79 -15.50
N VAL D 102 -13.43 -57.78 -16.83
CA VAL D 102 -14.59 -58.26 -17.58
C VAL D 102 -14.28 -59.64 -18.14
N TYR D 103 -15.13 -60.60 -17.82
CA TYR D 103 -15.00 -61.97 -18.32
C TYR D 103 -15.91 -62.17 -19.53
N LEU D 104 -15.34 -62.73 -20.58
CA LEU D 104 -16.08 -63.12 -21.78
C LEU D 104 -16.20 -64.64 -21.76
N GLN D 105 -17.41 -65.14 -21.95
CA GLN D 105 -17.69 -66.55 -21.79
C GLN D 105 -17.96 -67.23 -23.12
N MET D 106 -17.63 -68.51 -23.19
CA MET D 106 -17.77 -69.29 -24.42
C MET D 106 -19.03 -70.16 -24.34
N ASN D 107 -20.16 -69.52 -24.61
CA ASN D 107 -21.42 -70.23 -24.73
C ASN D 107 -21.53 -70.85 -26.12
N SER D 108 -21.92 -72.12 -26.16
CA SER D 108 -22.10 -72.84 -27.42
C SER D 108 -20.83 -72.70 -28.27
N LEU D 109 -19.74 -73.24 -27.75
CA LEU D 109 -18.46 -73.18 -28.43
C LEU D 109 -18.51 -73.94 -29.75
N LYS D 110 -17.79 -73.42 -30.73
CA LYS D 110 -17.77 -73.98 -32.06
C LYS D 110 -16.34 -73.95 -32.58
N PRO D 111 -16.02 -74.77 -33.58
CA PRO D 111 -14.62 -74.85 -34.05
C PRO D 111 -14.05 -73.53 -34.54
N GLU D 112 -14.88 -72.59 -35.00
CA GLU D 112 -14.37 -71.35 -35.56
C GLU D 112 -13.67 -70.47 -34.53
N ASP D 113 -13.80 -70.77 -33.25
CA ASP D 113 -13.20 -69.95 -32.22
C ASP D 113 -11.68 -70.08 -32.19
N THR D 114 -11.12 -70.99 -32.97
CA THR D 114 -9.68 -71.27 -32.95
C THR D 114 -8.94 -70.05 -33.49
N ALA D 115 -8.48 -69.18 -32.59
CA ALA D 115 -7.77 -67.97 -33.00
C ALA D 115 -7.25 -67.26 -31.74
N VAL D 116 -6.67 -66.08 -31.93
CA VAL D 116 -6.13 -65.28 -30.84
C VAL D 116 -7.06 -64.11 -30.59
N TYR D 117 -7.30 -63.81 -29.31
CA TYR D 117 -8.23 -62.76 -28.93
C TYR D 117 -7.50 -61.45 -28.65
N TYR D 118 -8.13 -60.34 -29.04
CA TYR D 118 -7.60 -59.00 -28.82
C TYR D 118 -8.67 -58.13 -28.17
N CYS D 119 -8.42 -57.72 -26.93
CA CYS D 119 -9.33 -56.80 -26.25
C CYS D 119 -9.14 -55.39 -26.80
N ASN D 120 -10.21 -54.62 -26.85
CA ASN D 120 -10.19 -53.28 -27.42
C ASN D 120 -10.99 -52.32 -26.53
N TYR D 121 -10.67 -51.05 -26.64
CA TYR D 121 -11.26 -50.00 -25.82
C TYR D 121 -11.71 -48.85 -26.71
N LYS D 122 -12.34 -47.87 -26.07
CA LYS D 122 -12.91 -46.71 -26.76
C LYS D 122 -12.85 -45.54 -25.78
N ASP D 123 -13.81 -44.62 -25.90
CA ASP D 123 -13.88 -43.35 -25.19
C ASP D 123 -12.95 -42.32 -25.82
N TYR D 124 -12.32 -42.64 -26.96
CA TYR D 124 -11.50 -41.68 -27.68
C TYR D 124 -10.41 -41.15 -26.75
N ASN D 125 -9.64 -40.16 -27.20
CA ASN D 125 -8.50 -39.66 -26.43
C ASN D 125 -7.40 -40.71 -26.37
N ALA D 126 -7.28 -41.51 -27.43
CA ALA D 126 -6.24 -42.50 -27.58
C ALA D 126 -5.70 -42.40 -29.00
N PRO D 127 -4.38 -42.42 -29.19
CA PRO D 127 -3.85 -42.39 -30.55
C PRO D 127 -4.34 -43.54 -31.41
N SER D 128 -4.60 -44.70 -30.81
CA SER D 128 -5.10 -45.87 -31.51
C SER D 128 -6.58 -46.10 -31.28
N ASP D 129 -7.05 -45.94 -30.04
CA ASP D 129 -8.47 -46.05 -29.72
C ASP D 129 -9.01 -47.42 -30.13
N GLY D 130 -8.48 -48.45 -29.48
CA GLY D 130 -8.91 -49.82 -29.71
C GLY D 130 -7.78 -50.79 -29.98
N TYR D 131 -6.56 -50.44 -29.62
CA TYR D 131 -5.41 -51.28 -29.86
C TYR D 131 -5.29 -52.35 -28.78
N TRP D 132 -4.61 -53.44 -29.13
CA TRP D 132 -4.35 -54.53 -28.22
C TRP D 132 -2.89 -54.53 -27.78
N GLY D 133 -2.65 -55.09 -26.60
CA GLY D 133 -1.33 -55.08 -25.99
C GLY D 133 -0.78 -56.46 -25.68
N GLN D 134 -1.65 -57.45 -25.57
CA GLN D 134 -1.24 -58.83 -25.31
C GLN D 134 -2.15 -59.73 -26.14
N GLY D 135 -1.94 -61.04 -26.03
CA GLY D 135 -2.71 -61.95 -26.85
C GLY D 135 -2.76 -63.38 -26.34
N THR D 136 -3.96 -63.93 -26.31
CA THR D 136 -4.19 -65.31 -25.89
C THR D 136 -4.73 -66.09 -27.08
N GLN D 137 -4.08 -67.20 -27.40
CA GLN D 137 -4.50 -68.05 -28.51
C GLN D 137 -5.26 -69.25 -27.96
N VAL D 138 -6.49 -69.44 -28.46
CA VAL D 138 -7.38 -70.50 -28.00
C VAL D 138 -7.70 -71.40 -29.18
N THR D 139 -7.71 -72.71 -28.94
CA THR D 139 -8.03 -73.71 -29.94
C THR D 139 -9.31 -74.42 -29.54
N VAL D 140 -10.28 -74.47 -30.45
CA VAL D 140 -11.57 -75.10 -30.20
C VAL D 140 -11.94 -75.97 -31.40
N SER D 141 -12.39 -77.18 -31.12
CA SER D 141 -12.85 -78.13 -32.12
C SER D 141 -14.25 -78.61 -31.76
N SER D 142 -14.87 -79.33 -32.69
CA SER D 142 -16.23 -79.82 -32.49
C SER D 142 -16.26 -80.96 -31.47
#